data_8FU3
#
_entry.id   8FU3
#
_cell.length_a   1.00
_cell.length_b   1.00
_cell.length_c   1.00
_cell.angle_alpha   90.00
_cell.angle_beta   90.00
_cell.angle_gamma   90.00
#
_symmetry.space_group_name_H-M   'P 1'
#
loop_
_entity.id
_entity.type
_entity.pdbx_description
1 polymer 'RNA-directed RNA polymerase L'
2 polymer Phosphoprotein
3 non-polymer 8-methoxy-3-methyl-N-{(2S)-3,3,3-trifluoro-2-[5-fluoro-6-(4-fluorophenyl)-4-(2-hydroxypropan-2-yl)pyridin-2-yl]-2-hydroxypropyl}cinnoline-6-carboxamide
#
loop_
_entity_poly.entity_id
_entity_poly.type
_entity_poly.pdbx_seq_one_letter_code
_entity_poly.pdbx_strand_id
1 'polypeptide(L)'
;MGSWSHPQFEKGSGSGSSWSHPQFEKGSGSLVPRGSMDPIINGNSANVYLTDSYLKGVISFSECNALGSYIFNGPYLKND
YTNLISRQNPLIEHMNLKKLNITQSLISKYHKGEIKLEEPTYFQSLLMTYKSMTSSEQIATTNLLKKIIRRAIEISDVKV
YAILNKLGLKEKDKIKSNNGQDEDNSVITTIIKDDILSAVKDNQSHLKADKNHSTKQKDTIKTTLLKKLMCSMQHPPSWL
IHWFNLYTKLNNILTQYRSNEVKNHGFTLIDNQTLSGFQFILNQYGCIVYHKELKRITVTTYNQFLTWKDISLSRLNVCL
ITWISNCLNTLNKSLGLRCGFNNVILTQLFLYGDCILKLFHNEGFYIIKEVEGFIMSLILNITEEDQFRKRFYNSMLNNI
TDAANKAQKNLLSRVCHTLLDKTVSDNIINGRWIILLSKFLKLIKLAGDNNLNNLSELYFLFRIFGHPMVDERQAMDAVK
INCNETKFYLLSSLSMLRGAFIYRIIKGFVNNYNRWPTLRNAIVLPLRWLTYYKLNTYPSLLELTERDLIVLSGLRFYRE
FRLPKKVDLEMIINDKAISPPKNLIWTSFPRNYMPSHIQNYIEHEKLKFSESDKSRRVLEYYLRDNKFNECDLYNCVVNQ
SYLNNPNHVVSLTGKERELSVGRMFAMQPGMFRQVQILAEKMIAENILQFFPESLTRYGDLELQKILELKAGISNKSNRY
NDNYNNYISKCSIITDLSKFNQAFRYETSCICSDVLDELHGVQSLFSWLHLTIPHVTIICTYRHAPPYIGDHIVDLNNVD
EQSGLYRYHMGGIEGWCQKLWTIEAISLLDLISLKGKFSITALINGDNQSIDISKPIRLMEGQTHAQADYLLALNSLKLL
YKEYAGIGHKLKGTETYISRDMQFMSKTIQHNGVYYPASIKKVLRVGPWINTILDDFKVSLESIGSLTQELEYRGESLLC
SLIFRNVWLYNQIALQLKNHALCNNKLYLDILKVLKHLKTFFNLDNIDTALTLYMNLPMLFGGGDPNLLYRSFYRRTPDF
LTEAIVHSVFILSYYTNHDLKDKLQDLSDDRLNKFLTCIITFDKNPNAEFVTLMRDPQALGSERQAKITSEINRLAVTEV
LSTAPNKIFSKSAQHYTTTEIDLNDIMQNIEPTYPHGLRVVYESLPFYKAEKIVNLISGTKSITNILEKTSAIDLTDIDR
ATEMMRKNITLLIRILPLDCNRDKREILSMENLSITELSKYVRERSWSLSNIVGVTSPSIMYTMDIKYTTSTISSGIIIE
KYNVNSLTRGERGPTKPWVGSSTQEKKTMPVYNRQVLTKKQRDQIDLLAKLDWVYASIDNKDEFMEELSIGTLGLTYEKA
KKLFPQYLSVNYLHRLTVSSRPCEFPASIPAYRTTNYHFDTSPINRILTEKYGDEDIDIVFQNCISFGLSLMSVVEQFTN
VCPNRIILIPKLNEIHLMKPPIFTGDVDIHKLKQVIQKQHMFLPDKISLTQYVELFLSNKTLKSGSHVNSNLILAHKISD
YFHNTYILSTNLAGHWILIIQLMKDSKGIFEKDWGEGYITDHMFINLKVFFNAYKTYLLCFHKGYGKAKLECDMNTSDLL
CVLELIDSSYWKSMSKVFLEQKVIKYILSQDASLHRVKGCHSFKLWFLKRLNVAEFTVCPWVVNIDYHPTHMKAILTYID
LVRMGLINIDRIHIKNKHKFNDEFYTSNLFYINYNFSDNTHLLTKHIRIANSELENNYNKLYHPTPETLENILANPIKSN
DKKTLNDYCIGKNVDSIMLPLLSNKKLIKSSAMIRTNYSKQDLYNLFPMVVIDRIIDHSGNTAKSNQLYTTTSHQISLVH
NSTSLYCMLPWHHINRFNFVFSSTGCKISIEYILKDLKIKDPNCIAFIGEGAGNLLLRTVVELHPDIRYIYRSLKDCNDH
SLPIEFLRLYNGHINIDYGENLTIPATDATNNIHWSYLHIKFAEPISLFVCDAELSVTVNWSKIIIEWSKHVRKCKYCSS
VNKCMLIVKYHAQDDIDFKLDNITILKTYVCLGSKLKGSEVYLVLTIGPANIFPVFNVVQNAKLILSRTKNFIMPKKADK
ESIDANIKSLIPFLCYPITKKGINTALSKLKSVVSGDILSYSIAGRNEVFSNKLINHKHMNILKWFNHVLNFRSTELNYN
HLYMVESTYPYLSELLNSLTTNELKKLIKITGSLLYNFHNE
;
A
2 'polypeptide(L)'
;MEKFAPEFHGEDANNRATKFLESIKGKFTSPKDPKKKDSIISVNSIDIEVTKESPITSNSTIINPTNETDDTAGNKPNYQ
RKPLVSFKEDPTPSDNPFSKLYKETIETFDNNEEESSYSYEEINDQTNDNITARLDRIDEKLSEILGMLHTLVVASAGPT
SARDGIRDAMIGLREEMIEKIRTEALMTNDRLEAMARLRNEESEKMAKDTSDEVSLNPTSEKLNNLLEGNDSDNDLSLED
FKGENKYFQGHHHHHH
;
B,C,D,E
#
# COMPACT_ATOMS: atom_id res chain seq x y z
N ALA A 46 27.85 16.28 20.43
CA ALA A 46 27.26 15.34 21.38
C ALA A 46 26.27 14.44 20.68
N ASN A 47 26.46 14.27 19.39
CA ASN A 47 25.61 13.42 18.58
C ASN A 47 26.36 12.92 17.36
N VAL A 48 25.75 12.00 16.63
CA VAL A 48 26.38 11.47 15.43
C VAL A 48 25.41 11.48 14.27
N TYR A 49 25.94 11.39 13.06
CA TYR A 49 25.09 11.24 11.89
C TYR A 49 25.38 9.92 11.22
N LEU A 50 24.42 9.02 11.27
CA LEU A 50 24.59 7.72 10.64
C LEU A 50 23.87 7.73 9.31
N THR A 51 24.61 7.56 8.24
CA THR A 51 24.03 7.63 6.91
C THR A 51 23.51 6.27 6.46
N ASP A 52 22.70 6.29 5.41
CA ASP A 52 22.14 5.08 4.85
C ASP A 52 23.19 4.17 4.26
N SER A 53 22.95 2.87 4.35
CA SER A 53 23.80 1.87 3.71
C SER A 53 23.13 1.32 2.46
N TYR A 54 21.86 1.66 2.29
CA TYR A 54 21.05 1.23 1.15
C TYR A 54 20.26 2.42 0.65
N LEU A 55 19.95 2.46 -0.64
CA LEU A 55 19.10 3.54 -1.08
C LEU A 55 17.73 3.43 -0.45
N LYS A 56 17.30 4.49 0.22
CA LYS A 56 15.98 4.51 0.83
C LYS A 56 15.13 5.60 0.21
N GLY A 57 15.78 6.64 -0.27
CA GLY A 57 15.11 7.77 -0.88
C GLY A 57 15.22 7.68 -2.39
N VAL A 58 15.43 8.83 -3.03
CA VAL A 58 15.55 8.87 -4.47
C VAL A 58 16.82 9.56 -4.87
N ILE A 59 17.21 9.36 -6.12
CA ILE A 59 18.38 10.05 -6.62
C ILE A 59 17.92 11.33 -7.24
N SER A 60 18.16 12.42 -6.56
CA SER A 60 17.64 13.68 -7.06
C SER A 60 18.43 14.22 -8.21
N PHE A 61 17.74 14.52 -9.29
CA PHE A 61 18.35 15.12 -10.44
C PHE A 61 18.83 16.51 -10.05
N SER A 62 17.96 17.23 -9.35
CA SER A 62 18.27 18.59 -8.94
C SER A 62 19.48 18.64 -8.04
N GLU A 63 19.63 17.66 -7.16
CA GLU A 63 20.78 17.68 -6.28
C GLU A 63 22.05 17.49 -7.08
N CYS A 64 22.05 16.50 -7.98
CA CYS A 64 23.21 16.21 -8.77
C CYS A 64 23.58 17.40 -9.62
N ASN A 65 22.56 18.04 -10.19
CA ASN A 65 22.76 19.19 -11.04
C ASN A 65 23.30 20.35 -10.22
N ALA A 66 22.72 20.59 -9.05
CA ALA A 66 23.17 21.71 -8.23
C ALA A 66 24.63 21.57 -7.86
N LEU A 67 25.02 20.37 -7.45
CA LEU A 67 26.39 20.15 -7.02
C LEU A 67 27.35 20.25 -8.18
N GLY A 68 27.06 19.53 -9.25
CA GLY A 68 27.95 19.54 -10.39
C GLY A 68 28.03 20.91 -11.00
N SER A 69 26.92 21.62 -11.02
CA SER A 69 26.90 22.92 -11.65
C SER A 69 27.78 23.89 -10.91
N TYR A 70 27.74 23.83 -9.59
CA TYR A 70 28.60 24.68 -8.80
C TYR A 70 30.05 24.36 -9.05
N ILE A 71 30.39 23.09 -8.98
CA ILE A 71 31.77 22.68 -9.10
C ILE A 71 32.40 23.11 -10.41
N PHE A 72 31.67 22.94 -11.51
CA PHE A 72 32.24 23.25 -12.81
C PHE A 72 31.81 24.60 -13.35
N ASN A 73 31.22 25.42 -12.50
CA ASN A 73 30.83 26.76 -12.89
C ASN A 73 30.02 26.81 -14.18
N GLY A 74 29.01 25.97 -14.29
CA GLY A 74 28.14 25.99 -15.46
C GLY A 74 27.08 24.91 -15.34
N PRO A 75 26.06 24.92 -16.19
CA PRO A 75 24.96 23.98 -16.16
C PRO A 75 25.51 22.59 -16.31
N TYR A 76 25.03 21.66 -15.51
CA TYR A 76 25.60 20.33 -15.56
C TYR A 76 24.69 19.33 -16.20
N LEU A 77 23.57 19.04 -15.56
CA LEU A 77 22.64 18.09 -16.13
C LEU A 77 21.57 18.80 -16.90
N LYS A 78 21.27 20.01 -16.48
CA LYS A 78 20.21 20.78 -17.11
C LYS A 78 20.47 22.26 -16.94
N ASN A 79 20.03 23.05 -17.90
CA ASN A 79 20.15 24.49 -17.76
C ASN A 79 18.86 25.08 -17.22
N ASP A 80 18.73 25.09 -15.90
CA ASP A 80 17.54 25.56 -15.25
C ASP A 80 17.89 26.46 -14.07
N TYR A 81 16.92 26.73 -13.21
CA TYR A 81 17.18 27.58 -12.08
C TYR A 81 18.11 26.94 -11.07
N THR A 82 18.12 25.62 -11.03
CA THR A 82 18.94 24.92 -10.05
C THR A 82 20.41 25.20 -10.27
N ASN A 83 20.86 25.09 -11.50
CA ASN A 83 22.28 25.34 -11.77
C ASN A 83 22.60 26.81 -11.67
N LEU A 84 21.61 27.64 -11.92
CA LEU A 84 21.85 29.05 -11.79
C LEU A 84 22.06 29.44 -10.32
N ILE A 85 21.16 28.97 -9.45
CA ILE A 85 21.24 29.37 -8.06
C ILE A 85 22.41 28.73 -7.33
N SER A 86 22.74 27.49 -7.65
CA SER A 86 23.81 26.83 -6.93
C SER A 86 25.14 27.51 -7.20
N ARG A 87 25.23 28.22 -8.31
CA ARG A 87 26.45 28.94 -8.62
C ARG A 87 26.41 30.32 -8.00
N GLN A 88 25.25 30.94 -8.02
CA GLN A 88 25.11 32.27 -7.48
C GLN A 88 25.29 32.29 -5.98
N ASN A 89 24.75 31.29 -5.32
CA ASN A 89 24.81 31.23 -3.87
C ASN A 89 24.84 29.80 -3.39
N PRO A 90 26.01 29.16 -3.43
CA PRO A 90 26.22 27.76 -3.20
C PRO A 90 25.97 27.40 -1.77
N LEU A 91 25.67 26.13 -1.55
CA LEU A 91 25.48 25.62 -0.21
C LEU A 91 26.82 25.35 0.43
N ILE A 92 26.86 25.39 1.75
CA ILE A 92 28.11 25.17 2.47
C ILE A 92 28.63 23.79 2.20
N GLU A 93 27.73 22.82 2.18
CA GLU A 93 28.11 21.45 1.95
C GLU A 93 28.79 21.30 0.60
N HIS A 94 28.32 22.06 -0.39
CA HIS A 94 28.89 22.02 -1.71
C HIS A 94 30.20 22.77 -1.74
N MET A 95 30.26 23.88 -1.01
CA MET A 95 31.48 24.65 -0.95
C MET A 95 32.58 23.80 -0.33
N ASN A 96 32.22 23.01 0.66
CA ASN A 96 33.20 22.18 1.33
C ASN A 96 33.85 21.19 0.37
N LEU A 97 33.04 20.57 -0.48
CA LEU A 97 33.60 19.65 -1.47
C LEU A 97 34.44 20.38 -2.50
N LYS A 98 33.95 21.51 -3.00
CA LYS A 98 34.67 22.23 -4.02
C LYS A 98 36.01 22.74 -3.52
N LYS A 99 36.06 23.09 -2.24
CA LYS A 99 37.25 23.67 -1.65
C LYS A 99 38.30 22.66 -1.21
N LEU A 100 38.05 21.38 -1.44
CA LEU A 100 39.05 20.39 -1.09
C LEU A 100 40.25 20.54 -2.02
N ASN A 101 41.43 20.23 -1.52
CA ASN A 101 42.62 20.33 -2.35
C ASN A 101 42.56 19.39 -3.53
N ILE A 102 41.98 18.21 -3.32
CA ILE A 102 41.87 17.25 -4.40
C ILE A 102 40.87 17.71 -5.44
N THR A 103 39.79 18.30 -4.97
CA THR A 103 38.77 18.75 -5.87
C THR A 103 39.32 19.88 -6.72
N GLN A 104 40.07 20.78 -6.09
CA GLN A 104 40.63 21.91 -6.81
C GLN A 104 41.57 21.44 -7.90
N SER A 105 42.32 20.39 -7.63
CA SER A 105 43.21 19.83 -8.64
C SER A 105 42.40 19.34 -9.83
N LEU A 106 41.33 18.61 -9.54
CA LEU A 106 40.48 18.08 -10.59
C LEU A 106 39.79 19.20 -11.37
N ILE A 107 39.37 20.25 -10.68
CA ILE A 107 38.74 21.37 -11.33
C ILE A 107 39.67 22.03 -12.31
N SER A 108 40.93 22.22 -11.89
CA SER A 108 41.90 22.80 -12.78
C SER A 108 42.05 21.95 -14.03
N LYS A 109 42.18 20.64 -13.85
CA LYS A 109 42.31 19.76 -14.98
C LYS A 109 41.13 19.90 -15.93
N TYR A 110 39.94 20.07 -15.34
CA TYR A 110 38.75 20.27 -16.15
C TYR A 110 38.82 21.56 -16.95
N HIS A 111 39.14 22.66 -16.28
CA HIS A 111 39.15 23.95 -16.96
C HIS A 111 40.27 24.03 -17.98
N LYS A 112 41.37 23.32 -17.74
CA LYS A 112 42.47 23.29 -18.68
C LYS A 112 42.15 22.41 -19.88
N GLY A 113 41.03 21.69 -19.82
CA GLY A 113 40.63 20.81 -20.91
C GLY A 113 41.35 19.48 -20.88
N GLU A 114 41.91 19.11 -19.73
CA GLU A 114 42.62 17.85 -19.64
C GLU A 114 41.63 16.71 -19.49
N ILE A 115 40.57 16.95 -18.73
CA ILE A 115 39.59 15.91 -18.48
C ILE A 115 38.20 16.36 -18.90
N LYS A 116 37.35 15.41 -19.22
CA LYS A 116 36.00 15.73 -19.69
C LYS A 116 34.95 15.36 -18.67
N LEU A 117 33.87 16.12 -18.67
CA LEU A 117 32.78 15.94 -17.73
C LEU A 117 31.71 15.03 -18.30
N GLU A 118 31.29 14.05 -17.51
CA GLU A 118 30.28 13.10 -17.90
C GLU A 118 29.12 13.03 -16.92
N GLU A 119 27.99 12.54 -17.39
CA GLU A 119 26.83 12.26 -16.55
C GLU A 119 27.08 10.94 -15.80
N PRO A 120 26.64 10.78 -14.54
CA PRO A 120 26.85 9.62 -13.69
C PRO A 120 26.54 8.29 -14.35
N THR A 121 25.62 8.26 -15.31
CA THR A 121 25.31 6.99 -15.95
C THR A 121 26.53 6.47 -16.71
N TYR A 122 27.35 7.39 -17.18
CA TYR A 122 28.58 7.05 -17.89
C TYR A 122 29.47 6.26 -16.97
N PHE A 123 29.62 6.76 -15.76
CA PHE A 123 30.41 6.10 -14.76
C PHE A 123 29.76 4.83 -14.30
N GLN A 124 28.45 4.80 -14.21
CA GLN A 124 27.83 3.56 -13.82
C GLN A 124 28.37 2.46 -14.70
N SER A 125 28.40 2.71 -15.99
CA SER A 125 28.92 1.70 -16.90
C SER A 125 30.38 1.40 -16.59
N LEU A 126 31.19 2.42 -16.39
CA LEU A 126 32.61 2.20 -16.14
C LEU A 126 32.85 1.40 -14.88
N LEU A 127 32.07 1.67 -13.85
CA LEU A 127 32.23 0.99 -12.57
C LEU A 127 31.87 -0.45 -12.73
N MET A 128 30.77 -0.70 -13.41
CA MET A 128 30.26 -2.03 -13.59
C MET A 128 31.18 -2.86 -14.48
N THR A 129 31.98 -2.17 -15.29
CA THR A 129 32.95 -2.83 -16.16
C THR A 129 34.34 -2.80 -15.56
N TYR A 130 34.44 -2.47 -14.28
CA TYR A 130 35.74 -2.44 -13.62
C TYR A 130 36.39 -3.81 -13.65
N LYS A 131 37.26 -4.01 -14.62
CA LYS A 131 38.01 -5.25 -14.74
C LYS A 131 39.47 -5.03 -14.42
N SER A 132 39.80 -3.81 -14.00
CA SER A 132 41.18 -3.42 -13.74
C SER A 132 41.65 -3.97 -12.40
N MET A 133 41.67 -5.29 -12.29
CA MET A 133 42.05 -5.96 -11.07
C MET A 133 43.46 -6.52 -11.19
N THR A 134 44.26 -6.35 -10.15
CA THR A 134 45.60 -6.92 -10.12
C THR A 134 45.51 -8.38 -9.78
N SER A 135 46.60 -9.11 -9.95
CA SER A 135 46.55 -10.52 -9.61
C SER A 135 46.31 -10.72 -8.12
N SER A 136 46.85 -9.82 -7.31
CA SER A 136 46.67 -9.93 -5.87
C SER A 136 45.24 -9.64 -5.48
N GLU A 137 44.61 -8.73 -6.21
CA GLU A 137 43.21 -8.39 -5.99
C GLU A 137 42.32 -9.55 -6.40
N GLN A 138 42.65 -10.14 -7.53
CA GLN A 138 41.86 -11.26 -8.03
C GLN A 138 41.95 -12.43 -7.07
N ILE A 139 43.15 -12.67 -6.56
CA ILE A 139 43.36 -13.76 -5.64
C ILE A 139 42.68 -13.50 -4.31
N ALA A 140 42.86 -12.31 -3.77
CA ALA A 140 42.29 -12.01 -2.47
C ALA A 140 40.79 -12.13 -2.50
N THR A 141 40.16 -11.56 -3.52
CA THR A 141 38.71 -11.63 -3.60
C THR A 141 38.24 -13.03 -3.88
N THR A 142 38.94 -13.75 -4.75
CA THR A 142 38.56 -15.10 -5.07
C THR A 142 38.61 -15.96 -3.83
N ASN A 143 39.67 -15.82 -3.05
CA ASN A 143 39.81 -16.62 -1.85
C ASN A 143 38.75 -16.27 -0.85
N LEU A 144 38.40 -14.98 -0.76
CA LEU A 144 37.35 -14.56 0.14
C LEU A 144 36.03 -15.18 -0.26
N LEU A 145 35.73 -15.13 -1.55
CA LEU A 145 34.48 -15.69 -2.01
C LEU A 145 34.43 -17.18 -1.77
N LYS A 146 35.54 -17.87 -2.05
CA LYS A 146 35.58 -19.30 -1.81
C LYS A 146 35.32 -19.61 -0.35
N LYS A 147 35.93 -18.82 0.54
CA LYS A 147 35.73 -19.01 1.96
C LYS A 147 34.27 -18.84 2.34
N ILE A 148 33.65 -17.79 1.85
CA ILE A 148 32.27 -17.51 2.20
C ILE A 148 31.36 -18.63 1.72
N ILE A 149 31.57 -19.07 0.49
CA ILE A 149 30.76 -20.15 -0.05
C ILE A 149 30.97 -21.42 0.74
N ARG A 150 32.22 -21.72 1.06
CA ARG A 150 32.47 -22.92 1.83
C ARG A 150 31.76 -22.85 3.15
N ARG A 151 31.86 -21.72 3.82
CA ARG A 151 31.25 -21.61 5.13
C ARG A 151 29.74 -21.69 5.04
N ALA A 152 29.16 -21.05 4.03
CA ALA A 152 27.70 -21.07 3.89
C ALA A 152 27.20 -22.49 3.73
N ILE A 153 27.96 -23.32 3.01
CA ILE A 153 27.60 -24.71 2.83
C ILE A 153 27.80 -25.48 4.13
N GLU A 154 28.90 -25.25 4.82
CA GLU A 154 29.14 -25.92 6.08
C GLU A 154 28.02 -25.59 7.05
N ILE A 155 27.52 -24.36 6.99
CA ILE A 155 26.41 -23.95 7.82
C ILE A 155 25.11 -24.63 7.41
N SER A 156 24.81 -24.65 6.11
CA SER A 156 23.58 -25.26 5.64
C SER A 156 23.58 -26.75 5.93
N ASP A 157 24.75 -27.33 5.99
CA ASP A 157 24.89 -28.74 6.26
C ASP A 157 24.22 -29.15 7.54
N VAL A 158 24.18 -28.26 8.50
CA VAL A 158 23.59 -28.62 9.77
C VAL A 158 22.09 -28.83 9.63
N LYS A 159 21.42 -27.90 8.98
CA LYS A 159 19.99 -28.03 8.77
C LYS A 159 19.66 -29.11 7.77
N VAL A 160 20.45 -29.20 6.71
CA VAL A 160 20.16 -30.18 5.69
C VAL A 160 20.27 -31.55 6.27
N TYR A 161 21.30 -31.76 7.08
CA TYR A 161 21.49 -33.02 7.76
C TYR A 161 20.26 -33.35 8.59
N ALA A 162 19.83 -32.38 9.39
CA ALA A 162 18.69 -32.60 10.26
C ALA A 162 17.43 -32.90 9.47
N ILE A 163 17.25 -32.20 8.36
CA ILE A 163 16.06 -32.41 7.56
C ILE A 163 16.08 -33.77 6.92
N LEU A 164 17.20 -34.13 6.32
CA LEU A 164 17.28 -35.42 5.67
C LEU A 164 17.15 -36.53 6.69
N ASN A 165 17.71 -36.32 7.87
CA ASN A 165 17.58 -37.31 8.92
C ASN A 165 16.17 -37.39 9.42
N LYS A 166 15.52 -36.25 9.61
CA LYS A 166 14.16 -36.25 10.10
C LYS A 166 13.21 -36.85 9.09
N LEU A 167 13.44 -36.58 7.81
CA LEU A 167 12.61 -37.14 6.77
C LEU A 167 12.96 -38.61 6.60
N GLY A 168 14.24 -38.92 6.74
CA GLY A 168 14.71 -40.28 6.56
C GLY A 168 15.07 -40.52 5.10
N LEU A 169 15.53 -39.47 4.44
CA LEU A 169 15.90 -39.56 3.03
C LEU A 169 17.38 -39.85 2.86
N LYS A 170 18.11 -39.90 3.96
CA LYS A 170 19.54 -40.14 3.90
C LYS A 170 19.87 -41.18 2.84
N THR A 220 34.16 -31.34 7.25
CA THR A 220 33.35 -30.30 7.88
C THR A 220 31.92 -30.36 7.38
N ILE A 221 31.69 -31.21 6.40
CA ILE A 221 30.37 -31.43 5.83
C ILE A 221 30.00 -32.89 5.97
N LYS A 222 28.80 -33.16 6.50
CA LYS A 222 28.37 -34.53 6.69
C LYS A 222 27.42 -34.96 5.58
N THR A 223 26.62 -34.03 5.08
CA THR A 223 25.65 -34.35 4.07
C THR A 223 26.33 -34.69 2.75
N THR A 224 25.96 -35.83 2.17
CA THR A 224 26.58 -36.27 0.93
C THR A 224 26.25 -35.32 -0.19
N LEU A 225 25.05 -34.79 -0.16
CA LEU A 225 24.59 -33.86 -1.16
C LEU A 225 25.46 -32.62 -1.20
N LEU A 226 25.79 -32.11 -0.04
CA LEU A 226 26.54 -30.87 0.01
C LEU A 226 28.01 -31.10 -0.23
N LYS A 227 28.50 -32.29 0.07
CA LYS A 227 29.88 -32.56 -0.28
C LYS A 227 30.01 -32.49 -1.79
N LYS A 228 29.01 -33.04 -2.49
CA LYS A 228 29.00 -32.97 -3.94
C LYS A 228 28.86 -31.53 -4.40
N LEU A 229 28.02 -30.77 -3.71
CA LEU A 229 27.84 -29.38 -4.09
C LEU A 229 29.09 -28.57 -3.90
N MET A 230 29.77 -28.81 -2.78
CA MET A 230 30.99 -28.09 -2.49
C MET A 230 32.01 -28.33 -3.57
N CYS A 231 32.04 -29.55 -4.09
CA CYS A 231 32.96 -29.88 -5.15
C CYS A 231 32.68 -29.04 -6.39
N SER A 232 31.39 -28.80 -6.65
CA SER A 232 30.99 -28.01 -7.80
C SER A 232 31.21 -26.53 -7.58
N MET A 233 31.03 -26.08 -6.35
CA MET A 233 31.12 -24.65 -6.04
C MET A 233 32.45 -24.20 -5.48
N GLN A 234 33.47 -25.05 -5.57
CA GLN A 234 34.77 -24.68 -5.02
C GLN A 234 35.51 -23.72 -5.93
N HIS A 235 35.00 -23.53 -7.15
CA HIS A 235 35.63 -22.64 -8.13
C HIS A 235 34.64 -21.66 -8.74
N PRO A 236 34.34 -20.55 -8.06
CA PRO A 236 33.40 -19.53 -8.48
C PRO A 236 33.80 -19.03 -9.86
N PRO A 237 32.81 -18.73 -10.71
CA PRO A 237 32.96 -18.23 -12.05
C PRO A 237 33.47 -16.81 -12.01
N SER A 238 34.13 -16.39 -13.07
CA SER A 238 34.73 -15.06 -13.12
C SER A 238 33.69 -13.96 -13.00
N TRP A 239 32.47 -14.23 -13.46
CA TRP A 239 31.45 -13.21 -13.40
C TRP A 239 30.97 -13.00 -12.00
N LEU A 240 30.89 -14.05 -11.22
CA LEU A 240 30.46 -13.91 -9.84
C LEU A 240 31.52 -13.15 -9.09
N ILE A 241 32.77 -13.48 -9.38
CA ILE A 241 33.89 -12.80 -8.74
C ILE A 241 33.86 -11.35 -9.14
N HIS A 242 33.61 -11.09 -10.41
CA HIS A 242 33.54 -9.72 -10.89
C HIS A 242 32.58 -8.90 -10.07
N TRP A 243 31.35 -9.40 -9.92
CA TRP A 243 30.34 -8.63 -9.21
C TRP A 243 30.61 -8.61 -7.72
N PHE A 244 31.18 -9.68 -7.20
CA PHE A 244 31.51 -9.74 -5.79
C PHE A 244 32.60 -8.76 -5.46
N ASN A 245 33.63 -8.71 -6.29
CA ASN A 245 34.71 -7.78 -6.07
C ASN A 245 34.19 -6.36 -6.08
N LEU A 246 33.47 -6.01 -7.14
CA LEU A 246 32.96 -4.66 -7.24
C LEU A 246 32.11 -4.31 -6.04
N TYR A 247 31.22 -5.21 -5.67
CA TYR A 247 30.40 -4.99 -4.49
C TYR A 247 31.26 -4.79 -3.28
N THR A 248 32.22 -5.68 -3.08
CA THR A 248 33.08 -5.62 -1.93
C THR A 248 33.81 -4.29 -1.86
N LYS A 249 34.31 -3.83 -2.99
CA LYS A 249 35.06 -2.59 -3.00
C LYS A 249 34.16 -1.40 -2.73
N LEU A 250 32.99 -1.38 -3.35
CA LEU A 250 32.07 -0.28 -3.12
C LEU A 250 31.59 -0.30 -1.69
N ASN A 251 31.40 -1.51 -1.17
CA ASN A 251 30.95 -1.67 0.19
C ASN A 251 32.03 -1.18 1.14
N ASN A 252 33.28 -1.49 0.84
CA ASN A 252 34.37 -1.04 1.68
C ASN A 252 34.50 0.46 1.63
N ILE A 253 34.26 1.06 0.47
CA ILE A 253 34.34 2.49 0.34
C ILE A 253 33.28 3.14 1.21
N LEU A 254 32.07 2.61 1.15
CA LEU A 254 31.01 3.19 1.94
C LEU A 254 31.20 2.89 3.40
N THR A 255 31.68 1.69 3.71
CA THR A 255 31.85 1.29 5.09
C THR A 255 32.83 2.21 5.77
N GLN A 256 33.94 2.50 5.10
CA GLN A 256 34.91 3.40 5.65
C GLN A 256 34.31 4.76 5.87
N TYR A 257 33.56 5.24 4.90
CA TYR A 257 32.91 6.53 5.03
C TYR A 257 31.97 6.57 6.21
N ARG A 258 31.08 5.59 6.29
CA ARG A 258 30.06 5.59 7.33
C ARG A 258 30.69 5.52 8.70
N SER A 259 31.74 4.72 8.84
CA SER A 259 32.42 4.63 10.11
C SER A 259 33.03 5.96 10.48
N ASN A 260 33.70 6.59 9.52
CA ASN A 260 34.36 7.84 9.78
C ASN A 260 33.40 9.00 9.97
N GLU A 261 32.24 8.94 9.32
CA GLU A 261 31.25 10.01 9.48
C GLU A 261 30.70 10.00 10.89
N VAL A 262 30.48 8.81 11.44
CA VAL A 262 30.00 8.71 12.80
C VAL A 262 31.03 9.28 13.75
N LYS A 263 32.29 8.93 13.52
CA LYS A 263 33.39 9.39 14.36
C LYS A 263 33.66 10.88 14.19
N ASN A 264 33.52 11.38 12.98
CA ASN A 264 33.85 12.76 12.68
C ASN A 264 32.85 13.41 11.74
N HIS A 265 31.84 14.07 12.30
CA HIS A 265 30.82 14.70 11.48
C HIS A 265 31.43 15.66 10.48
N GLY A 266 31.00 15.55 9.23
CA GLY A 266 31.49 16.43 8.18
C GLY A 266 32.63 15.78 7.40
N PHE A 267 33.04 14.61 7.86
CA PHE A 267 34.11 13.87 7.22
C PHE A 267 33.83 13.58 5.75
N THR A 268 34.85 13.74 4.93
CA THR A 268 34.75 13.43 3.51
C THR A 268 35.75 12.35 3.18
N LEU A 269 35.30 11.32 2.49
CA LEU A 269 36.17 10.22 2.16
C LEU A 269 36.82 10.39 0.82
N ILE A 270 38.12 10.54 0.82
CA ILE A 270 38.85 10.71 -0.43
C ILE A 270 39.71 9.49 -0.66
N ASP A 271 39.45 8.78 -1.73
CA ASP A 271 40.19 7.56 -1.99
C ASP A 271 40.37 7.25 -3.46
N ASN A 272 41.48 6.59 -3.77
CA ASN A 272 41.75 6.12 -5.11
C ASN A 272 42.45 4.76 -5.10
N GLN A 273 42.48 4.11 -3.94
CA GLN A 273 43.16 2.84 -3.82
C GLN A 273 42.19 1.66 -3.78
N THR A 274 41.03 1.86 -3.17
CA THR A 274 40.12 0.74 -3.00
C THR A 274 39.67 0.20 -4.35
N LEU A 275 39.23 1.10 -5.24
CA LEU A 275 38.80 0.69 -6.56
C LEU A 275 39.73 1.31 -7.59
N SER A 276 40.66 0.51 -8.10
CA SER A 276 41.73 1.05 -8.93
C SER A 276 41.24 1.84 -10.13
N GLY A 277 41.82 3.01 -10.35
CA GLY A 277 41.50 3.85 -11.49
C GLY A 277 40.42 4.87 -11.16
N PHE A 278 39.68 4.63 -10.10
CA PHE A 278 38.59 5.50 -9.74
C PHE A 278 38.86 6.26 -8.46
N GLN A 279 38.93 7.56 -8.56
CA GLN A 279 39.10 8.37 -7.38
C GLN A 279 37.76 8.88 -6.91
N PHE A 280 37.42 8.56 -5.68
CA PHE A 280 36.14 8.96 -5.14
C PHE A 280 36.29 10.02 -4.09
N ILE A 281 35.38 10.97 -4.09
CA ILE A 281 35.23 11.89 -2.99
C ILE A 281 33.82 11.75 -2.45
N LEU A 282 33.68 11.14 -1.28
CA LEU A 282 32.35 10.87 -0.73
C LEU A 282 32.00 11.70 0.48
N ASN A 283 30.80 12.24 0.40
CA ASN A 283 30.20 13.03 1.46
C ASN A 283 28.71 12.75 1.41
N GLN A 284 28.02 12.83 2.53
CA GLN A 284 26.59 12.58 2.45
C GLN A 284 25.89 13.63 1.62
N TYR A 285 26.61 14.71 1.31
CA TYR A 285 26.06 15.79 0.52
C TYR A 285 26.58 15.78 -0.90
N GLY A 286 27.29 14.74 -1.30
CA GLY A 286 27.78 14.68 -2.68
C GLY A 286 28.75 13.55 -2.93
N CYS A 287 28.98 13.27 -4.19
CA CYS A 287 29.92 12.23 -4.60
C CYS A 287 30.61 12.57 -5.91
N ILE A 288 31.90 12.82 -5.84
CA ILE A 288 32.65 13.21 -7.03
C ILE A 288 33.53 12.06 -7.45
N VAL A 289 33.41 11.65 -8.70
CA VAL A 289 34.19 10.51 -9.15
C VAL A 289 35.05 10.86 -10.35
N TYR A 290 36.33 10.56 -10.24
CA TYR A 290 37.27 10.84 -11.32
C TYR A 290 37.97 9.59 -11.80
N HIS A 291 37.98 9.39 -13.11
CA HIS A 291 38.69 8.26 -13.67
C HIS A 291 39.92 8.78 -14.38
N LYS A 292 41.08 8.37 -13.90
CA LYS A 292 42.30 8.99 -14.39
C LYS A 292 42.64 8.61 -15.81
N GLU A 293 42.67 7.33 -16.11
CA GLU A 293 43.13 6.88 -17.41
C GLU A 293 42.24 7.40 -18.54
N LEU A 294 40.95 7.48 -18.31
CA LEU A 294 40.06 7.96 -19.35
C LEU A 294 39.90 9.46 -19.33
N LYS A 295 40.54 10.13 -18.38
CA LYS A 295 40.40 11.57 -18.29
C LYS A 295 38.93 11.97 -18.24
N ARG A 296 38.19 11.37 -17.32
CA ARG A 296 36.76 11.65 -17.20
C ARG A 296 36.36 11.91 -15.76
N ILE A 297 35.48 12.87 -15.57
CA ILE A 297 34.98 13.17 -14.24
C ILE A 297 33.47 13.28 -14.25
N THR A 298 32.84 12.86 -13.16
CA THR A 298 31.40 13.05 -13.02
C THR A 298 31.08 13.49 -11.61
N VAL A 299 29.93 14.11 -11.45
CA VAL A 299 29.49 14.50 -10.12
C VAL A 299 28.09 14.04 -9.84
N THR A 300 27.92 13.34 -8.74
CA THR A 300 26.61 12.87 -8.37
C THR A 300 26.39 13.03 -6.88
N THR A 301 25.39 12.34 -6.36
CA THR A 301 25.03 12.46 -4.97
C THR A 301 25.27 11.17 -4.22
N TYR A 302 25.11 11.23 -2.90
CA TYR A 302 25.32 10.09 -2.05
C TYR A 302 24.42 8.95 -2.46
N ASN A 303 23.17 9.27 -2.77
CA ASN A 303 22.21 8.26 -3.13
C ASN A 303 22.61 7.54 -4.41
N GLN A 304 23.26 8.23 -5.32
CA GLN A 304 23.70 7.58 -6.55
C GLN A 304 24.77 6.59 -6.21
N PHE A 305 25.65 6.95 -5.28
CA PHE A 305 26.68 6.04 -4.87
C PHE A 305 26.05 4.80 -4.25
N LEU A 306 25.08 5.02 -3.38
CA LEU A 306 24.41 3.91 -2.74
C LEU A 306 23.81 3.04 -3.80
N THR A 307 23.23 3.69 -4.80
CA THR A 307 22.62 2.98 -5.89
C THR A 307 23.64 2.14 -6.62
N TRP A 308 24.80 2.69 -6.91
CA TRP A 308 25.83 1.90 -7.57
C TRP A 308 26.14 0.66 -6.76
N LYS A 309 26.27 0.82 -5.46
CA LYS A 309 26.51 -0.35 -4.63
C LYS A 309 25.34 -1.30 -4.68
N ASP A 310 24.13 -0.76 -4.61
CA ASP A 310 22.94 -1.59 -4.62
C ASP A 310 22.85 -2.32 -5.95
N ILE A 311 23.31 -1.68 -7.00
CA ILE A 311 23.33 -2.32 -8.30
C ILE A 311 24.28 -3.48 -8.32
N SER A 312 25.49 -3.26 -7.81
CA SER A 312 26.48 -4.33 -7.78
C SER A 312 26.01 -5.44 -6.88
N LEU A 313 25.31 -5.08 -5.81
CA LEU A 313 24.76 -6.06 -4.89
C LEU A 313 23.64 -6.82 -5.53
N SER A 314 22.75 -6.12 -6.22
CA SER A 314 21.64 -6.77 -6.86
C SER A 314 22.16 -7.69 -7.93
N ARG A 315 23.12 -7.23 -8.71
CA ARG A 315 23.67 -8.06 -9.75
C ARG A 315 24.41 -9.24 -9.14
N LEU A 316 25.09 -8.99 -8.03
CA LEU A 316 25.79 -10.04 -7.32
C LEU A 316 24.83 -11.10 -6.86
N ASN A 317 23.72 -10.70 -6.25
CA ASN A 317 22.74 -11.64 -5.78
C ASN A 317 22.12 -12.41 -6.92
N VAL A 318 21.91 -11.76 -8.05
CA VAL A 318 21.37 -12.47 -9.18
C VAL A 318 22.35 -13.51 -9.66
N CYS A 319 23.61 -13.13 -9.78
CA CYS A 319 24.63 -14.05 -10.24
C CYS A 319 24.80 -15.18 -9.24
N LEU A 320 24.77 -14.83 -7.97
CA LEU A 320 24.99 -15.78 -6.90
C LEU A 320 23.87 -16.78 -6.82
N ILE A 321 22.63 -16.30 -6.86
CA ILE A 321 21.49 -17.17 -6.81
C ILE A 321 21.47 -18.05 -8.02
N THR A 322 21.75 -17.47 -9.18
CA THR A 322 21.78 -18.21 -10.41
C THR A 322 22.81 -19.32 -10.32
N TRP A 323 23.99 -18.98 -9.81
CA TRP A 323 25.05 -19.95 -9.66
C TRP A 323 24.63 -21.07 -8.74
N ILE A 324 24.08 -20.72 -7.59
CA ILE A 324 23.64 -21.71 -6.62
C ILE A 324 22.57 -22.59 -7.21
N SER A 325 21.59 -21.98 -7.86
CA SER A 325 20.50 -22.71 -8.44
C SER A 325 21.00 -23.67 -9.50
N ASN A 326 21.88 -23.19 -10.35
CA ASN A 326 22.42 -24.04 -11.41
C ASN A 326 23.21 -25.18 -10.84
N CYS A 327 23.97 -24.92 -9.79
CA CYS A 327 24.75 -25.96 -9.17
C CYS A 327 23.84 -27.01 -8.55
N LEU A 328 22.80 -26.55 -7.87
CA LEU A 328 21.87 -27.46 -7.25
C LEU A 328 21.13 -28.26 -8.29
N ASN A 329 20.74 -27.61 -9.37
CA ASN A 329 19.99 -28.29 -10.41
C ASN A 329 20.87 -29.28 -11.14
N THR A 330 22.16 -29.00 -11.20
CA THR A 330 23.08 -29.94 -11.80
C THR A 330 23.07 -31.24 -11.01
N LEU A 331 23.09 -31.13 -9.68
CA LEU A 331 23.07 -32.31 -8.83
C LEU A 331 21.70 -32.99 -8.84
N ASN A 332 20.66 -32.18 -8.86
CA ASN A 332 19.30 -32.65 -8.80
C ASN A 332 18.36 -31.59 -9.31
N LYS A 333 17.69 -31.86 -10.41
CA LYS A 333 16.89 -30.87 -11.09
C LYS A 333 15.79 -30.28 -10.20
N SER A 334 15.45 -30.97 -9.13
CA SER A 334 14.40 -30.51 -8.25
C SER A 334 14.90 -29.66 -7.08
N LEU A 335 16.22 -29.57 -6.89
CA LEU A 335 16.74 -28.83 -5.74
C LEU A 335 16.80 -27.34 -5.92
N GLY A 336 17.11 -26.88 -7.11
CA GLY A 336 17.34 -25.47 -7.31
C GLY A 336 16.04 -24.81 -7.67
N LEU A 337 16.13 -23.65 -8.29
CA LEU A 337 14.94 -22.91 -8.66
C LEU A 337 14.39 -23.50 -9.94
N ARG A 338 13.11 -23.24 -10.19
CA ARG A 338 12.47 -23.72 -11.40
C ARG A 338 13.11 -23.10 -12.63
N CYS A 339 13.57 -21.88 -12.50
CA CYS A 339 14.25 -21.17 -13.58
C CYS A 339 15.67 -21.68 -13.75
N GLY A 340 16.26 -21.41 -14.89
CA GLY A 340 17.65 -21.78 -15.13
C GLY A 340 18.28 -20.83 -16.13
N PHE A 341 19.15 -19.96 -15.63
CA PHE A 341 19.79 -18.96 -16.48
C PHE A 341 21.24 -19.27 -16.75
N ASN A 342 21.70 -18.85 -17.91
CA ASN A 342 23.11 -18.88 -18.21
C ASN A 342 23.72 -17.56 -17.75
N ASN A 343 24.61 -17.62 -16.78
CA ASN A 343 25.14 -16.40 -16.19
C ASN A 343 25.89 -15.57 -17.21
N VAL A 344 26.30 -16.20 -18.30
CA VAL A 344 26.99 -15.51 -19.37
C VAL A 344 26.04 -14.56 -20.08
N ILE A 345 24.81 -15.01 -20.26
CA ILE A 345 23.82 -14.16 -20.90
C ILE A 345 23.45 -13.05 -19.94
N LEU A 346 23.34 -13.39 -18.67
CA LEU A 346 22.93 -12.41 -17.69
C LEU A 346 23.95 -11.28 -17.60
N THR A 347 25.24 -11.60 -17.67
CA THR A 347 26.22 -10.54 -17.63
C THR A 347 26.15 -9.70 -18.89
N GLN A 348 25.87 -10.33 -20.02
CA GLN A 348 25.77 -9.55 -21.23
C GLN A 348 24.58 -8.63 -21.14
N LEU A 349 23.47 -9.12 -20.60
CA LEU A 349 22.31 -8.27 -20.45
C LEU A 349 22.64 -7.07 -19.61
N PHE A 350 23.33 -7.32 -18.51
CA PHE A 350 23.66 -6.25 -17.62
C PHE A 350 24.54 -5.23 -18.34
N LEU A 351 25.56 -5.72 -19.02
CA LEU A 351 26.50 -4.85 -19.69
C LEU A 351 25.84 -4.08 -20.83
N TYR A 352 24.96 -4.73 -21.56
CA TYR A 352 24.26 -4.07 -22.64
C TYR A 352 23.29 -3.04 -22.10
N GLY A 353 22.65 -3.35 -20.99
CA GLY A 353 21.74 -2.39 -20.38
C GLY A 353 22.51 -1.14 -19.99
N ASP A 354 23.70 -1.33 -19.43
CA ASP A 354 24.53 -0.18 -19.08
C ASP A 354 24.97 0.58 -20.32
N CYS A 355 25.23 -0.14 -21.41
CA CYS A 355 25.59 0.53 -22.64
C CYS A 355 24.45 1.43 -23.08
N ILE A 356 23.23 0.96 -22.91
CA ILE A 356 22.07 1.76 -23.27
C ILE A 356 22.03 3.02 -22.44
N LEU A 357 22.31 2.87 -21.15
CA LEU A 357 22.32 4.01 -20.24
C LEU A 357 23.51 4.92 -20.50
N LYS A 358 24.59 4.37 -21.03
CA LYS A 358 25.75 5.18 -21.38
C LYS A 358 25.46 6.01 -22.64
N LEU A 359 24.79 5.41 -23.61
CA LEU A 359 24.44 6.15 -24.83
C LEU A 359 23.29 7.10 -24.57
N PHE A 360 22.26 6.58 -23.93
CA PHE A 360 21.16 7.41 -23.52
C PHE A 360 21.35 7.76 -22.08
N HIS A 361 21.74 8.97 -21.84
CA HIS A 361 21.99 9.41 -20.48
C HIS A 361 20.66 9.36 -19.76
N ASN A 362 20.61 9.72 -18.50
CA ASN A 362 19.43 9.56 -17.63
C ASN A 362 18.17 9.00 -18.32
N GLU A 363 17.70 9.68 -19.38
CA GLU A 363 16.51 9.27 -20.12
C GLU A 363 16.55 7.82 -20.60
N GLY A 364 17.72 7.23 -20.64
CA GLY A 364 17.91 5.85 -21.08
C GLY A 364 17.12 4.89 -20.22
N PHE A 365 16.73 5.35 -19.04
CA PHE A 365 15.94 4.52 -18.15
C PHE A 365 14.54 4.32 -18.70
N TYR A 366 14.09 5.21 -19.58
CA TYR A 366 12.79 5.05 -20.19
C TYR A 366 12.79 3.79 -21.02
N ILE A 367 13.88 3.56 -21.71
CA ILE A 367 14.03 2.41 -22.57
C ILE A 367 14.02 1.16 -21.75
N ILE A 368 14.76 1.18 -20.65
CA ILE A 368 14.81 0.04 -19.77
C ILE A 368 13.43 -0.23 -19.18
N LYS A 369 12.75 0.82 -18.76
CA LYS A 369 11.44 0.67 -18.15
C LYS A 369 10.49 -0.10 -19.08
N GLU A 370 10.52 0.21 -20.36
CA GLU A 370 9.60 -0.39 -21.31
C GLU A 370 9.92 -1.85 -21.60
N VAL A 371 11.04 -2.33 -21.10
CA VAL A 371 11.40 -3.71 -21.32
C VAL A 371 10.41 -4.62 -20.65
N GLU A 372 9.71 -4.13 -19.63
CA GLU A 372 8.71 -4.96 -18.98
C GLU A 372 7.71 -5.43 -20.01
N GLY A 373 7.39 -4.54 -20.94
CA GLY A 373 6.47 -4.89 -22.00
C GLY A 373 7.07 -6.00 -22.84
N PHE A 374 8.38 -5.93 -23.08
CA PHE A 374 9.04 -6.94 -23.89
C PHE A 374 8.92 -8.30 -23.24
N ILE A 375 9.18 -8.36 -21.95
CA ILE A 375 9.09 -9.62 -21.24
C ILE A 375 7.65 -10.10 -21.25
N MET A 376 6.72 -9.18 -20.99
CA MET A 376 5.32 -9.55 -20.99
C MET A 376 4.96 -10.11 -22.36
N SER A 377 5.50 -9.50 -23.40
CA SER A 377 5.24 -9.97 -24.75
C SER A 377 5.74 -11.37 -24.94
N LEU A 378 6.95 -11.63 -24.48
CA LEU A 378 7.52 -12.96 -24.62
C LEU A 378 6.66 -13.98 -23.91
N ILE A 379 6.12 -13.60 -22.76
CA ILE A 379 5.23 -14.47 -22.03
C ILE A 379 3.94 -14.71 -22.80
N LEU A 380 3.35 -13.63 -23.30
CA LEU A 380 2.11 -13.72 -24.05
C LEU A 380 2.31 -14.52 -25.32
N ASN A 381 3.50 -14.45 -25.88
CA ASN A 381 3.80 -15.23 -27.08
C ASN A 381 3.76 -16.72 -26.81
N ILE A 382 3.73 -17.10 -25.54
CA ILE A 382 3.64 -18.48 -25.15
C ILE A 382 2.22 -18.85 -24.77
N THR A 383 1.57 -17.98 -24.01
CA THR A 383 0.27 -18.29 -23.44
C THR A 383 -0.94 -17.84 -24.24
N GLU A 384 -0.77 -16.87 -25.14
CA GLU A 384 -1.91 -16.30 -25.86
C GLU A 384 -2.08 -16.79 -27.28
N GLU A 385 -3.27 -16.57 -27.81
CA GLU A 385 -3.61 -16.89 -29.19
C GLU A 385 -2.95 -15.91 -30.13
N ASP A 386 -2.86 -16.27 -31.39
CA ASP A 386 -2.17 -15.46 -32.38
C ASP A 386 -2.67 -14.02 -32.44
N GLN A 387 -3.98 -13.84 -32.35
CA GLN A 387 -4.51 -12.48 -32.50
C GLN A 387 -4.12 -11.63 -31.30
N PHE A 388 -4.18 -12.23 -30.12
CA PHE A 388 -3.90 -11.51 -28.89
C PHE A 388 -2.40 -11.23 -28.73
N ARG A 389 -1.57 -12.21 -29.08
CA ARG A 389 -0.14 -12.03 -28.89
C ARG A 389 0.43 -11.12 -29.94
N LYS A 390 -0.09 -11.19 -31.16
CA LYS A 390 0.39 -10.32 -32.21
C LYS A 390 0.09 -8.89 -31.88
N ARG A 391 -1.13 -8.63 -31.43
CA ARG A 391 -1.52 -7.28 -31.09
C ARG A 391 -0.61 -6.71 -30.03
N PHE A 392 -0.39 -7.49 -28.96
CA PHE A 392 0.43 -7.01 -27.87
C PHE A 392 1.84 -6.75 -28.35
N TYR A 393 2.40 -7.69 -29.08
CA TYR A 393 3.76 -7.59 -29.54
C TYR A 393 4.00 -6.31 -30.31
N ASN A 394 3.12 -6.01 -31.27
CA ASN A 394 3.32 -4.83 -32.07
C ASN A 394 3.19 -3.58 -31.22
N SER A 395 2.23 -3.56 -30.31
CA SER A 395 2.04 -2.43 -29.44
C SER A 395 3.28 -2.25 -28.58
N MET A 396 3.78 -3.36 -28.09
CA MET A 396 4.97 -3.40 -27.26
C MET A 396 6.17 -2.79 -27.97
N LEU A 397 6.38 -3.16 -29.23
CA LEU A 397 7.52 -2.61 -29.93
C LEU A 397 7.37 -1.12 -30.09
N ASN A 398 6.16 -0.68 -30.38
CA ASN A 398 5.95 0.74 -30.55
C ASN A 398 6.19 1.45 -29.24
N ASN A 399 5.80 0.84 -28.14
CA ASN A 399 6.02 1.48 -26.86
C ASN A 399 7.51 1.69 -26.63
N ILE A 400 8.31 0.68 -26.92
CA ILE A 400 9.75 0.77 -26.70
C ILE A 400 10.40 1.77 -27.62
N THR A 401 10.08 1.70 -28.90
CA THR A 401 10.71 2.57 -29.86
C THR A 401 10.27 3.99 -29.68
N ASP A 402 9.03 4.19 -29.27
CA ASP A 402 8.55 5.53 -29.05
C ASP A 402 9.27 6.10 -27.85
N ALA A 403 9.48 5.28 -26.82
CA ALA A 403 10.21 5.71 -25.64
C ALA A 403 11.64 6.02 -26.00
N ALA A 404 12.23 5.21 -26.87
CA ALA A 404 13.60 5.42 -27.28
C ALA A 404 13.74 6.72 -28.05
N ASN A 405 12.77 6.99 -28.91
CA ASN A 405 12.80 8.22 -29.68
C ASN A 405 12.55 9.40 -28.78
N LYS A 406 11.69 9.21 -27.78
CA LYS A 406 11.44 10.26 -26.81
C LYS A 406 12.70 10.53 -26.02
N ALA A 407 13.39 9.46 -25.64
CA ALA A 407 14.62 9.60 -24.88
C ALA A 407 15.64 10.38 -25.69
N GLN A 408 15.71 10.11 -26.99
CA GLN A 408 16.64 10.85 -27.83
C GLN A 408 16.26 12.30 -27.91
N LYS A 409 14.99 12.57 -28.10
CA LYS A 409 14.54 13.94 -28.22
C LYS A 409 14.84 14.69 -26.94
N ASN A 410 14.50 14.09 -25.81
CA ASN A 410 14.69 14.73 -24.53
C ASN A 410 16.15 14.87 -24.18
N LEU A 411 16.94 13.87 -24.53
CA LEU A 411 18.35 13.93 -24.23
C LEU A 411 18.99 15.07 -24.97
N LEU A 412 18.74 15.14 -26.26
CA LEU A 412 19.38 16.13 -27.10
C LEU A 412 18.93 17.53 -26.72
N SER A 413 17.67 17.67 -26.32
CA SER A 413 17.18 18.98 -25.93
C SER A 413 17.70 19.37 -24.56
N ARG A 414 18.01 18.38 -23.73
CA ARG A 414 18.51 18.68 -22.39
C ARG A 414 19.96 19.11 -22.39
N VAL A 415 20.82 18.35 -23.04
CA VAL A 415 22.23 18.69 -23.02
C VAL A 415 22.56 19.56 -24.22
N CYS A 416 21.82 20.64 -24.34
CA CYS A 416 21.99 21.57 -25.42
C CYS A 416 22.87 22.72 -25.00
N HIS A 417 22.61 23.23 -23.81
CA HIS A 417 23.33 24.40 -23.31
C HIS A 417 24.08 24.07 -22.04
N THR A 418 24.39 22.79 -21.84
CA THR A 418 25.07 22.36 -20.64
C THR A 418 26.48 21.94 -20.93
N LEU A 419 27.21 21.64 -19.86
CA LEU A 419 28.60 21.24 -19.98
C LEU A 419 28.73 19.81 -20.49
N LEU A 420 27.59 19.17 -20.70
CA LEU A 420 27.54 17.81 -21.22
C LEU A 420 27.12 17.77 -22.68
N ASP A 421 27.14 18.91 -23.35
CA ASP A 421 26.67 18.97 -24.72
C ASP A 421 27.55 18.15 -25.66
N LYS A 422 28.77 17.88 -25.22
CA LYS A 422 29.72 17.15 -26.05
C LYS A 422 29.80 15.69 -25.68
N THR A 423 28.91 15.23 -24.81
CA THR A 423 28.95 13.85 -24.35
C THR A 423 27.94 12.97 -25.06
N VAL A 424 27.22 13.53 -26.03
CA VAL A 424 26.25 12.73 -26.74
C VAL A 424 26.93 11.87 -27.78
N SER A 425 26.66 10.58 -27.73
CA SER A 425 27.25 9.65 -28.66
C SER A 425 26.71 9.85 -30.07
N ASP A 426 27.58 9.64 -31.04
CA ASP A 426 27.19 9.72 -32.44
C ASP A 426 26.16 8.65 -32.76
N ASN A 427 26.13 7.61 -31.94
CA ASN A 427 25.20 6.51 -32.13
C ASN A 427 23.76 6.96 -31.88
N ILE A 428 23.60 8.02 -31.09
CA ILE A 428 22.28 8.58 -30.87
C ILE A 428 21.91 9.34 -32.13
N ILE A 429 22.81 10.20 -32.54
CA ILE A 429 22.59 11.06 -33.68
C ILE A 429 22.36 10.27 -34.96
N ASN A 430 23.13 9.20 -35.12
CA ASN A 430 23.09 8.41 -36.34
C ASN A 430 22.03 7.32 -36.30
N GLY A 431 21.29 7.23 -35.21
CA GLY A 431 20.26 6.22 -35.10
C GLY A 431 20.83 4.81 -35.00
N ARG A 432 22.00 4.67 -34.42
CA ARG A 432 22.64 3.37 -34.32
C ARG A 432 22.22 2.71 -33.03
N TRP A 433 21.68 3.50 -32.13
CA TRP A 433 21.21 3.01 -30.85
C TRP A 433 20.22 1.86 -31.02
N ILE A 434 19.55 1.83 -32.15
CA ILE A 434 18.56 0.80 -32.43
C ILE A 434 19.22 -0.55 -32.57
N ILE A 435 20.48 -0.53 -32.94
CA ILE A 435 21.26 -1.75 -33.09
C ILE A 435 21.58 -2.28 -31.70
N LEU A 436 21.99 -1.37 -30.83
CA LEU A 436 22.28 -1.72 -29.46
C LEU A 436 21.04 -2.29 -28.80
N LEU A 437 19.91 -1.64 -29.08
CA LEU A 437 18.65 -2.08 -28.51
C LEU A 437 18.25 -3.45 -29.00
N SER A 438 18.39 -3.71 -30.30
CA SER A 438 17.98 -4.99 -30.81
C SER A 438 18.79 -6.09 -30.16
N LYS A 439 20.08 -5.83 -29.95
CA LYS A 439 20.94 -6.83 -29.34
C LYS A 439 20.53 -7.07 -27.90
N PHE A 440 20.25 -6.00 -27.19
CA PHE A 440 19.84 -6.11 -25.80
C PHE A 440 18.57 -6.94 -25.68
N LEU A 441 17.59 -6.65 -26.52
CA LEU A 441 16.34 -7.38 -26.45
C LEU A 441 16.53 -8.83 -26.84
N LYS A 442 17.38 -9.10 -27.81
CA LYS A 442 17.66 -10.48 -28.19
C LYS A 442 18.23 -11.24 -27.02
N LEU A 443 19.11 -10.60 -26.27
CA LEU A 443 19.69 -11.25 -25.10
C LEU A 443 18.61 -11.58 -24.10
N ILE A 444 17.62 -10.71 -23.97
CA ILE A 444 16.54 -10.97 -23.03
C ILE A 444 15.77 -12.18 -23.49
N LYS A 445 15.47 -12.22 -24.78
CA LYS A 445 14.76 -13.34 -25.34
C LYS A 445 15.54 -14.62 -25.11
N LEU A 446 16.86 -14.56 -25.28
CA LEU A 446 17.69 -15.73 -25.07
C LEU A 446 17.66 -16.17 -23.62
N ALA A 447 17.69 -15.23 -22.70
CA ALA A 447 17.64 -15.56 -21.29
C ALA A 447 16.32 -16.22 -20.96
N GLY A 448 15.24 -15.69 -21.52
CA GLY A 448 13.92 -16.25 -21.29
C GLY A 448 13.84 -17.66 -21.82
N ASP A 449 14.45 -17.89 -22.98
CA ASP A 449 14.51 -19.21 -23.58
C ASP A 449 13.14 -19.84 -23.70
N ASN A 450 12.15 -19.02 -24.03
CA ASN A 450 10.78 -19.50 -24.19
C ASN A 450 10.36 -20.32 -22.99
N ASN A 451 10.79 -19.91 -21.80
CA ASN A 451 10.47 -20.63 -20.59
C ASN A 451 9.85 -19.69 -19.60
N LEU A 452 8.59 -19.93 -19.26
CA LEU A 452 7.88 -19.01 -18.39
C LEU A 452 8.56 -18.89 -17.05
N ASN A 453 9.32 -19.91 -16.67
CA ASN A 453 9.99 -19.87 -15.38
C ASN A 453 11.09 -18.83 -15.40
N ASN A 454 11.74 -18.67 -16.55
CA ASN A 454 12.80 -17.68 -16.66
C ASN A 454 12.20 -16.33 -16.91
N LEU A 455 11.17 -16.30 -17.72
CA LEU A 455 10.58 -15.05 -18.11
C LEU A 455 10.00 -14.32 -16.92
N SER A 456 9.39 -15.05 -16.00
CA SER A 456 8.88 -14.41 -14.81
C SER A 456 10.03 -13.90 -13.97
N GLU A 457 11.04 -14.73 -13.79
CA GLU A 457 12.15 -14.32 -12.95
C GLU A 457 12.86 -13.08 -13.51
N LEU A 458 12.93 -12.96 -14.83
CA LEU A 458 13.62 -11.84 -15.45
C LEU A 458 13.05 -10.48 -15.07
N TYR A 459 11.96 -10.46 -14.32
CA TYR A 459 11.44 -9.18 -13.85
C TYR A 459 12.41 -8.49 -12.90
N PHE A 460 13.48 -9.17 -12.50
CA PHE A 460 14.49 -8.52 -11.67
C PHE A 460 15.27 -7.48 -12.45
N LEU A 461 15.14 -7.50 -13.78
CA LEU A 461 15.91 -6.61 -14.63
C LEU A 461 15.50 -5.16 -14.48
N PHE A 462 14.45 -4.89 -13.73
CA PHE A 462 13.99 -3.51 -13.61
C PHE A 462 14.53 -2.84 -12.37
N ARG A 463 15.24 -3.60 -11.56
CA ARG A 463 15.89 -3.08 -10.38
C ARG A 463 17.39 -3.24 -10.54
N ILE A 464 17.77 -4.19 -11.36
CA ILE A 464 19.16 -4.55 -11.53
C ILE A 464 19.98 -3.44 -12.13
N PHE A 465 19.34 -2.47 -12.78
CA PHE A 465 20.07 -1.40 -13.42
C PHE A 465 20.05 -0.12 -12.61
N GLY A 466 19.48 -0.19 -11.43
CA GLY A 466 19.41 0.98 -10.58
C GLY A 466 18.23 1.84 -10.92
N HIS A 467 18.34 3.13 -10.60
CA HIS A 467 17.25 4.04 -10.73
C HIS A 467 17.69 5.30 -11.47
N PRO A 468 16.78 5.96 -12.16
CA PRO A 468 16.98 7.22 -12.85
C PRO A 468 17.11 8.35 -11.87
N MET A 469 17.73 9.43 -12.32
CA MET A 469 17.70 10.64 -11.55
C MET A 469 16.34 11.26 -11.77
N VAL A 470 15.68 11.63 -10.70
CA VAL A 470 14.34 12.16 -10.83
C VAL A 470 14.36 13.65 -11.04
N ASP A 471 13.83 14.07 -12.19
CA ASP A 471 13.73 15.48 -12.50
C ASP A 471 12.41 15.98 -11.97
N GLU A 472 12.42 16.50 -10.77
CA GLU A 472 11.20 16.80 -10.08
C GLU A 472 10.40 17.86 -10.81
N ARG A 473 11.11 18.82 -11.40
CA ARG A 473 10.42 19.89 -12.09
C ARG A 473 9.79 19.37 -13.38
N GLN A 474 10.49 18.49 -14.08
CA GLN A 474 9.94 17.95 -15.30
C GLN A 474 8.71 17.11 -15.03
N ALA A 475 8.78 16.35 -13.93
CA ALA A 475 7.61 15.49 -13.58
C ALA A 475 6.43 16.36 -13.28
N MET A 476 6.61 17.49 -12.65
CA MET A 476 5.56 18.42 -12.36
C MET A 476 4.88 18.90 -13.63
N ASP A 477 5.73 19.32 -14.57
CA ASP A 477 5.22 19.85 -15.83
C ASP A 477 4.52 18.78 -16.64
N ALA A 478 5.03 17.55 -16.54
CA ALA A 478 4.49 16.43 -17.27
C ALA A 478 3.01 16.18 -16.94
N VAL A 479 2.64 16.43 -15.68
CA VAL A 479 1.24 16.20 -15.32
C VAL A 479 0.42 17.48 -15.43
N LYS A 480 1.06 18.62 -15.21
CA LYS A 480 0.37 19.90 -15.29
C LYS A 480 -0.50 19.96 -16.53
N ILE A 481 0.07 19.59 -17.65
CA ILE A 481 -0.64 19.66 -18.92
C ILE A 481 -1.95 18.86 -18.91
N ASN A 482 -2.00 17.79 -18.11
CA ASN A 482 -3.18 16.95 -18.06
C ASN A 482 -4.16 17.43 -17.01
N CYS A 483 -3.69 18.31 -16.13
CA CYS A 483 -4.50 18.72 -14.99
C CYS A 483 -5.04 20.13 -15.14
N ASN A 484 -4.48 20.90 -16.07
CA ASN A 484 -5.03 22.21 -16.36
C ASN A 484 -6.00 22.09 -17.53
N GLU A 485 -6.17 20.88 -18.02
CA GLU A 485 -7.00 20.60 -19.19
C GLU A 485 -8.49 20.64 -18.90
N THR A 486 -9.24 21.29 -19.78
CA THR A 486 -10.69 21.32 -19.70
C THR A 486 -11.28 20.02 -20.25
N LYS A 487 -12.17 19.42 -19.50
CA LYS A 487 -12.83 18.19 -19.95
C LYS A 487 -14.27 18.48 -20.31
N PHE A 488 -14.82 17.68 -21.22
CA PHE A 488 -16.21 17.86 -21.62
C PHE A 488 -16.98 16.57 -21.48
N TYR A 489 -18.19 16.66 -20.94
CA TYR A 489 -18.97 15.45 -20.73
C TYR A 489 -20.38 15.60 -21.22
N LEU A 490 -20.96 14.51 -21.68
CA LEU A 490 -22.40 14.50 -21.89
C LEU A 490 -23.04 14.38 -20.53
N LEU A 491 -24.08 15.14 -20.27
CA LEU A 491 -24.73 15.05 -18.98
C LEU A 491 -25.21 13.63 -18.72
N SER A 492 -25.66 12.96 -19.77
CA SER A 492 -26.15 11.60 -19.64
C SER A 492 -25.04 10.65 -19.22
N SER A 493 -23.81 11.00 -19.56
CA SER A 493 -22.68 10.19 -19.16
C SER A 493 -22.50 10.30 -17.68
N LEU A 494 -22.51 11.54 -17.19
CA LEU A 494 -22.31 11.78 -15.78
C LEU A 494 -23.47 11.23 -14.99
N SER A 495 -24.67 11.37 -15.51
CA SER A 495 -25.85 10.90 -14.82
C SER A 495 -25.81 9.40 -14.67
N MET A 496 -25.50 8.71 -15.76
CA MET A 496 -25.45 7.27 -15.71
C MET A 496 -24.38 6.79 -14.76
N LEU A 497 -23.24 7.47 -14.71
CA LEU A 497 -22.20 7.05 -13.78
C LEU A 497 -22.63 7.23 -12.34
N ARG A 498 -23.24 8.38 -12.04
CA ARG A 498 -23.72 8.59 -10.68
C ARG A 498 -24.76 7.55 -10.36
N GLY A 499 -25.58 7.24 -11.35
CA GLY A 499 -26.61 6.23 -11.21
C GLY A 499 -25.98 4.89 -10.86
N ALA A 500 -24.96 4.49 -11.63
CA ALA A 500 -24.30 3.22 -11.39
C ALA A 500 -23.71 3.19 -10.00
N PHE A 501 -23.18 4.32 -9.56
CA PHE A 501 -22.61 4.38 -8.23
C PHE A 501 -23.69 4.12 -7.20
N ILE A 502 -24.80 4.80 -7.36
CA ILE A 502 -25.92 4.62 -6.46
C ILE A 502 -26.47 3.22 -6.54
N TYR A 503 -26.58 2.69 -7.74
CA TYR A 503 -27.08 1.34 -7.87
C TYR A 503 -26.28 0.42 -7.00
N ARG A 504 -24.95 0.54 -7.06
CA ARG A 504 -24.12 -0.32 -6.27
C ARG A 504 -24.29 -0.07 -4.77
N ILE A 505 -24.47 1.19 -4.39
CA ILE A 505 -24.70 1.50 -2.99
C ILE A 505 -25.99 0.86 -2.51
N ILE A 506 -27.03 0.94 -3.32
CA ILE A 506 -28.29 0.35 -2.94
C ILE A 506 -28.15 -1.15 -2.87
N LYS A 507 -27.58 -1.74 -3.91
CA LYS A 507 -27.38 -3.18 -3.93
C LYS A 507 -26.64 -3.60 -2.69
N GLY A 508 -25.62 -2.83 -2.34
CA GLY A 508 -24.81 -3.08 -1.17
C GLY A 508 -25.64 -3.04 0.11
N PHE A 509 -26.38 -1.96 0.31
CA PHE A 509 -27.21 -1.82 1.49
C PHE A 509 -28.29 -2.89 1.58
N VAL A 510 -28.90 -3.22 0.47
CA VAL A 510 -29.93 -4.24 0.52
C VAL A 510 -29.30 -5.57 0.89
N ASN A 511 -28.14 -5.86 0.34
CA ASN A 511 -27.49 -7.12 0.65
C ASN A 511 -26.90 -7.16 2.05
N ASN A 512 -26.38 -6.04 2.53
CA ASN A 512 -25.69 -6.06 3.82
C ASN A 512 -26.58 -5.71 5.01
N TYR A 513 -27.50 -4.78 4.84
CA TYR A 513 -28.34 -4.34 5.95
C TYR A 513 -29.78 -4.76 5.75
N ASN A 514 -30.01 -5.53 4.70
CA ASN A 514 -31.34 -6.03 4.36
C ASN A 514 -32.32 -4.89 4.21
N ARG A 515 -31.88 -3.79 3.63
CA ARG A 515 -32.76 -2.66 3.45
C ARG A 515 -32.19 -1.66 2.46
N TRP A 516 -33.04 -0.83 1.88
CA TRP A 516 -32.54 0.31 1.14
C TRP A 516 -32.01 1.35 2.10
N PRO A 517 -31.08 2.19 1.66
CA PRO A 517 -30.67 3.40 2.31
C PRO A 517 -31.88 4.28 2.43
N THR A 518 -31.94 5.10 3.46
CA THR A 518 -33.07 6.01 3.56
C THR A 518 -32.91 7.10 2.51
N LEU A 519 -34.02 7.46 1.87
CA LEU A 519 -34.01 8.44 0.81
C LEU A 519 -34.70 9.70 1.27
N ARG A 520 -34.14 10.85 0.93
CA ARG A 520 -34.79 12.10 1.30
C ARG A 520 -35.68 12.61 0.19
N ASN A 521 -35.66 11.90 -0.93
CA ASN A 521 -36.48 12.26 -2.06
C ASN A 521 -36.97 11.03 -2.80
N ALA A 522 -37.56 10.08 -2.08
CA ALA A 522 -37.95 8.81 -2.69
C ALA A 522 -38.94 9.04 -3.82
N ILE A 523 -39.60 10.18 -3.78
CA ILE A 523 -40.61 10.59 -4.75
C ILE A 523 -40.09 10.66 -6.17
N VAL A 524 -38.78 10.70 -6.34
CA VAL A 524 -38.22 10.79 -7.69
C VAL A 524 -38.39 9.47 -8.43
N LEU A 525 -38.55 8.38 -7.70
CA LEU A 525 -38.68 7.08 -8.32
C LEU A 525 -40.07 6.92 -8.95
N PRO A 526 -40.16 6.43 -10.19
CA PRO A 526 -41.37 6.20 -10.95
C PRO A 526 -42.41 5.35 -10.22
N LEU A 527 -42.21 4.04 -10.23
CA LEU A 527 -43.15 3.12 -9.63
C LEU A 527 -42.50 1.77 -9.45
N ARG A 528 -41.98 1.23 -10.55
CA ARG A 528 -41.28 -0.04 -10.48
C ARG A 528 -40.18 0.07 -9.43
N TRP A 529 -39.55 1.22 -9.40
CA TRP A 529 -38.51 1.49 -8.43
C TRP A 529 -39.03 1.74 -7.03
N LEU A 530 -40.24 2.28 -6.92
CA LEU A 530 -40.81 2.46 -5.61
C LEU A 530 -41.15 1.11 -5.03
N THR A 531 -41.54 0.19 -5.91
CA THR A 531 -41.82 -1.16 -5.46
C THR A 531 -40.55 -1.79 -4.92
N TYR A 532 -39.44 -1.63 -5.65
CA TYR A 532 -38.17 -2.16 -5.17
C TYR A 532 -37.80 -1.54 -3.84
N TYR A 533 -37.99 -0.23 -3.72
CA TYR A 533 -37.71 0.45 -2.47
C TYR A 533 -38.54 -0.07 -1.33
N LYS A 534 -39.85 -0.13 -1.52
CA LYS A 534 -40.77 -0.55 -0.48
C LYS A 534 -40.51 -1.97 -0.04
N LEU A 535 -40.13 -2.82 -0.98
CA LEU A 535 -39.90 -4.22 -0.66
C LEU A 535 -38.46 -4.48 -0.28
N ASN A 536 -37.64 -3.45 -0.26
CA ASN A 536 -36.23 -3.59 0.03
C ASN A 536 -35.54 -4.60 -0.88
N THR A 537 -35.81 -4.52 -2.18
CA THR A 537 -35.21 -5.39 -3.17
C THR A 537 -34.57 -4.57 -4.29
N TYR A 538 -33.92 -5.24 -5.22
CA TYR A 538 -33.31 -4.57 -6.35
C TYR A 538 -33.30 -5.51 -7.55
N PRO A 539 -33.33 -4.96 -8.77
CA PRO A 539 -33.19 -5.66 -10.03
C PRO A 539 -31.75 -6.05 -10.26
N SER A 540 -31.54 -7.12 -10.99
CA SER A 540 -30.19 -7.46 -11.42
C SER A 540 -29.81 -6.60 -12.61
N LEU A 541 -28.55 -6.58 -12.96
CA LEU A 541 -28.11 -5.77 -14.09
C LEU A 541 -28.71 -6.23 -15.40
N LEU A 542 -29.02 -7.51 -15.48
CA LEU A 542 -29.53 -8.09 -16.71
C LEU A 542 -30.94 -7.63 -17.03
N GLU A 543 -31.61 -7.04 -16.05
CA GLU A 543 -32.96 -6.54 -16.23
C GLU A 543 -33.00 -5.05 -15.99
N LEU A 544 -31.83 -4.44 -15.96
CA LEU A 544 -31.67 -3.02 -15.72
C LEU A 544 -31.43 -2.30 -17.04
N THR A 545 -31.88 -1.06 -17.14
CA THR A 545 -31.61 -0.27 -18.33
C THR A 545 -30.85 1.00 -18.00
N GLU A 546 -30.31 1.64 -19.03
CA GLU A 546 -29.59 2.90 -18.84
C GLU A 546 -30.51 3.96 -18.28
N ARG A 547 -31.77 3.90 -18.70
CA ARG A 547 -32.79 4.83 -18.23
C ARG A 547 -32.89 4.76 -16.72
N ASP A 548 -32.76 3.56 -16.19
CA ASP A 548 -32.93 3.35 -14.77
C ASP A 548 -31.78 3.94 -13.99
N LEU A 549 -30.58 3.84 -14.55
CA LEU A 549 -29.45 4.42 -13.86
C LEU A 549 -29.61 5.92 -13.82
N ILE A 550 -30.14 6.50 -14.88
CA ILE A 550 -30.38 7.93 -14.85
C ILE A 550 -31.36 8.26 -13.74
N VAL A 551 -32.41 7.46 -13.63
CA VAL A 551 -33.40 7.68 -12.58
C VAL A 551 -32.76 7.58 -11.20
N LEU A 552 -31.93 6.56 -10.98
CA LEU A 552 -31.29 6.39 -9.68
C LEU A 552 -30.34 7.53 -9.37
N SER A 553 -29.79 8.14 -10.40
CA SER A 553 -28.86 9.24 -10.22
C SER A 553 -29.53 10.44 -9.57
N GLY A 554 -30.86 10.44 -9.54
CA GLY A 554 -31.60 11.55 -8.96
C GLY A 554 -31.86 11.38 -7.48
N LEU A 555 -31.44 10.25 -6.91
CA LEU A 555 -31.68 9.99 -5.50
C LEU A 555 -30.77 10.74 -4.58
N ARG A 556 -31.31 11.08 -3.42
CA ARG A 556 -30.59 11.72 -2.35
C ARG A 556 -30.86 11.00 -1.05
N PHE A 557 -29.89 11.02 -0.14
CA PHE A 557 -29.97 10.18 1.04
C PHE A 557 -29.89 10.92 2.35
N TYR A 558 -30.42 10.28 3.38
CA TYR A 558 -30.22 10.73 4.75
C TYR A 558 -28.99 10.02 5.29
N ARG A 559 -28.38 10.62 6.30
CA ARG A 559 -27.22 10.01 6.92
C ARG A 559 -27.50 8.57 7.32
N GLU A 560 -26.64 7.67 6.85
CA GLU A 560 -26.70 6.26 7.21
C GLU A 560 -25.56 5.87 8.12
N PHE A 561 -24.43 6.54 7.96
CA PHE A 561 -23.24 6.22 8.74
C PHE A 561 -22.90 7.34 9.68
N ARG A 562 -21.84 7.17 10.46
CA ARG A 562 -21.45 8.19 11.40
C ARG A 562 -19.97 8.44 11.30
N LEU A 563 -19.57 9.70 11.46
CA LEU A 563 -18.16 9.98 11.59
C LEU A 563 -17.78 9.81 13.03
N PRO A 564 -16.60 9.34 13.38
CA PRO A 564 -15.97 9.42 14.66
C PRO A 564 -15.93 10.82 15.18
N LYS A 565 -16.23 11.07 16.41
CA LYS A 565 -16.13 12.38 17.00
C LYS A 565 -14.73 12.62 17.51
N LYS A 566 -14.10 11.55 17.99
CA LYS A 566 -12.74 11.67 18.48
C LYS A 566 -11.74 11.11 17.47
N VAL A 567 -10.58 11.74 17.39
CA VAL A 567 -9.53 11.34 16.47
C VAL A 567 -8.81 10.09 16.88
N ASP A 568 -8.68 9.16 15.94
CA ASP A 568 -7.90 7.98 16.18
C ASP A 568 -6.44 8.28 15.89
N LEU A 569 -5.65 8.42 16.91
CA LEU A 569 -4.28 8.84 16.69
C LEU A 569 -3.50 7.82 15.87
N GLU A 570 -3.95 6.57 15.88
CA GLU A 570 -3.24 5.57 15.10
C GLU A 570 -3.24 5.88 13.61
N MET A 571 -4.35 6.41 13.10
CA MET A 571 -4.46 6.67 11.67
C MET A 571 -3.80 7.99 11.30
N ILE A 572 -3.73 8.90 12.27
CA ILE A 572 -3.19 10.23 12.03
C ILE A 572 -1.69 10.34 12.28
N ILE A 573 -1.19 9.69 13.33
CA ILE A 573 0.22 9.80 13.68
C ILE A 573 1.07 8.89 12.82
N ASN A 574 2.15 9.44 12.27
CA ASN A 574 3.02 8.68 11.40
C ASN A 574 4.46 9.20 11.49
N ASP A 575 5.36 8.57 10.75
CA ASP A 575 6.78 8.91 10.77
C ASP A 575 7.22 9.58 9.47
N LYS A 576 6.28 10.18 8.78
CA LYS A 576 6.55 10.83 7.50
C LYS A 576 6.69 12.32 7.67
N ALA A 577 7.15 12.97 6.61
CA ALA A 577 7.29 14.42 6.59
C ALA A 577 5.93 15.05 6.34
N ILE A 578 5.79 16.30 6.74
CA ILE A 578 4.54 17.02 6.49
C ILE A 578 4.86 18.35 5.85
N SER A 579 4.17 18.68 4.78
CA SER A 579 4.39 19.96 4.15
C SER A 579 4.03 21.05 5.14
N PRO A 580 4.83 22.10 5.26
CA PRO A 580 4.57 23.24 6.08
C PRO A 580 3.43 24.04 5.46
N PRO A 581 2.78 24.91 6.24
CA PRO A 581 1.75 25.82 5.79
C PRO A 581 2.27 26.64 4.63
N LYS A 582 1.38 27.01 3.74
CA LYS A 582 1.74 27.79 2.56
C LYS A 582 2.73 28.89 2.88
N ASN A 583 2.46 29.68 3.90
CA ASN A 583 3.29 30.84 4.20
C ASN A 583 4.70 30.44 4.61
N LEU A 584 4.86 29.22 5.07
CA LEU A 584 6.16 28.73 5.50
C LEU A 584 6.74 27.76 4.49
N ILE A 585 6.18 27.75 3.29
CA ILE A 585 6.63 26.81 2.28
C ILE A 585 8.10 26.98 1.97
N TRP A 586 8.57 28.20 2.07
CA TRP A 586 9.93 28.52 1.70
C TRP A 586 10.94 27.90 2.65
N THR A 587 10.47 27.40 3.79
CA THR A 587 11.36 26.79 4.76
C THR A 587 11.86 25.46 4.25
N SER A 588 11.23 24.96 3.20
CA SER A 588 11.60 23.69 2.61
C SER A 588 12.90 23.79 1.81
N PHE A 589 13.34 25.00 1.53
CA PHE A 589 14.53 25.19 0.73
C PHE A 589 15.70 25.68 1.59
N PRO A 590 16.94 25.39 1.20
CA PRO A 590 18.15 25.87 1.81
C PRO A 590 18.13 27.37 1.85
N ARG A 591 18.56 27.94 2.98
CA ARG A 591 18.54 29.38 3.12
C ARG A 591 19.28 30.07 2.00
N ASN A 592 20.41 29.50 1.58
CA ASN A 592 21.22 30.13 0.55
C ASN A 592 20.53 30.13 -0.80
N TYR A 593 19.56 29.26 -0.99
CA TYR A 593 18.87 29.20 -2.27
C TYR A 593 17.71 30.16 -2.35
N MET A 594 17.41 30.83 -1.25
CA MET A 594 16.29 31.74 -1.24
C MET A 594 16.79 33.17 -1.36
N PRO A 595 16.04 34.02 -2.06
CA PRO A 595 16.21 35.45 -2.15
C PRO A 595 16.23 36.06 -0.78
N SER A 596 16.96 37.16 -0.63
CA SER A 596 17.07 37.79 0.67
C SER A 596 15.70 38.22 1.20
N HIS A 597 14.79 38.62 0.31
CA HIS A 597 13.49 39.03 0.81
C HIS A 597 12.78 37.85 1.40
N ILE A 598 13.02 36.67 0.84
CA ILE A 598 12.39 35.47 1.34
C ILE A 598 12.97 35.08 2.66
N GLN A 599 14.28 35.15 2.78
CA GLN A 599 14.91 34.78 4.03
C GLN A 599 14.41 35.64 5.17
N ASN A 600 14.26 36.93 4.93
CA ASN A 600 13.74 37.81 5.97
C ASN A 600 12.30 37.48 6.25
N TYR A 601 11.53 37.22 5.21
CA TYR A 601 10.12 36.93 5.40
C TYR A 601 9.91 35.62 6.14
N ILE A 602 10.76 34.63 5.91
CA ILE A 602 10.64 33.38 6.63
C ILE A 602 10.79 33.62 8.12
N GLU A 603 11.75 34.45 8.49
CA GLU A 603 11.96 34.74 9.89
C GLU A 603 10.76 35.45 10.49
N HIS A 604 10.13 36.32 9.72
CA HIS A 604 8.98 37.03 10.22
C HIS A 604 7.76 36.12 10.32
N GLU A 605 7.58 35.26 9.32
CA GLU A 605 6.41 34.38 9.30
C GLU A 605 6.46 33.31 10.37
N LYS A 606 7.65 32.78 10.65
CA LYS A 606 7.75 31.76 11.66
C LYS A 606 7.19 32.22 13.00
N LEU A 607 7.29 33.51 13.27
CA LEU A 607 6.82 34.07 14.53
C LEU A 607 5.31 34.11 14.62
N LYS A 608 4.64 33.89 13.50
CA LYS A 608 3.19 33.92 13.44
C LYS A 608 2.59 32.52 13.44
N PHE A 609 3.44 31.51 13.47
CA PHE A 609 2.98 30.14 13.43
C PHE A 609 3.32 29.37 14.70
N SER A 610 2.54 28.33 14.99
CA SER A 610 2.78 27.52 16.17
C SER A 610 3.93 26.57 15.95
N GLU A 611 4.37 25.91 17.01
CA GLU A 611 5.45 24.95 16.93
C GLU A 611 5.02 23.73 16.12
N SER A 612 3.74 23.42 16.16
CA SER A 612 3.20 22.30 15.39
C SER A 612 3.22 22.61 13.90
N ASP A 613 3.18 23.89 13.56
CA ASP A 613 3.16 24.30 12.16
C ASP A 613 4.55 24.26 11.57
N LYS A 614 5.54 24.51 12.41
CA LYS A 614 6.92 24.58 11.97
C LYS A 614 7.64 23.25 12.12
N SER A 615 6.91 22.23 12.53
CA SER A 615 7.52 20.95 12.86
C SER A 615 8.18 20.27 11.66
N ARG A 616 7.59 20.44 10.48
CA ARG A 616 8.08 19.82 9.25
C ARG A 616 7.97 18.30 9.25
N ARG A 617 7.43 17.73 10.32
CA ARG A 617 7.28 16.29 10.44
C ARG A 617 5.92 15.94 11.03
N VAL A 618 5.35 14.81 10.60
CA VAL A 618 4.02 14.44 11.05
C VAL A 618 3.96 14.17 12.54
N LEU A 619 4.87 13.37 13.04
CA LEU A 619 4.84 13.04 14.45
C LEU A 619 4.99 14.29 15.29
N GLU A 620 5.99 15.08 14.97
CA GLU A 620 6.25 16.31 15.69
C GLU A 620 5.10 17.29 15.58
N TYR A 621 4.43 17.29 14.43
CA TYR A 621 3.27 18.16 14.25
C TYR A 621 2.31 17.97 15.39
N TYR A 622 2.02 16.72 15.71
CA TYR A 622 1.07 16.44 16.76
C TYR A 622 1.68 16.54 18.15
N LEU A 623 2.93 16.13 18.30
CA LEU A 623 3.54 16.16 19.62
C LEU A 623 3.69 17.58 20.12
N ARG A 624 3.87 18.51 19.20
CA ARG A 624 4.08 19.90 19.54
C ARG A 624 2.76 20.67 19.66
N ASP A 625 1.65 20.01 19.42
CA ASP A 625 0.39 20.71 19.40
C ASP A 625 -0.22 20.84 20.78
N ASN A 626 0.14 21.91 21.47
CA ASN A 626 -0.30 22.13 22.83
C ASN A 626 -1.74 22.60 22.92
N LYS A 627 -2.38 22.77 21.77
CA LYS A 627 -3.78 23.17 21.74
C LYS A 627 -4.64 22.07 21.18
N PHE A 628 -4.04 20.90 21.00
CA PHE A 628 -4.70 19.74 20.43
C PHE A 628 -5.82 19.20 21.28
N ASN A 629 -6.91 18.80 20.63
CA ASN A 629 -7.94 18.04 21.32
C ASN A 629 -8.50 16.98 20.40
N GLU A 630 -9.18 16.02 21.00
CA GLU A 630 -9.65 14.84 20.30
C GLU A 630 -10.68 15.12 19.22
N CYS A 631 -11.34 16.27 19.28
CA CYS A 631 -12.41 16.55 18.34
C CYS A 631 -12.09 17.62 17.32
N ASP A 632 -10.82 18.02 17.25
CA ASP A 632 -10.46 19.07 16.31
C ASP A 632 -10.78 18.68 14.88
N LEU A 633 -10.52 17.42 14.52
CA LEU A 633 -10.77 17.00 13.16
C LEU A 633 -12.24 16.94 12.87
N TYR A 634 -13.00 16.39 13.81
CA TYR A 634 -14.42 16.29 13.63
C TYR A 634 -15.01 17.66 13.40
N ASN A 635 -14.62 18.61 14.24
CA ASN A 635 -15.16 19.95 14.16
C ASN A 635 -14.77 20.60 12.85
N CYS A 636 -13.54 20.39 12.41
CA CYS A 636 -13.06 20.98 11.16
C CYS A 636 -13.83 20.43 9.99
N VAL A 637 -14.13 19.15 10.03
CA VAL A 637 -14.88 18.54 8.96
C VAL A 637 -16.30 19.06 8.93
N VAL A 638 -16.94 19.11 10.08
CA VAL A 638 -18.33 19.52 10.13
C VAL A 638 -18.52 20.94 9.64
N ASN A 639 -17.64 21.85 10.05
CA ASN A 639 -17.80 23.24 9.65
C ASN A 639 -17.00 23.58 8.40
N GLN A 640 -16.48 22.56 7.72
CA GLN A 640 -15.74 22.77 6.48
C GLN A 640 -14.66 23.82 6.61
N SER A 641 -13.88 23.74 7.69
CA SER A 641 -12.85 24.74 7.96
C SER A 641 -11.67 24.62 7.01
N TYR A 642 -11.63 23.52 6.26
CA TYR A 642 -10.54 23.27 5.35
C TYR A 642 -10.78 23.84 3.96
N LEU A 643 -11.99 24.35 3.72
CA LEU A 643 -12.27 24.93 2.42
C LEU A 643 -11.84 26.38 2.40
N ASN A 644 -11.26 26.81 1.29
CA ASN A 644 -10.80 28.19 1.16
C ASN A 644 -9.85 28.53 2.28
N ASN A 645 -9.03 27.55 2.65
CA ASN A 645 -8.10 27.75 3.74
C ASN A 645 -6.77 28.27 3.22
N PRO A 646 -6.34 29.46 3.65
CA PRO A 646 -5.20 30.20 3.13
C PRO A 646 -3.89 29.50 3.37
N ASN A 647 -3.87 28.50 4.25
CA ASN A 647 -2.62 27.83 4.55
C ASN A 647 -2.43 26.58 3.72
N HIS A 648 -3.37 26.31 2.82
CA HIS A 648 -3.31 25.08 2.04
C HIS A 648 -2.35 25.19 0.87
N VAL A 649 -1.42 24.25 0.81
CA VAL A 649 -0.44 24.16 -0.27
C VAL A 649 -0.10 22.70 -0.54
N VAL A 650 0.19 22.37 -1.79
CA VAL A 650 0.59 20.99 -2.11
C VAL A 650 2.06 20.93 -2.47
N SER A 651 2.78 20.14 -1.70
CA SER A 651 4.22 20.03 -1.86
C SER A 651 4.61 18.71 -2.48
N LEU A 652 5.43 18.77 -3.52
CA LEU A 652 5.87 17.53 -4.16
C LEU A 652 7.34 17.24 -3.94
N THR A 653 7.65 15.97 -3.74
CA THR A 653 9.03 15.52 -3.69
C THR A 653 9.21 14.30 -4.57
N GLY A 654 10.45 14.04 -4.99
CA GLY A 654 10.71 12.95 -5.93
C GLY A 654 10.20 11.60 -5.42
N LYS A 655 10.30 11.38 -4.11
CA LYS A 655 9.84 10.13 -3.53
C LYS A 655 8.41 9.84 -3.97
N ARG A 663 7.11 8.18 -6.80
CA ARG A 663 6.60 8.88 -7.99
C ARG A 663 5.97 10.21 -7.64
N MET A 664 6.79 11.19 -7.27
CA MET A 664 6.27 12.52 -6.97
C MET A 664 5.29 12.47 -5.81
N PHE A 665 5.81 12.27 -4.62
CA PHE A 665 5.03 12.16 -3.41
C PHE A 665 4.45 13.50 -3.04
N ALA A 666 3.14 13.54 -2.78
CA ALA A 666 2.49 14.80 -2.46
C ALA A 666 2.20 14.93 -0.98
N MET A 667 2.48 16.11 -0.46
CA MET A 667 2.23 16.44 0.93
C MET A 667 1.42 17.70 1.05
N GLN A 668 0.63 17.78 2.10
CA GLN A 668 -0.10 18.99 2.43
C GLN A 668 -0.06 19.17 3.94
N PRO A 669 -0.23 20.37 4.47
CA PRO A 669 -0.21 20.68 5.89
C PRO A 669 -1.16 19.77 6.64
N GLY A 670 -0.79 19.46 7.88
CA GLY A 670 -1.50 18.51 8.72
C GLY A 670 -3.01 18.63 8.61
N MET A 671 -3.52 19.82 8.80
CA MET A 671 -4.96 20.03 8.75
C MET A 671 -5.59 19.30 7.57
N PHE A 672 -4.98 19.43 6.40
CA PHE A 672 -5.54 18.90 5.18
C PHE A 672 -5.23 17.43 5.07
N ARG A 673 -4.07 17.06 5.56
CA ARG A 673 -3.68 15.66 5.57
C ARG A 673 -4.67 14.85 6.38
N GLN A 674 -5.11 15.40 7.51
CA GLN A 674 -6.04 14.69 8.35
C GLN A 674 -7.36 14.46 7.65
N VAL A 675 -7.81 15.47 6.92
CA VAL A 675 -9.05 15.33 6.18
C VAL A 675 -8.90 14.29 5.09
N GLN A 676 -7.77 14.34 4.39
CA GLN A 676 -7.51 13.38 3.33
C GLN A 676 -7.52 11.97 3.86
N ILE A 677 -6.91 11.77 5.01
CA ILE A 677 -6.84 10.46 5.62
C ILE A 677 -8.21 9.99 6.05
N LEU A 678 -8.96 10.88 6.70
CA LEU A 678 -10.28 10.53 7.18
C LEU A 678 -11.18 10.13 6.04
N ALA A 679 -11.20 10.91 4.98
CA ALA A 679 -12.10 10.60 3.89
C ALA A 679 -11.81 9.20 3.37
N GLU A 680 -10.55 8.86 3.24
CA GLU A 680 -10.21 7.53 2.77
C GLU A 680 -10.57 6.47 3.78
N LYS A 681 -10.38 6.76 5.06
CA LYS A 681 -10.72 5.80 6.08
C LYS A 681 -12.20 5.50 6.11
N MET A 682 -13.02 6.54 6.00
CA MET A 682 -14.46 6.37 6.01
C MET A 682 -14.90 5.52 4.84
N ILE A 683 -14.28 5.74 3.69
CA ILE A 683 -14.60 4.90 2.56
C ILE A 683 -14.18 3.49 2.86
N ALA A 684 -12.97 3.34 3.39
CA ALA A 684 -12.44 2.01 3.63
C ALA A 684 -13.32 1.19 4.58
N GLU A 685 -13.84 1.81 5.64
CA GLU A 685 -14.62 1.02 6.58
C GLU A 685 -16.11 0.92 6.25
N ASN A 686 -16.70 1.98 5.68
CA ASN A 686 -18.13 1.97 5.46
C ASN A 686 -18.57 1.70 4.02
N ILE A 687 -17.71 1.98 3.06
CA ILE A 687 -18.16 1.93 1.67
C ILE A 687 -17.61 0.75 0.91
N LEU A 688 -16.33 0.43 1.11
CA LEU A 688 -15.73 -0.60 0.29
C LEU A 688 -16.44 -1.93 0.48
N GLN A 689 -17.20 -2.05 1.55
CA GLN A 689 -17.96 -3.26 1.81
C GLN A 689 -18.95 -3.54 0.69
N PHE A 690 -19.25 -2.51 -0.10
CA PHE A 690 -20.20 -2.64 -1.18
C PHE A 690 -19.48 -2.88 -2.51
N PHE A 691 -18.16 -2.82 -2.48
CA PHE A 691 -17.33 -2.96 -3.66
C PHE A 691 -16.24 -3.99 -3.43
N PRO A 692 -16.59 -5.27 -3.31
CA PRO A 692 -15.71 -6.35 -2.88
C PRO A 692 -14.54 -6.56 -3.81
N GLU A 693 -14.67 -6.10 -5.05
CA GLU A 693 -13.61 -6.25 -6.01
C GLU A 693 -12.61 -5.12 -5.95
N SER A 694 -12.86 -4.16 -5.07
CA SER A 694 -11.97 -3.01 -4.90
C SER A 694 -10.73 -3.42 -4.12
N LEU A 695 -10.77 -4.63 -3.59
CA LEU A 695 -9.71 -5.16 -2.78
C LEU A 695 -8.73 -5.98 -3.62
N ASN A 725 -27.07 -19.51 -28.71
CA ASN A 725 -25.72 -18.99 -28.56
C ASN A 725 -24.68 -20.07 -28.83
N ASN A 726 -24.68 -21.08 -27.97
CA ASN A 726 -23.79 -22.23 -28.08
C ASN A 726 -22.33 -21.90 -27.77
N TYR A 727 -22.07 -20.67 -27.35
CA TYR A 727 -20.73 -20.29 -26.94
C TYR A 727 -20.71 -18.97 -26.19
N ILE A 728 -19.94 -18.94 -25.10
CA ILE A 728 -19.77 -17.70 -24.36
C ILE A 728 -18.38 -17.17 -24.58
N SER A 729 -18.31 -15.98 -25.17
CA SER A 729 -17.02 -15.39 -25.47
C SER A 729 -16.42 -14.81 -24.22
N LYS A 730 -15.12 -14.99 -24.08
CA LYS A 730 -14.44 -14.44 -22.92
C LYS A 730 -13.17 -13.73 -23.31
N CYS A 731 -12.89 -12.66 -22.60
CA CYS A 731 -11.64 -11.92 -22.81
C CYS A 731 -11.31 -11.15 -21.56
N SER A 732 -10.11 -10.57 -21.53
CA SER A 732 -9.73 -9.74 -20.41
C SER A 732 -9.02 -8.47 -20.86
N ILE A 733 -9.46 -7.35 -20.30
CA ILE A 733 -8.82 -6.08 -20.58
C ILE A 733 -8.02 -5.62 -19.38
N ILE A 734 -6.73 -5.44 -19.57
CA ILE A 734 -5.85 -5.05 -18.47
C ILE A 734 -5.48 -3.59 -18.59
N THR A 735 -5.81 -2.81 -17.56
CA THR A 735 -5.62 -1.38 -17.66
C THR A 735 -4.74 -0.80 -16.56
N ASP A 736 -3.77 -0.01 -16.98
CA ASP A 736 -2.94 0.78 -16.08
C ASP A 736 -3.66 2.07 -15.74
N LEU A 737 -4.01 2.23 -14.48
CA LEU A 737 -4.79 3.36 -14.02
C LEU A 737 -3.94 4.39 -13.29
N SER A 738 -2.63 4.25 -13.38
CA SER A 738 -1.75 5.14 -12.63
C SER A 738 -1.92 6.61 -13.00
N LYS A 739 -2.29 6.87 -14.25
CA LYS A 739 -2.49 8.25 -14.69
C LYS A 739 -3.96 8.59 -14.77
N PHE A 740 -4.78 7.71 -14.24
CA PHE A 740 -6.23 7.91 -14.22
C PHE A 740 -6.55 9.02 -13.27
N ASN A 741 -5.84 9.06 -12.17
CA ASN A 741 -6.07 10.05 -11.14
C ASN A 741 -6.10 11.45 -11.74
N GLN A 742 -5.20 11.70 -12.69
CA GLN A 742 -5.07 13.00 -13.32
C GLN A 742 -6.27 13.37 -14.16
N ALA A 743 -7.04 12.36 -14.56
CA ALA A 743 -8.16 12.57 -15.47
C ALA A 743 -9.43 12.90 -14.73
N PHE A 744 -9.40 12.84 -13.40
CA PHE A 744 -10.60 13.10 -12.66
C PHE A 744 -10.84 14.57 -12.45
N ARG A 745 -12.10 14.95 -12.51
CA ARG A 745 -12.49 16.32 -12.25
C ARG A 745 -13.64 16.33 -11.28
N TYR A 746 -13.89 17.46 -10.66
CA TYR A 746 -15.01 17.55 -9.74
C TYR A 746 -16.25 16.95 -10.37
N GLU A 747 -16.50 17.33 -11.61
CA GLU A 747 -17.71 16.95 -12.32
C GLU A 747 -17.79 15.46 -12.58
N THR A 748 -16.69 14.74 -12.45
CA THR A 748 -16.69 13.32 -12.76
C THR A 748 -16.57 12.47 -11.53
N SER A 749 -15.99 13.02 -10.47
CA SER A 749 -15.76 12.25 -9.27
C SER A 749 -16.73 12.64 -8.17
N CYS A 750 -16.99 13.92 -8.05
CA CYS A 750 -17.75 14.37 -6.91
C CYS A 750 -19.23 14.15 -7.12
N ILE A 751 -19.58 13.73 -8.32
CA ILE A 751 -20.95 13.35 -8.56
C ILE A 751 -21.25 12.10 -7.75
N CYS A 752 -20.19 11.33 -7.47
CA CYS A 752 -20.30 10.12 -6.68
C CYS A 752 -19.94 10.39 -5.23
N SER A 753 -18.94 11.21 -5.00
CA SER A 753 -18.51 11.48 -3.64
C SER A 753 -19.61 12.23 -2.89
N ASP A 754 -20.46 12.95 -3.61
CA ASP A 754 -21.57 13.65 -2.98
C ASP A 754 -22.54 12.64 -2.38
N VAL A 755 -22.62 11.45 -2.97
CA VAL A 755 -23.48 10.41 -2.43
C VAL A 755 -22.91 9.99 -1.09
N LEU A 756 -21.60 9.84 -1.06
CA LEU A 756 -20.93 9.44 0.17
C LEU A 756 -21.06 10.53 1.22
N ASP A 757 -21.02 11.78 0.78
CA ASP A 757 -21.25 12.89 1.69
C ASP A 757 -22.59 12.72 2.37
N GLU A 758 -23.63 12.45 1.57
CA GLU A 758 -24.95 12.25 2.13
C GLU A 758 -25.02 11.04 3.03
N LEU A 759 -24.38 9.94 2.64
CA LEU A 759 -24.46 8.76 3.47
C LEU A 759 -23.85 9.02 4.83
N HIS A 760 -22.81 9.84 4.88
CA HIS A 760 -22.20 10.12 6.18
C HIS A 760 -22.75 11.38 6.82
N GLY A 761 -23.75 12.00 6.19
CA GLY A 761 -24.39 13.18 6.75
C GLY A 761 -23.45 14.35 6.82
N VAL A 762 -22.45 14.36 5.98
CA VAL A 762 -21.43 15.38 6.01
C VAL A 762 -21.26 15.92 4.63
N GLN A 763 -21.01 17.20 4.50
CA GLN A 763 -20.85 17.76 3.18
C GLN A 763 -19.42 18.12 2.94
N SER A 764 -18.96 17.89 1.71
CA SER A 764 -17.64 18.32 1.26
C SER A 764 -16.50 17.46 1.82
N LEU A 765 -16.84 16.39 2.53
CA LEU A 765 -15.81 15.52 3.07
C LEU A 765 -15.15 14.68 2.02
N PHE A 766 -15.93 14.13 1.11
CA PHE A 766 -15.35 13.22 0.15
C PHE A 766 -15.05 13.93 -1.16
N SER A 767 -15.41 15.20 -1.23
CA SER A 767 -15.14 16.04 -2.38
C SER A 767 -14.08 17.07 -2.03
N TRP A 768 -13.51 16.92 -0.85
CA TRP A 768 -12.52 17.86 -0.34
C TRP A 768 -11.42 18.14 -1.35
N LEU A 769 -11.00 17.11 -2.08
CA LEU A 769 -9.85 17.27 -2.95
C LEU A 769 -10.15 18.23 -4.07
N HIS A 770 -11.19 17.97 -4.82
CA HIS A 770 -11.46 18.80 -5.96
C HIS A 770 -11.94 20.18 -5.56
N LEU A 771 -12.45 20.31 -4.36
CA LEU A 771 -12.93 21.62 -3.92
C LEU A 771 -11.82 22.45 -3.27
N THR A 772 -10.62 21.90 -3.15
CA THR A 772 -9.53 22.62 -2.52
C THR A 772 -8.31 22.74 -3.41
N ILE A 773 -7.93 21.64 -4.04
CA ILE A 773 -6.69 21.60 -4.80
C ILE A 773 -6.59 22.67 -5.90
N PRO A 774 -7.65 22.95 -6.65
CA PRO A 774 -7.67 23.94 -7.71
C PRO A 774 -7.34 25.33 -7.20
N HIS A 775 -7.50 25.55 -5.90
CA HIS A 775 -7.32 26.88 -5.36
C HIS A 775 -5.96 27.07 -4.70
N VAL A 776 -5.09 26.09 -4.85
CA VAL A 776 -3.77 26.21 -4.24
C VAL A 776 -2.68 26.03 -5.26
N THR A 777 -1.48 26.49 -4.91
CA THR A 777 -0.33 26.32 -5.77
C THR A 777 0.29 24.97 -5.53
N ILE A 778 0.65 24.30 -6.62
CA ILE A 778 1.33 23.03 -6.56
C ILE A 778 2.80 23.28 -6.76
N ILE A 779 3.59 23.01 -5.74
CA ILE A 779 5.00 23.33 -5.76
C ILE A 779 5.91 22.14 -5.50
N CYS A 780 6.95 22.05 -6.31
CA CYS A 780 7.99 21.07 -6.01
C CYS A 780 8.83 21.63 -4.89
N THR A 781 8.94 20.88 -3.81
CA THR A 781 9.61 21.37 -2.63
C THR A 781 10.89 20.63 -2.35
N TYR A 782 11.40 19.93 -3.33
CA TYR A 782 12.63 19.23 -3.10
C TYR A 782 13.69 20.25 -2.72
N ARG A 783 14.44 19.94 -1.68
CA ARG A 783 15.47 20.82 -1.14
C ARG A 783 16.30 21.54 -2.19
N HIS A 784 16.74 20.84 -3.22
CA HIS A 784 17.63 21.44 -4.20
C HIS A 784 16.92 21.87 -5.45
N ALA A 785 15.60 21.93 -5.42
CA ALA A 785 14.85 22.32 -6.60
C ALA A 785 13.89 23.47 -6.33
N PRO A 786 14.40 24.64 -5.95
CA PRO A 786 13.63 25.83 -5.66
C PRO A 786 13.13 26.43 -6.95
N PRO A 787 12.03 27.15 -6.91
CA PRO A 787 11.52 28.01 -7.95
C PRO A 787 12.30 29.30 -7.96
N TYR A 788 12.24 30.02 -9.07
CA TYR A 788 12.73 31.37 -9.08
C TYR A 788 11.64 32.29 -8.58
N ILE A 789 11.96 33.08 -7.58
CA ILE A 789 10.98 33.99 -7.02
C ILE A 789 11.32 35.41 -7.37
N GLY A 790 10.38 36.12 -7.96
CA GLY A 790 10.63 37.49 -8.36
C GLY A 790 10.79 38.37 -7.13
N ASP A 791 11.40 39.52 -7.31
CA ASP A 791 11.69 40.39 -6.19
C ASP A 791 10.43 40.77 -5.43
N HIS A 792 10.52 40.71 -4.12
CA HIS A 792 9.47 41.12 -3.21
C HIS A 792 8.24 40.23 -3.26
N ILE A 793 8.33 39.10 -3.93
CA ILE A 793 7.19 38.18 -3.90
C ILE A 793 7.38 37.15 -2.80
N VAL A 794 6.50 37.17 -1.82
CA VAL A 794 6.54 36.25 -0.70
C VAL A 794 5.46 35.19 -0.81
N ASP A 795 4.29 35.62 -1.26
CA ASP A 795 3.13 34.76 -1.28
C ASP A 795 3.27 33.77 -2.41
N LEU A 796 3.30 32.49 -2.06
CA LEU A 796 3.48 31.44 -3.05
C LEU A 796 2.46 31.56 -4.18
N ASN A 797 1.25 31.98 -3.87
CA ASN A 797 0.21 32.04 -4.87
C ASN A 797 0.41 33.18 -5.83
N ASN A 798 1.37 34.04 -5.55
CA ASN A 798 1.67 35.15 -6.43
C ASN A 798 3.00 34.94 -7.11
N VAL A 799 3.55 33.73 -6.99
CA VAL A 799 4.81 33.42 -7.66
C VAL A 799 4.54 32.99 -9.08
N ASP A 800 5.30 33.56 -9.99
CA ASP A 800 5.12 33.29 -11.41
C ASP A 800 5.15 31.80 -11.69
N GLU A 801 4.19 31.34 -12.46
CA GLU A 801 4.17 29.95 -12.84
C GLU A 801 5.43 29.66 -13.62
N GLN A 802 6.01 28.51 -13.37
CA GLN A 802 7.27 28.14 -13.98
C GLN A 802 7.46 26.65 -13.90
N SER A 803 8.52 26.15 -14.49
CA SER A 803 8.75 24.73 -14.41
C SER A 803 8.84 24.33 -12.95
N GLY A 804 8.04 23.34 -12.57
CA GLY A 804 8.05 22.84 -11.21
C GLY A 804 7.16 23.63 -10.26
N LEU A 805 6.38 24.58 -10.79
CA LEU A 805 5.49 25.38 -9.96
C LEU A 805 4.30 25.90 -10.74
N TYR A 806 3.09 25.51 -10.35
CA TYR A 806 1.92 25.97 -11.08
C TYR A 806 0.64 25.96 -10.27
N ARG A 807 -0.38 26.63 -10.77
CA ARG A 807 -1.67 26.68 -10.10
C ARG A 807 -2.79 26.10 -10.95
N TYR A 808 -3.99 26.10 -10.38
CA TYR A 808 -5.19 25.67 -11.09
C TYR A 808 -5.08 24.23 -11.53
N HIS A 809 -4.60 23.40 -10.62
CA HIS A 809 -4.50 21.97 -10.82
C HIS A 809 -5.86 21.37 -10.50
N MET A 810 -6.57 20.89 -11.51
CA MET A 810 -7.94 20.45 -11.30
C MET A 810 -8.01 19.06 -10.66
N GLY A 811 -7.42 18.93 -9.49
CA GLY A 811 -7.45 17.69 -8.71
C GLY A 811 -6.64 16.59 -9.34
N GLY A 812 -6.91 15.36 -8.92
CA GLY A 812 -6.18 14.20 -9.43
C GLY A 812 -4.83 13.99 -8.79
N ILE A 813 -4.68 14.37 -7.52
CA ILE A 813 -3.39 14.17 -6.86
C ILE A 813 -3.23 12.71 -6.50
N GLU A 814 -2.21 12.09 -7.07
CA GLU A 814 -1.99 10.67 -6.87
C GLU A 814 -1.83 10.29 -5.42
N GLY A 815 -2.58 9.28 -5.01
CA GLY A 815 -2.50 8.75 -3.66
C GLY A 815 -3.59 9.32 -2.76
N TRP A 816 -4.21 10.40 -3.19
CA TRP A 816 -5.28 11.00 -2.42
C TRP A 816 -6.58 10.60 -3.07
N CYS A 817 -7.60 10.31 -2.27
CA CYS A 817 -8.87 9.87 -2.83
C CYS A 817 -8.70 8.65 -3.73
N GLN A 818 -7.71 7.83 -3.44
CA GLN A 818 -7.44 6.65 -4.26
C GLN A 818 -8.56 5.63 -4.16
N LYS A 819 -9.14 5.49 -2.96
CA LYS A 819 -10.21 4.51 -2.79
C LYS A 819 -11.46 5.01 -3.46
N LEU A 820 -11.65 6.31 -3.45
CA LEU A 820 -12.80 6.90 -4.10
C LEU A 820 -12.76 6.62 -5.57
N TRP A 821 -11.62 6.88 -6.17
CA TRP A 821 -11.48 6.68 -7.59
C TRP A 821 -11.62 5.22 -7.96
N THR A 822 -11.16 4.35 -7.07
CA THR A 822 -11.27 2.92 -7.29
C THR A 822 -12.74 2.50 -7.39
N ILE A 823 -13.55 2.95 -6.43
CA ILE A 823 -14.95 2.57 -6.44
C ILE A 823 -15.70 3.26 -7.58
N GLU A 824 -15.25 4.44 -7.97
CA GLU A 824 -15.84 5.09 -9.13
C GLU A 824 -15.56 4.29 -10.39
N ALA A 825 -14.36 3.74 -10.50
CA ALA A 825 -14.02 2.92 -11.64
C ALA A 825 -14.94 1.71 -11.70
N ILE A 826 -15.23 1.14 -10.55
CA ILE A 826 -16.11 -0.01 -10.50
C ILE A 826 -17.51 0.36 -10.98
N SER A 827 -17.99 1.49 -10.52
CA SER A 827 -19.30 1.94 -10.94
C SER A 827 -19.33 2.15 -12.45
N LEU A 828 -18.24 2.68 -13.00
CA LEU A 828 -18.17 2.86 -14.43
C LEU A 828 -18.22 1.51 -15.13
N LEU A 829 -17.51 0.54 -14.59
CA LEU A 829 -17.50 -0.78 -15.20
C LEU A 829 -18.89 -1.37 -15.23
N ASP A 830 -19.65 -1.18 -14.15
CA ASP A 830 -21.02 -1.68 -14.16
C ASP A 830 -21.82 -0.98 -15.25
N LEU A 831 -21.55 0.30 -15.48
CA LEU A 831 -22.22 1.01 -16.56
C LEU A 831 -21.81 0.44 -17.91
N ILE A 832 -20.54 0.08 -18.03
CA ILE A 832 -20.04 -0.52 -19.26
C ILE A 832 -20.66 -1.88 -19.53
N SER A 833 -20.75 -2.71 -18.50
CA SER A 833 -21.32 -4.04 -18.67
C SER A 833 -22.77 -3.94 -19.10
N LEU A 834 -23.45 -2.92 -18.59
CA LEU A 834 -24.82 -2.69 -18.96
C LEU A 834 -24.92 -2.29 -20.42
N LYS A 835 -24.15 -1.28 -20.81
CA LYS A 835 -24.22 -0.79 -22.17
C LYS A 835 -23.80 -1.84 -23.18
N GLY A 836 -22.81 -2.64 -22.83
CA GLY A 836 -22.26 -3.61 -23.74
C GLY A 836 -23.00 -4.94 -23.71
N LYS A 837 -24.03 -5.03 -22.88
CA LYS A 837 -24.79 -6.27 -22.76
C LYS A 837 -23.91 -7.47 -22.50
N PHE A 838 -23.01 -7.35 -21.53
CA PHE A 838 -22.12 -8.44 -21.15
C PHE A 838 -21.78 -8.40 -19.69
N SER A 839 -21.23 -9.48 -19.16
CA SER A 839 -20.91 -9.53 -17.75
C SER A 839 -19.46 -9.18 -17.49
N ILE A 840 -19.24 -8.35 -16.47
CA ILE A 840 -17.88 -8.02 -16.05
C ILE A 840 -17.54 -8.54 -14.67
N THR A 841 -16.43 -9.26 -14.60
CA THR A 841 -15.88 -9.68 -13.32
C THR A 841 -14.55 -8.97 -13.17
N ALA A 842 -14.57 -7.82 -12.51
CA ALA A 842 -13.39 -6.99 -12.45
C ALA A 842 -12.69 -7.15 -11.12
N LEU A 843 -11.38 -6.91 -11.14
CA LEU A 843 -10.58 -6.80 -9.94
C LEU A 843 -9.67 -5.59 -10.03
N ILE A 844 -9.67 -4.76 -9.01
CA ILE A 844 -8.77 -3.61 -8.99
C ILE A 844 -7.77 -3.73 -7.86
N ASN A 845 -6.51 -3.50 -8.16
CA ASN A 845 -5.46 -3.58 -7.16
C ASN A 845 -4.47 -2.45 -7.32
N GLY A 846 -4.52 -1.49 -6.41
CA GLY A 846 -3.64 -0.36 -6.50
C GLY A 846 -3.94 0.50 -7.72
N ASP A 847 -2.94 0.64 -8.59
CA ASP A 847 -3.06 1.48 -9.76
C ASP A 847 -3.37 0.73 -11.05
N ASN A 848 -3.82 -0.51 -10.95
CA ASN A 848 -4.18 -1.23 -12.17
C ASN A 848 -5.36 -2.16 -11.96
N GLN A 849 -6.03 -2.50 -13.05
CA GLN A 849 -7.20 -3.36 -12.97
C GLN A 849 -7.22 -4.44 -14.05
N SER A 850 -7.90 -5.54 -13.75
CA SER A 850 -8.13 -6.60 -14.70
C SER A 850 -9.62 -6.82 -14.88
N ILE A 851 -10.10 -6.59 -16.09
CA ILE A 851 -11.51 -6.70 -16.36
C ILE A 851 -11.85 -7.94 -17.16
N ASP A 852 -12.41 -8.94 -16.50
CA ASP A 852 -12.78 -10.18 -17.18
C ASP A 852 -14.18 -10.06 -17.76
N ILE A 853 -14.28 -10.18 -19.07
CA ILE A 853 -15.55 -9.99 -19.75
C ILE A 853 -16.09 -11.26 -20.34
N SER A 854 -17.37 -11.51 -20.09
CA SER A 854 -18.05 -12.70 -20.59
C SER A 854 -19.34 -12.35 -21.31
N LYS A 855 -19.46 -12.78 -22.57
CA LYS A 855 -20.65 -12.46 -23.34
C LYS A 855 -21.11 -13.65 -24.20
N PRO A 856 -22.26 -14.24 -23.89
CA PRO A 856 -22.92 -15.27 -24.65
C PRO A 856 -23.25 -14.74 -26.04
N ILE A 857 -22.78 -15.44 -27.07
CA ILE A 857 -23.03 -15.04 -28.44
C ILE A 857 -23.44 -16.22 -29.30
N ARG A 858 -23.98 -15.93 -30.48
CA ARG A 858 -24.23 -17.00 -31.44
C ARG A 858 -23.03 -17.17 -32.33
N LEU A 859 -22.31 -18.26 -32.13
CA LEU A 859 -21.08 -18.46 -32.86
C LEU A 859 -21.39 -18.57 -34.34
N MET A 860 -20.69 -17.78 -35.16
CA MET A 860 -20.96 -17.74 -36.59
C MET A 860 -20.28 -18.88 -37.32
N GLU A 861 -20.85 -19.28 -38.44
CA GLU A 861 -20.23 -20.32 -39.24
C GLU A 861 -18.85 -19.86 -39.69
N GLY A 862 -17.87 -20.74 -39.53
CA GLY A 862 -16.50 -20.43 -39.93
C GLY A 862 -15.75 -19.67 -38.84
N GLN A 863 -16.45 -19.33 -37.76
CA GLN A 863 -15.86 -18.59 -36.66
C GLN A 863 -15.42 -19.55 -35.57
N THR A 864 -14.21 -19.36 -35.06
CA THR A 864 -13.77 -20.19 -33.95
C THR A 864 -13.80 -19.41 -32.66
N HIS A 865 -13.52 -20.11 -31.57
CA HIS A 865 -13.62 -19.51 -30.26
C HIS A 865 -12.61 -18.39 -30.06
N ALA A 866 -11.40 -18.59 -30.56
CA ALA A 866 -10.36 -17.60 -30.41
C ALA A 866 -10.76 -16.31 -31.11
N GLN A 867 -11.42 -16.44 -32.24
CA GLN A 867 -11.85 -15.27 -33.00
C GLN A 867 -12.98 -14.58 -32.30
N ALA A 868 -13.90 -15.36 -31.75
CA ALA A 868 -15.02 -14.80 -31.03
C ALA A 868 -14.53 -14.02 -29.83
N ASP A 869 -13.51 -14.56 -29.16
CA ASP A 869 -12.96 -13.92 -27.98
C ASP A 869 -12.20 -12.67 -28.35
N TYR A 870 -11.47 -12.71 -29.45
CA TYR A 870 -10.73 -11.56 -29.90
C TYR A 870 -11.68 -10.45 -30.29
N LEU A 871 -12.73 -10.80 -31.02
CA LEU A 871 -13.70 -9.80 -31.42
C LEU A 871 -14.41 -9.23 -30.21
N LEU A 872 -14.68 -10.07 -29.22
CA LEU A 872 -15.27 -9.56 -28.00
C LEU A 872 -14.35 -8.54 -27.39
N ALA A 873 -13.08 -8.87 -27.28
CA ALA A 873 -12.13 -7.97 -26.68
C ALA A 873 -12.08 -6.66 -27.40
N LEU A 874 -12.11 -6.71 -28.73
CA LEU A 874 -12.07 -5.47 -29.49
C LEU A 874 -13.33 -4.68 -29.32
N ASN A 875 -14.47 -5.36 -29.35
CA ASN A 875 -15.74 -4.66 -29.24
C ASN A 875 -15.87 -4.05 -27.87
N SER A 876 -15.41 -4.78 -26.87
CA SER A 876 -15.46 -4.32 -25.50
C SER A 876 -14.43 -3.24 -25.27
N LEU A 877 -13.29 -3.36 -25.91
CA LEU A 877 -12.24 -2.37 -25.74
C LEU A 877 -12.70 -1.05 -26.31
N LYS A 878 -13.35 -1.10 -27.47
CA LYS A 878 -13.85 0.12 -28.09
C LYS A 878 -14.88 0.77 -27.19
N LEU A 879 -15.77 -0.05 -26.63
CA LEU A 879 -16.76 0.49 -25.72
C LEU A 879 -16.10 1.07 -24.49
N LEU A 880 -15.15 0.34 -23.94
CA LEU A 880 -14.46 0.78 -22.74
C LEU A 880 -13.76 2.09 -22.98
N TYR A 881 -13.03 2.18 -24.09
CA TYR A 881 -12.34 3.42 -24.40
C TYR A 881 -13.34 4.55 -24.52
N LYS A 882 -14.46 4.29 -25.16
CA LYS A 882 -15.48 5.31 -25.34
C LYS A 882 -16.06 5.74 -24.00
N GLU A 883 -16.37 4.78 -23.13
CA GLU A 883 -17.00 5.09 -21.87
C GLU A 883 -16.04 5.79 -20.92
N TYR A 884 -14.77 5.42 -20.94
CA TYR A 884 -13.80 6.13 -20.13
C TYR A 884 -13.60 7.51 -20.69
N ALA A 885 -13.50 7.61 -22.01
CA ALA A 885 -13.36 8.91 -22.63
C ALA A 885 -14.59 9.73 -22.31
N GLY A 886 -15.72 9.05 -22.22
CA GLY A 886 -17.01 9.67 -21.92
C GLY A 886 -17.04 10.33 -20.55
N ILE A 887 -16.03 10.07 -19.72
CA ILE A 887 -15.94 10.72 -18.42
C ILE A 887 -14.66 11.54 -18.32
N GLY A 888 -14.04 11.81 -19.46
CA GLY A 888 -12.85 12.65 -19.51
C GLY A 888 -11.54 11.87 -19.40
N HIS A 889 -11.61 10.55 -19.39
CA HIS A 889 -10.37 9.79 -19.27
C HIS A 889 -10.00 9.14 -20.58
N LYS A 890 -8.95 9.64 -21.18
CA LYS A 890 -8.49 9.10 -22.45
C LYS A 890 -7.51 7.99 -22.21
N LEU A 891 -7.77 6.83 -22.78
CA LEU A 891 -6.90 5.69 -22.59
C LEU A 891 -5.97 5.55 -23.77
N LYS A 892 -4.85 4.88 -23.54
CA LYS A 892 -3.86 4.72 -24.58
C LYS A 892 -3.49 3.25 -24.74
N GLY A 893 -3.04 2.88 -25.93
CA GLY A 893 -2.61 1.51 -26.21
C GLY A 893 -1.37 1.15 -25.42
N THR A 894 -0.74 2.15 -24.84
CA THR A 894 0.44 1.96 -24.02
C THR A 894 0.04 1.60 -22.58
N GLU A 895 -1.19 1.93 -22.22
CA GLU A 895 -1.67 1.72 -20.87
C GLU A 895 -2.61 0.54 -20.77
N THR A 896 -3.31 0.25 -21.86
CA THR A 896 -4.30 -0.83 -21.85
C THR A 896 -4.01 -1.88 -22.91
N TYR A 897 -4.08 -3.14 -22.50
CA TYR A 897 -3.89 -4.23 -23.43
C TYR A 897 -4.87 -5.34 -23.15
N ILE A 898 -5.00 -6.27 -24.10
CA ILE A 898 -5.97 -7.34 -23.95
C ILE A 898 -5.33 -8.71 -24.01
N SER A 899 -5.98 -9.67 -23.37
CA SER A 899 -5.58 -11.06 -23.37
C SER A 899 -6.82 -11.94 -23.44
N ARG A 900 -6.65 -13.22 -23.73
CA ARG A 900 -7.80 -14.08 -23.85
C ARG A 900 -8.33 -14.55 -22.51
N ASP A 901 -7.53 -15.30 -21.77
CA ASP A 901 -8.01 -15.82 -20.51
C ASP A 901 -6.93 -15.96 -19.44
N MET A 902 -5.79 -15.34 -19.65
CA MET A 902 -4.70 -15.45 -18.69
C MET A 902 -4.58 -14.22 -17.81
N GLN A 903 -4.26 -14.44 -16.53
CA GLN A 903 -4.10 -13.34 -15.59
C GLN A 903 -2.64 -13.09 -15.26
N PHE A 904 -2.21 -11.86 -15.47
CA PHE A 904 -0.85 -11.45 -15.18
C PHE A 904 -0.87 -10.26 -14.22
N MET A 905 -1.97 -10.15 -13.50
CA MET A 905 -2.21 -9.05 -12.57
C MET A 905 -1.45 -9.25 -11.26
N SER A 906 -1.16 -8.14 -10.58
CA SER A 906 -0.46 -8.14 -9.29
C SER A 906 0.95 -8.66 -9.44
N LYS A 907 1.47 -8.58 -10.66
CA LYS A 907 2.81 -9.00 -11.00
C LYS A 907 3.02 -10.50 -10.78
N THR A 908 1.93 -11.24 -10.69
CA THR A 908 2.04 -12.68 -10.57
C THR A 908 1.63 -13.30 -11.88
N ILE A 909 2.50 -14.12 -12.44
CA ILE A 909 2.20 -14.76 -13.70
C ILE A 909 1.57 -16.11 -13.44
N GLN A 910 0.33 -16.27 -13.87
CA GLN A 910 -0.31 -17.56 -13.70
C GLN A 910 -0.75 -18.12 -15.03
N HIS A 911 -0.32 -19.32 -15.34
CA HIS A 911 -0.66 -19.94 -16.60
C HIS A 911 -1.25 -21.31 -16.39
N ASN A 912 -2.48 -21.49 -16.87
CA ASN A 912 -3.21 -22.74 -16.67
C ASN A 912 -3.28 -23.09 -15.20
N GLY A 913 -3.42 -22.07 -14.37
CA GLY A 913 -3.56 -22.26 -12.94
C GLY A 913 -2.23 -22.39 -12.20
N VAL A 914 -1.13 -22.45 -12.94
CA VAL A 914 0.17 -22.60 -12.31
C VAL A 914 0.84 -21.27 -12.09
N TYR A 915 1.33 -21.06 -10.88
CA TYR A 915 2.00 -19.82 -10.54
C TYR A 915 3.47 -19.85 -10.94
N TYR A 916 3.88 -18.83 -11.67
CA TYR A 916 5.25 -18.67 -12.11
C TYR A 916 5.84 -17.44 -11.45
N PRO A 917 6.56 -17.61 -10.34
CA PRO A 917 7.02 -16.59 -9.43
C PRO A 917 8.17 -15.81 -9.99
N ALA A 918 8.40 -14.65 -9.40
CA ALA A 918 9.59 -13.87 -9.66
C ALA A 918 10.31 -13.69 -8.35
N SER A 919 10.91 -14.78 -7.87
CA SER A 919 11.45 -14.84 -6.52
C SER A 919 12.79 -14.14 -6.40
N ILE A 920 13.55 -14.09 -7.47
CA ILE A 920 14.85 -13.46 -7.42
C ILE A 920 14.70 -11.99 -7.15
N LYS A 921 13.71 -11.40 -7.78
CA LYS A 921 13.41 -9.99 -7.62
C LYS A 921 13.22 -9.59 -6.17
N LYS A 922 12.81 -10.54 -5.33
CA LYS A 922 12.49 -10.24 -3.95
C LYS A 922 13.70 -10.26 -3.03
N VAL A 923 14.81 -10.78 -3.51
CA VAL A 923 15.99 -10.93 -2.68
C VAL A 923 17.21 -10.20 -3.24
N LEU A 924 16.98 -9.34 -4.21
CA LEU A 924 18.08 -8.65 -4.86
C LEU A 924 18.86 -7.80 -3.89
N ARG A 925 18.18 -7.25 -2.90
CA ARG A 925 18.83 -6.31 -2.01
C ARG A 925 19.32 -6.96 -0.72
N VAL A 926 19.29 -8.28 -0.64
CA VAL A 926 19.74 -8.92 0.57
C VAL A 926 21.20 -8.62 0.80
N GLY A 927 21.53 -8.21 2.02
CA GLY A 927 22.89 -7.86 2.37
C GLY A 927 22.99 -7.60 3.86
N PRO A 928 24.17 -7.21 4.33
CA PRO A 928 24.56 -7.06 5.71
C PRO A 928 23.55 -6.33 6.59
N TRP A 929 23.44 -5.02 6.42
CA TRP A 929 22.61 -4.24 7.32
C TRP A 929 21.30 -3.83 6.68
N ILE A 930 20.57 -4.82 6.19
CA ILE A 930 19.38 -4.56 5.41
C ILE A 930 18.12 -4.40 6.26
N ASN A 931 17.34 -3.37 5.95
CA ASN A 931 16.08 -3.09 6.61
C ASN A 931 16.19 -3.02 8.12
N THR A 932 17.18 -2.30 8.59
CA THR A 932 17.40 -2.17 10.02
C THR A 932 17.68 -0.74 10.41
N ILE A 933 17.41 -0.41 11.67
CA ILE A 933 17.70 0.93 12.19
C ILE A 933 18.93 0.91 13.05
N LEU A 934 19.79 1.90 12.88
CA LEU A 934 21.02 1.97 13.64
C LEU A 934 21.82 0.70 13.46
N ASP A 935 21.73 0.11 12.28
CA ASP A 935 22.41 -1.12 12.00
C ASP A 935 22.18 -2.17 13.08
N ASP A 936 20.93 -2.27 13.53
CA ASP A 936 20.58 -3.27 14.53
C ASP A 936 20.81 -4.66 13.96
N PHE A 937 21.74 -5.36 14.59
CA PHE A 937 22.23 -6.65 14.15
C PHE A 937 21.16 -7.72 14.07
N LYS A 938 20.39 -7.88 15.14
CA LYS A 938 19.40 -8.93 15.16
C LYS A 938 18.32 -8.67 14.12
N VAL A 939 17.99 -7.41 13.94
CA VAL A 939 16.96 -7.07 12.97
C VAL A 939 17.39 -7.41 11.56
N SER A 940 18.64 -7.09 11.23
CA SER A 940 19.10 -7.39 9.89
C SER A 940 19.14 -8.88 9.67
N LEU A 941 19.43 -9.67 10.71
CA LEU A 941 19.42 -11.11 10.52
C LEU A 941 18.02 -11.57 10.20
N GLU A 942 17.04 -11.02 10.91
CA GLU A 942 15.65 -11.37 10.67
C GLU A 942 15.23 -10.95 9.29
N SER A 943 15.71 -9.80 8.85
CA SER A 943 15.41 -9.30 7.52
C SER A 943 15.96 -10.22 6.45
N ILE A 944 17.21 -10.64 6.62
CA ILE A 944 17.81 -11.56 5.67
C ILE A 944 17.01 -12.84 5.67
N GLY A 945 16.67 -13.31 6.84
CA GLY A 945 15.88 -14.52 6.96
C GLY A 945 14.57 -14.40 6.22
N SER A 946 13.83 -13.33 6.49
CA SER A 946 12.53 -13.11 5.90
C SER A 946 12.61 -12.99 4.39
N LEU A 947 13.57 -12.23 3.89
CA LEU A 947 13.66 -12.02 2.46
C LEU A 947 14.05 -13.30 1.75
N THR A 948 15.04 -14.00 2.27
CA THR A 948 15.52 -15.19 1.60
C THR A 948 14.51 -16.31 1.67
N GLN A 949 13.60 -16.22 2.63
CA GLN A 949 12.53 -17.19 2.76
C GLN A 949 11.69 -17.23 1.48
N GLU A 950 11.65 -16.13 0.74
CA GLU A 950 10.85 -16.05 -0.47
C GLU A 950 11.32 -17.05 -1.52
N LEU A 951 12.61 -17.35 -1.53
CA LEU A 951 13.13 -18.32 -2.48
C LEU A 951 12.57 -19.71 -2.21
N GLU A 952 12.19 -19.95 -0.97
CA GLU A 952 11.61 -21.23 -0.59
C GLU A 952 10.11 -21.22 -0.76
N TYR A 953 9.48 -20.11 -0.40
CA TYR A 953 8.04 -20.00 -0.43
C TYR A 953 7.48 -19.77 -1.82
N ARG A 954 8.18 -19.00 -2.62
CA ARG A 954 7.72 -18.74 -3.97
C ARG A 954 8.60 -19.46 -4.97
N GLY A 955 9.90 -19.44 -4.71
CA GLY A 955 10.85 -20.07 -5.62
C GLY A 955 10.79 -21.59 -5.51
N GLU A 956 10.19 -22.07 -4.44
CA GLU A 956 10.06 -23.49 -4.18
C GLU A 956 11.40 -24.21 -4.15
N SER A 957 12.41 -23.57 -3.57
CA SER A 957 13.69 -24.22 -3.39
C SER A 957 14.23 -24.01 -1.99
N LEU A 958 14.07 -25.04 -1.16
CA LEU A 958 14.48 -24.98 0.23
C LEU A 958 15.96 -24.77 0.34
N LEU A 959 16.71 -25.55 -0.42
CA LEU A 959 18.14 -25.52 -0.27
C LEU A 959 18.74 -24.28 -0.90
N CYS A 960 18.16 -23.81 -2.00
CA CYS A 960 18.70 -22.60 -2.60
C CYS A 960 18.54 -21.45 -1.65
N SER A 961 17.38 -21.37 -1.00
CA SER A 961 17.12 -20.28 -0.09
C SER A 961 18.03 -20.37 1.12
N LEU A 962 18.28 -21.58 1.56
CA LEU A 962 19.12 -21.82 2.72
C LEU A 962 20.56 -21.44 2.45
N ILE A 963 21.09 -21.86 1.32
CA ILE A 963 22.47 -21.54 1.02
C ILE A 963 22.63 -20.07 0.84
N PHE A 964 21.75 -19.48 0.04
CA PHE A 964 21.79 -18.06 -0.20
C PHE A 964 21.71 -17.30 1.11
N ARG A 965 20.78 -17.70 1.97
CA ARG A 965 20.65 -17.08 3.26
C ARG A 965 21.92 -17.21 4.08
N ASN A 966 22.50 -18.38 4.13
CA ASN A 966 23.68 -18.58 4.94
C ASN A 966 24.85 -17.76 4.43
N VAL A 967 24.91 -17.52 3.14
CA VAL A 967 25.96 -16.69 2.61
C VAL A 967 25.88 -15.31 3.19
N TRP A 968 24.70 -14.73 3.17
CA TRP A 968 24.59 -13.37 3.67
C TRP A 968 24.57 -13.31 5.18
N LEU A 969 24.04 -14.32 5.84
CA LEU A 969 24.07 -14.29 7.29
C LEU A 969 25.51 -14.40 7.72
N TYR A 970 26.28 -15.22 7.02
CA TYR A 970 27.67 -15.39 7.33
C TYR A 970 28.39 -14.07 7.18
N ASN A 971 28.18 -13.41 6.06
CA ASN A 971 28.87 -12.16 5.84
C ASN A 971 28.49 -11.16 6.93
N GLN A 972 27.21 -11.16 7.27
CA GLN A 972 26.70 -10.24 8.28
C GLN A 972 27.30 -10.47 9.65
N ILE A 973 27.51 -11.72 10.02
CA ILE A 973 28.02 -12.02 11.34
C ILE A 973 29.53 -12.12 11.41
N ALA A 974 30.13 -12.69 10.37
CA ALA A 974 31.55 -13.01 10.40
C ALA A 974 32.43 -11.92 9.79
N LEU A 975 31.92 -11.21 8.79
CA LEU A 975 32.79 -10.30 8.07
C LEU A 975 32.45 -8.84 8.32
N GLN A 976 31.18 -8.52 8.42
CA GLN A 976 30.76 -7.14 8.56
C GLN A 976 30.54 -6.72 9.99
N LEU A 977 30.38 -7.69 10.87
CA LEU A 977 30.06 -7.39 12.26
C LEU A 977 31.20 -6.65 12.94
N LYS A 978 32.40 -6.85 12.45
CA LYS A 978 33.59 -6.24 13.02
C LYS A 978 33.83 -4.84 12.49
N ASN A 979 32.98 -4.39 11.58
CA ASN A 979 33.10 -3.07 11.01
C ASN A 979 31.81 -2.29 11.20
N HIS A 980 31.26 -2.37 12.40
CA HIS A 980 29.99 -1.72 12.67
C HIS A 980 30.16 -0.21 12.71
N ALA A 981 29.25 0.50 12.08
CA ALA A 981 29.35 1.95 12.01
C ALA A 981 29.33 2.60 13.40
N LEU A 982 28.59 2.01 14.33
CA LEU A 982 28.46 2.62 15.64
C LEU A 982 29.26 1.90 16.70
N CYS A 983 29.39 0.59 16.54
CA CYS A 983 29.98 -0.22 17.59
C CYS A 983 31.37 -0.72 17.27
N ASN A 984 31.90 -0.36 16.11
CA ASN A 984 33.20 -0.86 15.71
C ASN A 984 33.22 -2.36 15.75
N ASN A 985 34.11 -2.92 16.56
CA ASN A 985 34.20 -4.36 16.66
C ASN A 985 33.70 -4.86 18.00
N LYS A 986 32.98 -4.03 18.72
CA LYS A 986 32.49 -4.44 20.03
C LYS A 986 31.55 -5.60 19.91
N LEU A 987 30.66 -5.54 18.93
CA LEU A 987 29.68 -6.59 18.74
C LEU A 987 30.39 -7.85 18.31
N TYR A 988 31.44 -7.67 17.52
CA TYR A 988 32.24 -8.79 17.07
C TYR A 988 32.97 -9.44 18.23
N LEU A 989 33.53 -8.63 19.11
CA LEU A 989 34.21 -9.18 20.24
C LEU A 989 33.23 -9.96 21.10
N ASP A 990 32.00 -9.46 21.20
CA ASP A 990 30.99 -10.15 21.96
C ASP A 990 30.59 -11.48 21.33
N ILE A 991 30.48 -11.53 20.01
CA ILE A 991 30.14 -12.81 19.42
C ILE A 991 31.29 -13.77 19.63
N LEU A 992 32.52 -13.27 19.62
CA LEU A 992 33.64 -14.17 19.85
C LEU A 992 33.55 -14.77 21.24
N LYS A 993 33.15 -13.98 22.23
CA LYS A 993 32.96 -14.52 23.57
C LYS A 993 31.92 -15.61 23.54
N VAL A 994 30.86 -15.38 22.78
CA VAL A 994 29.79 -16.37 22.65
C VAL A 994 30.30 -17.62 22.00
N LEU A 995 31.11 -17.47 20.96
CA LEU A 995 31.60 -18.64 20.28
C LEU A 995 32.55 -19.43 21.16
N LYS A 996 33.37 -18.72 21.93
CA LYS A 996 34.27 -19.40 22.85
C LYS A 996 33.46 -20.12 23.91
N HIS A 997 32.39 -19.47 24.35
CA HIS A 997 31.48 -20.04 25.32
C HIS A 997 30.87 -21.32 24.78
N LEU A 998 30.35 -21.26 23.56
CA LEU A 998 29.75 -22.42 22.95
C LEU A 998 30.77 -23.51 22.76
N LYS A 999 31.97 -23.12 22.36
CA LYS A 999 33.01 -24.11 22.16
C LYS A 999 33.19 -24.92 23.42
N THR A 1000 33.26 -24.24 24.56
CA THR A 1000 33.41 -24.94 25.81
C THR A 1000 32.15 -25.71 26.18
N PHE A 1001 31.00 -25.05 26.12
CA PHE A 1001 29.75 -25.66 26.56
C PHE A 1001 29.47 -26.96 25.82
N PHE A 1002 29.64 -26.93 24.51
CA PHE A 1002 29.33 -28.07 23.69
C PHE A 1002 30.56 -28.87 23.32
N ASN A 1003 31.67 -28.63 23.99
CA ASN A 1003 32.87 -29.40 23.72
C ASN A 1003 33.16 -29.47 22.23
N LEU A 1004 33.23 -28.33 21.59
CA LEU A 1004 33.47 -28.27 20.16
C LEU A 1004 34.95 -28.20 19.88
N ASP A 1005 35.33 -28.45 18.64
CA ASP A 1005 36.73 -28.50 18.27
C ASP A 1005 37.34 -27.13 18.05
N ASN A 1006 36.55 -26.19 17.56
CA ASN A 1006 37.08 -24.87 17.26
C ASN A 1006 35.99 -23.81 17.17
N ILE A 1007 36.41 -22.58 16.97
CA ILE A 1007 35.50 -21.46 16.86
C ILE A 1007 34.68 -21.52 15.60
N ASP A 1008 35.29 -21.91 14.50
CA ASP A 1008 34.56 -22.01 13.25
C ASP A 1008 33.36 -22.93 13.42
N THR A 1009 33.55 -23.99 14.19
CA THR A 1009 32.47 -24.91 14.49
C THR A 1009 31.46 -24.24 15.39
N ALA A 1010 31.96 -23.51 16.38
CA ALA A 1010 31.06 -22.80 17.29
C ALA A 1010 30.18 -21.85 16.51
N LEU A 1011 30.73 -21.20 15.50
CA LEU A 1011 29.94 -20.30 14.68
C LEU A 1011 28.96 -21.08 13.84
N THR A 1012 29.42 -22.19 13.29
CA THR A 1012 28.55 -23.02 12.49
C THR A 1012 27.32 -23.37 13.30
N LEU A 1013 27.53 -23.74 14.56
CA LEU A 1013 26.41 -24.01 15.46
C LEU A 1013 25.62 -22.76 15.78
N TYR A 1014 26.31 -21.67 16.12
CA TYR A 1014 25.64 -20.46 16.53
C TYR A 1014 24.58 -20.05 15.53
N MET A 1015 24.95 -20.06 14.26
CA MET A 1015 24.09 -19.59 13.20
C MET A 1015 22.93 -20.53 12.92
N ASN A 1016 22.92 -21.67 13.59
CA ASN A 1016 21.82 -22.60 13.45
C ASN A 1016 20.95 -22.64 14.69
N LEU A 1017 21.28 -21.83 15.69
CA LEU A 1017 20.49 -21.82 16.89
C LEU A 1017 19.45 -20.71 16.84
N PRO A 1018 18.26 -20.91 17.38
CA PRO A 1018 17.15 -19.97 17.36
C PRO A 1018 17.55 -18.64 17.91
N MET A 1019 17.12 -17.58 17.27
CA MET A 1019 17.35 -16.25 17.77
C MET A 1019 16.65 -16.07 19.10
N LEU A 1020 15.59 -16.84 19.33
CA LEU A 1020 14.88 -16.80 20.60
C LEU A 1020 15.82 -17.08 21.76
N PHE A 1021 16.84 -17.89 21.54
CA PHE A 1021 17.76 -18.28 22.57
C PHE A 1021 19.07 -17.53 22.46
N GLY A 1022 19.09 -16.48 21.66
CA GLY A 1022 20.30 -15.71 21.48
C GLY A 1022 21.16 -16.28 20.36
N GLY A 1023 20.59 -17.18 19.57
CA GLY A 1023 21.32 -17.79 18.47
C GLY A 1023 21.28 -16.88 17.25
N GLY A 1024 21.83 -17.36 16.15
CA GLY A 1024 21.89 -16.56 14.93
C GLY A 1024 20.95 -17.00 13.83
N ASP A 1025 20.03 -17.91 14.11
CA ASP A 1025 19.14 -18.43 13.07
C ASP A 1025 17.76 -17.77 13.05
N PRO A 1026 17.46 -16.94 12.03
CA PRO A 1026 16.23 -16.20 11.85
C PRO A 1026 15.13 -17.00 11.17
N ASN A 1027 15.41 -18.26 10.82
CA ASN A 1027 14.43 -19.06 10.11
C ASN A 1027 14.30 -20.43 10.70
N LEU A 1028 13.43 -20.58 11.68
CA LEU A 1028 13.26 -21.85 12.36
C LEU A 1028 12.81 -22.89 11.36
N LEU A 1029 13.28 -24.12 11.55
CA LEU A 1029 13.00 -25.19 10.59
C LEU A 1029 11.53 -25.37 10.30
N TYR A 1030 10.68 -25.14 11.27
CA TYR A 1030 9.26 -25.37 11.04
C TYR A 1030 8.76 -24.51 9.89
N ARG A 1031 9.41 -23.37 9.65
CA ARG A 1031 8.99 -22.44 8.62
C ARG A 1031 9.16 -23.04 7.23
N SER A 1032 9.91 -24.12 7.13
CA SER A 1032 10.09 -24.77 5.86
C SER A 1032 8.94 -25.69 5.55
N PHE A 1033 8.08 -25.92 6.53
CA PHE A 1033 6.98 -26.83 6.32
C PHE A 1033 5.63 -26.14 6.49
N TYR A 1034 5.53 -25.24 7.43
CA TYR A 1034 4.29 -24.48 7.57
C TYR A 1034 4.61 -23.08 8.04
N ARG A 1035 3.76 -22.13 7.67
CA ARG A 1035 4.08 -20.74 7.90
C ARG A 1035 3.81 -20.24 9.30
N ARG A 1036 2.76 -20.74 9.95
CA ARG A 1036 2.39 -20.14 11.22
C ARG A 1036 2.28 -21.15 12.35
N THR A 1037 2.72 -20.72 13.52
CA THR A 1037 2.61 -21.52 14.73
C THR A 1037 2.07 -20.63 15.84
N PRO A 1038 1.28 -21.18 16.76
CA PRO A 1038 0.82 -20.54 17.98
C PRO A 1038 1.85 -20.63 19.10
N ASP A 1039 2.97 -21.32 18.86
CA ASP A 1039 3.95 -21.54 19.91
C ASP A 1039 5.38 -21.53 19.39
N PHE A 1040 6.04 -20.38 19.51
CA PHE A 1040 7.39 -20.23 19.02
C PHE A 1040 8.40 -20.93 19.91
N LEU A 1041 8.13 -20.95 21.21
CA LEU A 1041 9.07 -21.57 22.13
C LEU A 1041 9.24 -23.04 21.82
N THR A 1042 8.14 -23.73 21.64
CA THR A 1042 8.20 -25.14 21.35
C THR A 1042 8.95 -25.37 20.07
N GLU A 1043 8.67 -24.54 19.06
CA GLU A 1043 9.37 -24.69 17.80
C GLU A 1043 10.86 -24.44 17.95
N ALA A 1044 11.21 -23.43 18.76
CA ALA A 1044 12.61 -23.12 18.98
C ALA A 1044 13.30 -24.27 19.67
N ILE A 1045 12.61 -24.90 20.61
CA ILE A 1045 13.19 -26.01 21.32
C ILE A 1045 13.42 -27.18 20.39
N VAL A 1046 12.40 -27.50 19.60
CA VAL A 1046 12.53 -28.60 18.64
C VAL A 1046 13.61 -28.30 17.63
N HIS A 1047 13.62 -27.07 17.16
CA HIS A 1047 14.64 -26.65 16.24
C HIS A 1047 15.99 -26.97 16.83
N SER A 1048 16.24 -26.52 18.05
CA SER A 1048 17.53 -26.76 18.68
C SER A 1048 17.82 -28.24 18.79
N VAL A 1049 16.80 -29.04 19.10
CA VAL A 1049 17.01 -30.48 19.19
C VAL A 1049 17.48 -31.03 17.86
N PHE A 1050 16.81 -30.61 16.79
CA PHE A 1050 17.16 -31.08 15.46
C PHE A 1050 18.56 -30.64 15.08
N ILE A 1051 18.89 -29.40 15.41
CA ILE A 1051 20.19 -28.87 15.09
C ILE A 1051 21.29 -29.58 15.86
N LEU A 1052 21.07 -29.78 17.14
CA LEU A 1052 22.08 -30.41 17.97
C LEU A 1052 22.29 -31.87 17.60
N SER A 1053 21.28 -32.51 17.00
CA SER A 1053 21.42 -33.90 16.62
C SER A 1053 22.58 -34.06 15.64
N TYR A 1054 22.93 -32.97 14.96
CA TYR A 1054 24.05 -32.93 14.03
C TYR A 1054 25.33 -33.32 14.73
N TYR A 1055 25.49 -32.84 15.95
CA TYR A 1055 26.71 -33.02 16.71
C TYR A 1055 26.61 -34.27 17.59
N THR A 1056 25.41 -34.58 18.05
CA THR A 1056 25.23 -35.71 18.96
C THR A 1056 24.93 -37.00 18.23
N ASN A 1057 24.68 -36.90 16.93
CA ASN A 1057 24.36 -38.06 16.11
C ASN A 1057 23.12 -38.75 16.61
N HIS A 1058 22.16 -37.96 17.05
CA HIS A 1058 20.89 -38.51 17.52
C HIS A 1058 20.00 -38.78 16.33
N ASP A 1059 19.34 -39.93 16.31
CA ASP A 1059 18.46 -40.26 15.20
C ASP A 1059 17.08 -39.66 15.37
N LEU A 1060 16.75 -38.69 14.52
CA LEU A 1060 15.49 -37.96 14.64
C LEU A 1060 14.31 -38.77 14.13
N LYS A 1061 14.56 -39.97 13.65
CA LYS A 1061 13.46 -40.85 13.24
C LYS A 1061 12.93 -41.62 14.44
N ASP A 1062 13.64 -41.54 15.56
CA ASP A 1062 13.27 -42.29 16.75
C ASP A 1062 12.81 -41.36 17.87
N LYS A 1063 12.44 -41.94 19.01
CA LYS A 1063 12.07 -41.19 20.19
C LYS A 1063 13.33 -40.67 20.88
N LEU A 1064 13.24 -39.50 21.48
CA LEU A 1064 14.42 -38.99 22.17
C LEU A 1064 14.87 -39.95 23.24
N GLN A 1065 16.16 -40.25 23.23
CA GLN A 1065 16.73 -41.19 24.20
C GLN A 1065 18.07 -40.69 24.69
N ASP A 1066 18.44 -41.08 25.89
CA ASP A 1066 19.71 -40.62 26.45
C ASP A 1066 20.89 -41.31 25.79
N LEU A 1067 21.76 -40.51 25.20
CA LEU A 1067 22.96 -41.00 24.54
C LEU A 1067 24.17 -40.70 25.39
N SER A 1068 25.30 -41.31 25.05
CA SER A 1068 26.55 -41.05 25.74
C SER A 1068 27.00 -39.61 25.52
N ASP A 1069 26.47 -39.00 24.47
CA ASP A 1069 26.72 -37.59 24.19
C ASP A 1069 25.65 -36.75 24.86
N ASP A 1070 26.02 -36.08 25.93
CA ASP A 1070 25.06 -35.35 26.75
C ASP A 1070 24.88 -33.91 26.29
N ARG A 1071 25.45 -33.56 25.16
CA ARG A 1071 25.36 -32.17 24.71
C ARG A 1071 23.91 -31.71 24.71
N LEU A 1072 23.01 -32.56 24.25
CA LEU A 1072 21.60 -32.18 24.20
C LEU A 1072 20.99 -32.09 25.57
N ASN A 1073 21.35 -33.02 26.45
CA ASN A 1073 20.78 -33.00 27.78
C ASN A 1073 21.27 -31.79 28.55
N LYS A 1074 22.52 -31.39 28.30
CA LYS A 1074 23.02 -30.19 28.95
C LYS A 1074 22.22 -29.00 28.47
N PHE A 1075 21.99 -28.95 27.18
CA PHE A 1075 21.22 -27.87 26.60
C PHE A 1075 19.83 -27.80 27.20
N LEU A 1076 19.12 -28.92 27.18
CA LEU A 1076 17.76 -28.93 27.66
C LEU A 1076 17.72 -28.58 29.13
N THR A 1077 18.70 -29.08 29.88
CA THR A 1077 18.76 -28.79 31.30
C THR A 1077 18.85 -27.30 31.51
N CYS A 1078 19.68 -26.65 30.71
CA CYS A 1078 19.88 -25.22 30.81
C CYS A 1078 18.65 -24.43 30.41
N ILE A 1079 17.82 -24.99 29.53
CA ILE A 1079 16.61 -24.31 29.14
C ILE A 1079 15.59 -24.33 30.27
N ILE A 1080 15.43 -25.49 30.90
CA ILE A 1080 14.44 -25.64 31.96
C ILE A 1080 14.93 -25.14 33.32
N THR A 1081 16.21 -25.27 33.60
CA THR A 1081 16.72 -24.91 34.91
C THR A 1081 17.32 -23.54 34.90
N PHE A 1082 16.73 -22.63 35.65
CA PHE A 1082 17.23 -21.29 35.75
C PHE A 1082 16.63 -20.58 36.93
N ASP A 1083 17.24 -19.48 37.34
CA ASP A 1083 16.68 -18.68 38.41
C ASP A 1083 15.46 -17.92 37.92
N LYS A 1084 14.36 -18.08 38.62
CA LYS A 1084 13.14 -17.41 38.24
C LYS A 1084 13.22 -15.94 38.56
N ASN A 1085 12.78 -15.11 37.64
CA ASN A 1085 12.81 -13.67 37.84
C ASN A 1085 11.70 -12.98 37.07
N PRO A 1086 10.44 -13.21 37.45
CA PRO A 1086 9.27 -12.64 36.83
C PRO A 1086 9.22 -11.16 37.14
N ASN A 1087 8.68 -10.40 36.21
CA ASN A 1087 8.55 -8.96 36.40
C ASN A 1087 7.50 -8.39 35.47
N ALA A 1088 6.42 -7.87 36.03
CA ALA A 1088 5.35 -7.32 35.21
C ALA A 1088 4.92 -8.34 34.18
N GLU A 1089 4.70 -9.55 34.63
CA GLU A 1089 4.40 -10.67 33.75
C GLU A 1089 3.09 -10.54 33.00
N PHE A 1090 2.10 -9.88 33.59
CA PHE A 1090 0.82 -9.84 32.93
C PHE A 1090 0.82 -8.84 31.80
N VAL A 1091 1.45 -7.70 32.00
CA VAL A 1091 1.51 -6.75 30.89
C VAL A 1091 2.44 -7.25 29.82
N THR A 1092 3.47 -7.98 30.19
CA THR A 1092 4.36 -8.50 29.18
C THR A 1092 3.61 -9.50 28.31
N LEU A 1093 2.82 -10.37 28.93
CA LEU A 1093 2.03 -11.33 28.19
C LEU A 1093 0.95 -10.65 27.36
N MET A 1094 0.37 -9.60 27.90
CA MET A 1094 -0.61 -8.84 27.14
C MET A 1094 0.00 -8.30 25.86
N ARG A 1095 1.18 -7.69 26.01
CA ARG A 1095 1.89 -7.15 24.86
C ARG A 1095 2.38 -8.24 23.93
N ASP A 1096 2.80 -9.36 24.51
CA ASP A 1096 3.26 -10.51 23.74
C ASP A 1096 2.97 -11.81 24.47
N PRO A 1097 1.85 -12.45 24.17
CA PRO A 1097 1.33 -13.65 24.78
C PRO A 1097 2.33 -14.80 24.76
N GLN A 1098 3.32 -14.74 23.87
CA GLN A 1098 4.28 -15.83 23.80
C GLN A 1098 5.60 -15.48 24.48
N ALA A 1099 5.63 -14.36 25.19
CA ALA A 1099 6.82 -13.91 25.89
C ALA A 1099 7.17 -14.88 27.01
N LEU A 1100 8.45 -14.95 27.35
CA LEU A 1100 8.93 -15.88 28.37
C LEU A 1100 9.27 -15.20 29.68
N GLY A 1101 9.93 -14.06 29.62
CA GLY A 1101 10.32 -13.39 30.86
C GLY A 1101 11.56 -14.00 31.48
N SER A 1102 11.90 -13.55 32.69
CA SER A 1102 13.09 -13.98 33.42
C SER A 1102 14.35 -13.90 32.57
N GLU A 1103 14.42 -12.88 31.71
CA GLU A 1103 15.58 -12.70 30.86
C GLU A 1103 15.94 -13.98 30.10
N ARG A 1104 14.93 -14.69 29.61
CA ARG A 1104 15.17 -15.92 28.87
C ARG A 1104 14.95 -15.73 27.39
N GLN A 1105 14.84 -14.48 26.97
CA GLN A 1105 14.63 -14.15 25.57
C GLN A 1105 15.34 -12.86 25.22
N ALA A 1106 15.64 -12.69 23.94
CA ALA A 1106 16.25 -11.46 23.47
C ALA A 1106 15.28 -10.32 23.62
N LYS A 1107 15.81 -9.16 23.97
CA LYS A 1107 14.99 -7.97 24.08
C LYS A 1107 14.88 -7.29 22.73
N ILE A 1108 13.79 -6.59 22.51
CA ILE A 1108 13.57 -5.91 21.25
C ILE A 1108 13.45 -4.42 21.44
N THR A 1109 13.59 -3.67 20.35
CA THR A 1109 13.60 -2.23 20.41
C THR A 1109 12.30 -1.70 21.01
N SER A 1110 11.21 -2.37 20.72
CA SER A 1110 9.92 -1.94 21.25
C SER A 1110 9.94 -1.92 22.77
N GLU A 1111 10.69 -2.83 23.38
CA GLU A 1111 10.74 -2.95 24.83
C GLU A 1111 11.83 -2.08 25.41
N ILE A 1112 12.96 -2.05 24.73
CA ILE A 1112 14.12 -1.32 25.20
C ILE A 1112 13.93 0.18 25.13
N ASN A 1113 13.33 0.64 24.06
CA ASN A 1113 13.17 2.06 23.86
C ASN A 1113 11.89 2.61 24.49
N ARG A 1114 11.02 1.75 24.99
CA ARG A 1114 9.74 2.26 25.44
C ARG A 1114 9.92 3.31 26.52
N LEU A 1115 10.94 3.15 27.35
CA LEU A 1115 11.17 4.13 28.39
C LEU A 1115 11.63 5.43 27.79
N ALA A 1116 12.56 5.35 26.84
CA ALA A 1116 13.06 6.54 26.20
C ALA A 1116 11.94 7.30 25.53
N VAL A 1117 11.00 6.56 24.95
CA VAL A 1117 9.90 7.20 24.26
C VAL A 1117 9.03 7.94 25.24
N THR A 1118 8.69 7.30 26.35
CA THR A 1118 7.83 7.94 27.33
C THR A 1118 8.54 9.11 27.98
N GLU A 1119 9.85 9.03 28.12
CA GLU A 1119 10.62 10.13 28.68
C GLU A 1119 10.52 11.36 27.79
N VAL A 1120 10.48 11.12 26.48
CA VAL A 1120 10.34 12.20 25.53
C VAL A 1120 8.90 12.69 25.48
N LEU A 1121 7.96 11.77 25.42
CA LEU A 1121 6.56 12.13 25.32
C LEU A 1121 6.10 12.90 26.53
N SER A 1122 6.63 12.57 27.69
CA SER A 1122 6.20 13.21 28.93
C SER A 1122 6.50 14.69 28.94
N THR A 1123 7.34 15.15 28.01
CA THR A 1123 7.69 16.55 27.91
C THR A 1123 7.07 17.22 26.68
N ALA A 1124 6.24 16.47 25.97
CA ALA A 1124 5.63 17.02 24.76
C ALA A 1124 4.67 18.14 25.13
N PRO A 1125 4.65 19.23 24.35
CA PRO A 1125 3.68 20.32 24.43
C PRO A 1125 2.26 19.82 24.35
N ASN A 1126 2.03 18.75 23.59
CA ASN A 1126 0.71 18.18 23.45
C ASN A 1126 0.34 17.38 24.69
N LYS A 1127 -0.64 17.88 25.41
CA LYS A 1127 -1.05 17.31 26.68
C LYS A 1127 -1.55 15.89 26.56
N ILE A 1128 -2.15 15.56 25.42
CA ILE A 1128 -2.70 14.22 25.28
C ILE A 1128 -1.60 13.20 25.41
N PHE A 1129 -0.47 13.48 24.79
CA PHE A 1129 0.64 12.56 24.82
C PHE A 1129 1.41 12.66 26.12
N SER A 1130 1.62 13.87 26.59
CA SER A 1130 2.42 14.02 27.80
C SER A 1130 1.69 13.47 29.00
N LYS A 1131 0.37 13.61 29.01
CA LYS A 1131 -0.40 13.08 30.13
C LYS A 1131 -0.33 11.57 30.14
N SER A 1132 -0.54 10.98 28.97
CA SER A 1132 -0.49 9.53 28.85
C SER A 1132 0.87 8.99 29.22
N ALA A 1133 1.92 9.66 28.73
CA ALA A 1133 3.28 9.24 28.98
C ALA A 1133 3.62 9.33 30.46
N GLN A 1134 3.18 10.41 31.09
CA GLN A 1134 3.49 10.61 32.51
C GLN A 1134 2.86 9.52 33.37
N HIS A 1135 1.71 9.03 32.97
CA HIS A 1135 1.04 7.99 33.72
C HIS A 1135 1.33 6.62 33.15
N TYR A 1136 2.19 6.55 32.15
CA TYR A 1136 2.45 5.30 31.46
C TYR A 1136 2.93 4.23 32.41
N THR A 1137 3.93 4.55 33.23
CA THR A 1137 4.49 3.56 34.13
C THR A 1137 3.45 3.08 35.12
N THR A 1138 2.72 4.01 35.69
CA THR A 1138 1.73 3.64 36.69
C THR A 1138 0.61 2.87 36.04
N THR A 1139 0.27 3.22 34.80
CA THR A 1139 -0.77 2.52 34.08
C THR A 1139 -0.33 1.09 33.85
N GLU A 1140 0.91 0.92 33.43
CA GLU A 1140 1.44 -0.40 33.20
C GLU A 1140 1.38 -1.25 34.46
N ILE A 1141 1.71 -0.64 35.60
CA ILE A 1141 1.65 -1.36 36.86
C ILE A 1141 0.23 -1.73 37.20
N ASP A 1142 -0.68 -0.77 37.08
CA ASP A 1142 -2.08 -1.01 37.40
C ASP A 1142 -2.64 -2.09 36.48
N LEU A 1143 -2.22 -2.06 35.23
CA LEU A 1143 -2.67 -3.02 34.26
C LEU A 1143 -2.11 -4.40 34.57
N ASN A 1144 -0.86 -4.45 34.99
CA ASN A 1144 -0.28 -5.73 35.35
C ASN A 1144 -1.09 -6.37 36.45
N ASP A 1145 -1.39 -5.60 37.47
CA ASP A 1145 -2.14 -6.10 38.60
C ASP A 1145 -3.63 -6.00 38.34
N ILE A 1146 -4.09 -6.63 37.27
CA ILE A 1146 -5.49 -6.58 36.92
C ILE A 1146 -6.07 -8.01 36.84
N MET A 1147 -5.39 -8.88 36.10
CA MET A 1147 -5.81 -10.28 35.95
C MET A 1147 -4.91 -11.16 36.78
N GLN A 1148 -4.21 -10.57 37.73
CA GLN A 1148 -3.18 -11.27 38.47
C GLN A 1148 -3.77 -12.30 39.42
N ASN A 1149 -5.06 -12.19 39.67
CA ASN A 1149 -5.73 -13.09 40.59
C ASN A 1149 -6.45 -14.22 39.88
N ILE A 1150 -6.29 -14.31 38.56
CA ILE A 1150 -6.94 -15.38 37.82
C ILE A 1150 -5.98 -16.56 37.68
N GLU A 1151 -6.43 -17.72 38.13
CA GLU A 1151 -5.52 -18.86 38.24
C GLU A 1151 -5.00 -19.42 36.89
N PRO A 1152 -5.84 -19.95 35.99
CA PRO A 1152 -5.44 -20.53 34.73
C PRO A 1152 -5.16 -19.44 33.72
N THR A 1153 -4.07 -18.73 33.91
CA THR A 1153 -3.73 -17.59 33.06
C THR A 1153 -3.77 -17.96 31.58
N TYR A 1154 -4.49 -17.14 30.82
CA TYR A 1154 -4.67 -17.35 29.39
C TYR A 1154 -4.20 -16.11 28.63
N PRO A 1155 -2.93 -16.07 28.24
CA PRO A 1155 -2.26 -14.95 27.62
C PRO A 1155 -3.03 -14.35 26.46
N HIS A 1156 -3.74 -15.18 25.70
CA HIS A 1156 -4.52 -14.63 24.61
C HIS A 1156 -5.78 -13.98 25.16
N GLY A 1157 -6.24 -14.48 26.30
CA GLY A 1157 -7.37 -13.88 26.97
C GLY A 1157 -6.93 -12.54 27.52
N LEU A 1158 -5.69 -12.51 27.99
CA LEU A 1158 -5.14 -11.28 28.54
C LEU A 1158 -4.99 -10.28 27.41
N ARG A 1159 -4.64 -10.79 26.25
CA ARG A 1159 -4.47 -9.93 25.08
C ARG A 1159 -5.76 -9.25 24.75
N VAL A 1160 -6.88 -9.97 24.84
CA VAL A 1160 -8.15 -9.35 24.55
C VAL A 1160 -8.45 -8.26 25.57
N VAL A 1161 -8.18 -8.56 26.83
CA VAL A 1161 -8.42 -7.57 27.86
C VAL A 1161 -7.62 -6.33 27.52
N TYR A 1162 -6.37 -6.54 27.18
CA TYR A 1162 -5.48 -5.45 26.84
C TYR A 1162 -5.99 -4.65 25.66
N GLU A 1163 -6.37 -5.34 24.60
CA GLU A 1163 -6.84 -4.66 23.40
C GLU A 1163 -8.10 -3.84 23.68
N SER A 1164 -8.92 -4.31 24.61
CA SER A 1164 -10.17 -3.64 24.95
C SER A 1164 -9.95 -2.37 25.77
N LEU A 1165 -8.72 -2.16 26.23
CA LEU A 1165 -8.41 -1.02 27.08
C LEU A 1165 -7.65 0.06 26.30
N PRO A 1166 -7.84 1.33 26.65
CA PRO A 1166 -7.27 2.51 26.01
C PRO A 1166 -5.76 2.51 26.03
N PHE A 1167 -5.17 1.76 26.95
CA PHE A 1167 -3.73 1.69 27.05
C PHE A 1167 -3.16 1.05 25.79
N TYR A 1168 -3.97 0.22 25.14
CA TYR A 1168 -3.53 -0.45 23.94
C TYR A 1168 -3.16 0.56 22.87
N LYS A 1169 -4.02 1.54 22.68
CA LYS A 1169 -3.78 2.57 21.69
C LYS A 1169 -2.60 3.44 22.10
N ALA A 1170 -2.50 3.70 23.39
CA ALA A 1170 -1.38 4.48 23.89
C ALA A 1170 -0.09 3.77 23.58
N GLU A 1171 -0.12 2.45 23.73
CA GLU A 1171 1.04 1.62 23.47
C GLU A 1171 1.40 1.64 22.00
N LYS A 1172 0.40 1.57 21.14
CA LYS A 1172 0.69 1.58 19.71
C LYS A 1172 1.45 2.83 19.32
N ILE A 1173 1.10 3.96 19.91
CA ILE A 1173 1.82 5.18 19.62
C ILE A 1173 3.25 5.06 20.08
N VAL A 1174 3.45 4.50 21.27
CA VAL A 1174 4.80 4.33 21.79
C VAL A 1174 5.60 3.38 20.92
N ASN A 1175 4.98 2.28 20.50
CA ASN A 1175 5.66 1.31 19.65
C ASN A 1175 6.00 1.89 18.30
N LEU A 1176 5.16 2.80 17.81
CA LEU A 1176 5.45 3.48 16.56
C LEU A 1176 6.70 4.32 16.71
N ILE A 1177 6.74 5.12 17.77
CA ILE A 1177 7.85 6.02 18.00
C ILE A 1177 9.13 5.25 18.29
N SER A 1178 9.01 4.18 19.08
CA SER A 1178 10.16 3.40 19.51
C SER A 1178 10.91 2.75 18.35
N GLY A 1179 10.31 2.75 17.16
CA GLY A 1179 10.93 2.13 16.01
C GLY A 1179 11.76 3.11 15.18
N THR A 1180 11.87 4.36 15.64
CA THR A 1180 12.62 5.36 14.89
C THR A 1180 14.05 5.49 15.38
N LYS A 1181 14.79 6.39 14.76
CA LYS A 1181 16.15 6.68 15.17
C LYS A 1181 16.20 7.98 15.95
N SER A 1182 17.13 8.07 16.89
CA SER A 1182 17.29 9.30 17.65
C SER A 1182 16.00 9.70 18.34
N ILE A 1183 15.48 8.81 19.14
CA ILE A 1183 14.24 9.05 19.83
C ILE A 1183 14.33 10.28 20.70
N THR A 1184 15.46 10.45 21.36
CA THR A 1184 15.59 11.57 22.29
C THR A 1184 15.71 12.90 21.57
N ASN A 1185 15.93 12.88 20.26
CA ASN A 1185 16.03 14.13 19.51
C ASN A 1185 14.80 14.41 18.70
N ILE A 1186 13.71 13.69 18.94
CA ILE A 1186 12.52 13.90 18.14
C ILE A 1186 12.07 15.35 18.18
N LEU A 1187 12.08 15.94 19.35
CA LEU A 1187 11.61 17.30 19.47
C LEU A 1187 12.76 18.31 19.41
N GLU A 1188 13.94 17.86 19.02
CA GLU A 1188 15.10 18.74 18.93
C GLU A 1188 15.30 19.28 17.52
N LYS A 1189 14.43 18.89 16.60
CA LYS A 1189 14.47 19.37 15.22
C LYS A 1189 15.80 19.10 14.54
N THR A 1190 16.32 17.89 14.72
CA THR A 1190 17.58 17.52 14.09
C THR A 1190 17.56 16.09 13.59
N SER A 1191 18.38 15.83 12.58
CA SER A 1191 18.53 14.50 12.03
C SER A 1191 19.65 13.74 12.72
N ALA A 1192 20.34 14.43 13.62
CA ALA A 1192 21.44 13.84 14.36
C ALA A 1192 20.91 12.78 15.30
N ILE A 1193 21.73 11.77 15.56
CA ILE A 1193 21.35 10.73 16.49
C ILE A 1193 22.02 10.95 17.83
N ASP A 1194 21.20 11.05 18.87
CA ASP A 1194 21.72 11.26 20.21
C ASP A 1194 22.60 10.12 20.64
N LEU A 1195 23.67 10.45 21.37
CA LEU A 1195 24.60 9.45 21.85
C LEU A 1195 23.89 8.53 22.82
N THR A 1196 22.93 9.07 23.55
CA THR A 1196 22.16 8.27 24.49
C THR A 1196 21.52 7.09 23.78
N ASP A 1197 20.96 7.35 22.61
CA ASP A 1197 20.29 6.34 21.83
C ASP A 1197 21.29 5.38 21.22
N ILE A 1198 22.45 5.91 20.83
CA ILE A 1198 23.50 5.06 20.26
C ILE A 1198 23.98 4.08 21.30
N ASP A 1199 24.19 4.57 22.52
CA ASP A 1199 24.71 3.74 23.60
C ASP A 1199 23.69 2.73 24.05
N ARG A 1200 22.43 3.14 24.13
CA ARG A 1200 21.40 2.22 24.55
C ARG A 1200 21.28 1.11 23.53
N ALA A 1201 21.24 1.47 22.26
CA ALA A 1201 21.14 0.48 21.21
C ALA A 1201 22.36 -0.42 21.22
N THR A 1202 23.52 0.16 21.50
CA THR A 1202 24.74 -0.63 21.53
C THR A 1202 24.65 -1.70 22.59
N GLU A 1203 24.29 -1.31 23.79
CA GLU A 1203 24.24 -2.26 24.88
C GLU A 1203 23.12 -3.25 24.66
N MET A 1204 22.04 -2.79 24.07
CA MET A 1204 20.93 -3.66 23.75
C MET A 1204 21.41 -4.79 22.86
N MET A 1205 22.12 -4.44 21.81
CA MET A 1205 22.64 -5.43 20.88
C MET A 1205 23.63 -6.35 21.56
N ARG A 1206 24.50 -5.78 22.39
CA ARG A 1206 25.51 -6.58 23.04
C ARG A 1206 24.89 -7.59 23.99
N LYS A 1207 23.89 -7.14 24.73
CA LYS A 1207 23.20 -8.02 25.66
C LYS A 1207 22.49 -9.13 24.92
N ASN A 1208 21.91 -8.81 23.77
CA ASN A 1208 21.25 -9.84 23.00
C ASN A 1208 22.24 -10.83 22.42
N ILE A 1209 23.39 -10.35 21.97
CA ILE A 1209 24.37 -11.26 21.41
C ILE A 1209 24.86 -12.26 22.45
N THR A 1210 25.10 -11.77 23.65
CA THR A 1210 25.62 -12.62 24.71
C THR A 1210 24.51 -13.35 25.46
N LEU A 1211 23.28 -13.21 25.00
CA LEU A 1211 22.15 -13.88 25.63
C LEU A 1211 22.37 -15.36 25.68
N LEU A 1212 22.94 -15.91 24.63
CA LEU A 1212 23.15 -17.33 24.54
C LEU A 1212 24.03 -17.81 25.69
N ILE A 1213 24.93 -16.96 26.15
CA ILE A 1213 25.79 -17.31 27.26
C ILE A 1213 25.00 -17.41 28.54
N ARG A 1214 24.13 -16.41 28.74
CA ARG A 1214 23.29 -16.37 29.93
C ARG A 1214 22.30 -17.52 29.97
N ILE A 1215 21.79 -17.90 28.80
CA ILE A 1215 20.87 -19.03 28.70
C ILE A 1215 21.55 -20.36 28.91
N LEU A 1216 22.75 -20.51 28.38
CA LEU A 1216 23.47 -21.78 28.53
C LEU A 1216 24.78 -21.67 29.32
N PRO A 1217 24.74 -21.47 30.66
CA PRO A 1217 25.89 -21.42 31.55
C PRO A 1217 26.68 -22.71 31.50
N LEU A 1218 27.98 -22.61 31.69
CA LEU A 1218 28.85 -23.78 31.62
C LEU A 1218 28.61 -24.74 32.77
N ASP A 1219 28.01 -24.26 33.84
CA ASP A 1219 27.74 -25.08 35.01
C ASP A 1219 26.35 -25.69 34.98
N CYS A 1220 25.67 -25.55 33.84
CA CYS A 1220 24.34 -26.09 33.67
C CYS A 1220 23.35 -25.57 34.71
N ASN A 1221 23.59 -24.35 35.21
CA ASN A 1221 22.73 -23.69 36.18
C ASN A 1221 22.67 -24.40 37.52
N ARG A 1222 23.58 -25.36 37.73
CA ARG A 1222 23.75 -26.09 38.98
C ARG A 1222 24.29 -27.49 38.69
N ASP A 1223 25.46 -27.80 39.23
CA ASP A 1223 26.09 -29.10 39.01
C ASP A 1223 25.40 -30.18 39.82
N LYS A 1224 24.56 -29.76 40.75
CA LYS A 1224 23.80 -30.67 41.59
C LYS A 1224 22.47 -31.00 40.92
N ARG A 1225 22.22 -30.45 39.74
CA ARG A 1225 21.02 -30.74 38.99
C ARG A 1225 21.32 -31.77 37.94
N GLU A 1226 20.83 -32.98 38.13
CA GLU A 1226 21.13 -34.01 37.17
C GLU A 1226 20.63 -33.56 35.82
N ILE A 1227 21.43 -33.78 34.80
CA ILE A 1227 21.00 -33.36 33.48
C ILE A 1227 19.71 -34.05 33.11
N LEU A 1228 18.80 -33.30 32.52
CA LEU A 1228 17.50 -33.82 32.18
C LEU A 1228 17.57 -35.08 31.36
N SER A 1229 16.86 -36.10 31.81
CA SER A 1229 16.75 -37.33 31.04
C SER A 1229 15.68 -37.18 30.00
N MET A 1230 15.95 -37.67 28.80
CA MET A 1230 14.96 -37.57 27.74
C MET A 1230 14.07 -38.79 27.68
N GLU A 1231 14.26 -39.70 28.62
CA GLU A 1231 13.49 -40.92 28.59
C GLU A 1231 12.06 -40.60 28.96
N ASN A 1232 11.16 -40.87 28.03
CA ASN A 1232 9.75 -40.53 28.17
C ASN A 1232 9.57 -39.03 28.39
N LEU A 1233 10.38 -38.23 27.72
CA LEU A 1233 10.27 -36.79 27.82
C LEU A 1233 9.39 -36.19 26.75
N SER A 1234 8.42 -35.41 27.17
CA SER A 1234 7.55 -34.69 26.26
C SER A 1234 8.02 -33.26 26.08
N ILE A 1235 8.35 -32.91 24.85
CA ILE A 1235 8.81 -31.56 24.55
C ILE A 1235 7.69 -30.58 24.78
N THR A 1236 6.48 -30.95 24.41
CA THR A 1236 5.34 -30.08 24.64
C THR A 1236 5.27 -29.72 26.12
N GLU A 1237 5.39 -30.72 26.97
CA GLU A 1237 5.34 -30.49 28.41
C GLU A 1237 6.52 -29.66 28.86
N LEU A 1238 7.69 -29.93 28.30
CA LEU A 1238 8.88 -29.18 28.65
C LEU A 1238 8.66 -27.72 28.33
N SER A 1239 8.15 -27.44 27.14
CA SER A 1239 7.90 -26.08 26.72
C SER A 1239 6.94 -25.40 27.67
N LYS A 1240 5.86 -26.11 28.01
CA LYS A 1240 4.88 -25.55 28.93
C LYS A 1240 5.57 -25.21 30.24
N TYR A 1241 6.36 -26.15 30.74
CA TYR A 1241 7.08 -25.97 31.99
C TYR A 1241 7.97 -24.74 31.94
N VAL A 1242 8.73 -24.60 30.86
CA VAL A 1242 9.65 -23.49 30.75
C VAL A 1242 8.92 -22.18 30.78
N ARG A 1243 7.83 -22.09 30.03
CA ARG A 1243 7.07 -20.86 29.99
C ARG A 1243 6.53 -20.53 31.38
N GLU A 1244 6.00 -21.54 32.04
CA GLU A 1244 5.45 -21.33 33.38
C GLU A 1244 6.53 -20.97 34.37
N ARG A 1245 7.67 -21.63 34.27
CA ARG A 1245 8.75 -21.34 35.19
C ARG A 1245 9.23 -19.92 34.99
N SER A 1246 9.38 -19.51 33.74
CA SER A 1246 9.91 -18.20 33.44
C SER A 1246 9.03 -17.07 33.93
N TRP A 1247 7.73 -17.31 34.01
CA TRP A 1247 6.85 -16.30 34.58
C TRP A 1247 6.42 -16.62 36.00
N SER A 1248 6.96 -17.67 36.58
CA SER A 1248 6.54 -18.10 37.90
C SER A 1248 5.02 -18.23 38.01
N LEU A 1249 4.39 -18.81 37.00
CA LEU A 1249 2.96 -19.01 37.04
C LEU A 1249 2.63 -20.47 37.20
N SER A 1250 1.54 -20.76 37.88
CA SER A 1250 1.15 -22.13 38.16
C SER A 1250 0.61 -22.85 36.95
N ASN A 1251 -0.06 -22.13 36.06
CA ASN A 1251 -0.68 -22.75 34.92
C ASN A 1251 -0.95 -21.78 33.79
N ILE A 1252 -0.24 -21.93 32.69
CA ILE A 1252 -0.48 -21.09 31.53
C ILE A 1252 -1.13 -21.92 30.46
N VAL A 1253 -2.29 -21.49 30.00
CA VAL A 1253 -3.03 -22.29 29.04
C VAL A 1253 -3.29 -21.55 27.76
N GLY A 1254 -3.58 -22.29 26.70
CA GLY A 1254 -3.99 -21.70 25.44
C GLY A 1254 -2.83 -21.25 24.57
N VAL A 1255 -1.61 -21.44 25.05
CA VAL A 1255 -0.45 -21.04 24.27
C VAL A 1255 0.38 -22.23 23.87
N THR A 1256 0.72 -23.07 24.82
CA THR A 1256 1.58 -24.19 24.48
C THR A 1256 0.91 -25.07 23.45
N SER A 1257 1.66 -25.40 22.40
CA SER A 1257 1.16 -26.25 21.34
C SER A 1257 2.28 -27.13 20.81
N PRO A 1258 2.05 -28.43 20.65
CA PRO A 1258 2.98 -29.39 20.11
C PRO A 1258 3.47 -28.96 18.75
N SER A 1259 4.74 -29.24 18.48
CA SER A 1259 5.32 -28.92 17.19
C SER A 1259 5.01 -30.01 16.21
N ILE A 1260 4.24 -29.71 15.20
CA ILE A 1260 3.82 -30.72 14.25
C ILE A 1260 5.04 -31.38 13.65
N MET A 1261 6.05 -30.57 13.38
CA MET A 1261 7.29 -31.05 12.83
C MET A 1261 7.95 -32.06 13.75
N TYR A 1262 7.72 -31.95 15.05
CA TYR A 1262 8.32 -32.88 15.99
C TYR A 1262 7.43 -34.08 16.23
N THR A 1263 6.14 -33.84 16.31
CA THR A 1263 5.20 -34.87 16.71
C THR A 1263 4.89 -35.85 15.62
N MET A 1264 5.10 -35.49 14.37
CA MET A 1264 4.79 -36.41 13.30
C MET A 1264 5.99 -37.21 12.81
N ASP A 1265 5.85 -38.53 12.89
CA ASP A 1265 6.84 -39.46 12.37
C ASP A 1265 6.49 -39.79 10.93
N ILE A 1266 7.39 -39.46 10.03
CA ILE A 1266 7.09 -39.57 8.61
C ILE A 1266 7.43 -40.93 8.03
N LYS A 1267 6.42 -41.56 7.44
CA LYS A 1267 6.61 -42.84 6.77
C LYS A 1267 6.31 -42.68 5.28
N TYR A 1268 7.01 -43.45 4.47
CA TYR A 1268 6.78 -43.44 3.03
C TYR A 1268 6.41 -44.83 2.57
N THR A 1269 5.33 -45.34 3.11
CA THR A 1269 4.92 -46.69 2.83
C THR A 1269 3.49 -46.93 3.24
N THR A 1270 3.09 -48.18 3.19
CA THR A 1270 1.79 -48.57 3.69
C THR A 1270 1.97 -49.30 5.00
N SER A 1271 1.43 -48.73 6.06
CA SER A 1271 1.56 -49.33 7.37
C SER A 1271 0.51 -50.42 7.59
N THR A 1272 0.70 -51.22 8.63
CA THR A 1272 -0.28 -52.23 8.99
C THR A 1272 -1.54 -51.55 9.48
N ILE A 1273 -1.35 -50.46 10.20
CA ILE A 1273 -2.44 -49.59 10.64
C ILE A 1273 -2.06 -48.17 10.27
N SER A 1274 -2.98 -47.44 9.67
CA SER A 1274 -2.67 -46.09 9.26
C SER A 1274 -2.25 -45.23 10.44
N SER A 1275 -3.14 -45.08 11.41
CA SER A 1275 -2.81 -44.35 12.64
C SER A 1275 -2.08 -43.06 12.34
N GLY A 1276 -2.53 -42.32 11.33
CA GLY A 1276 -1.85 -41.10 10.97
C GLY A 1276 -2.54 -40.42 9.80
N ILE A 1277 -1.98 -39.30 9.38
CA ILE A 1277 -2.55 -38.55 8.27
C ILE A 1277 -1.99 -39.06 6.98
N ILE A 1278 -2.86 -39.36 6.02
CA ILE A 1278 -2.38 -39.87 4.76
C ILE A 1278 -2.44 -38.78 3.71
N ILE A 1279 -1.29 -38.45 3.14
CA ILE A 1279 -1.22 -37.47 2.08
C ILE A 1279 -0.91 -38.20 0.79
N GLU A 1280 -1.77 -38.03 -0.21
CA GLU A 1280 -1.63 -38.74 -1.46
C GLU A 1280 -1.36 -37.80 -2.61
N LYS A 1281 -0.58 -38.27 -3.57
CA LYS A 1281 -0.30 -37.52 -4.77
C LYS A 1281 -1.31 -37.85 -5.85
N TYR A 1282 -2.12 -36.87 -6.21
CA TYR A 1282 -3.16 -37.07 -7.20
C TYR A 1282 -2.64 -36.78 -8.60
N ASN A 1283 -1.64 -35.92 -8.67
CA ASN A 1283 -1.00 -35.64 -9.94
C ASN A 1283 -0.28 -36.90 -10.39
N VAL A 1284 -0.55 -37.35 -11.61
CA VAL A 1284 0.01 -38.58 -12.13
C VAL A 1284 1.53 -38.53 -12.28
N ASN A 1285 2.07 -37.34 -12.49
CA ASN A 1285 3.49 -37.19 -12.77
C ASN A 1285 4.35 -37.35 -11.54
N SER A 1286 5.59 -37.79 -11.75
CA SER A 1286 6.54 -37.99 -10.67
C SER A 1286 6.96 -36.68 -10.01
N LEU A 1287 6.85 -35.59 -10.75
CA LEU A 1287 7.17 -34.28 -10.21
C LEU A 1287 5.94 -33.41 -10.27
N THR A 1288 5.67 -32.68 -9.20
CA THR A 1288 4.51 -31.80 -9.18
C THR A 1288 4.91 -30.33 -9.27
N ARG A 1289 6.17 -30.02 -9.05
CA ARG A 1289 6.55 -28.63 -9.09
C ARG A 1289 6.25 -28.05 -10.46
N GLY A 1290 5.57 -26.92 -10.49
CA GLY A 1290 5.25 -26.27 -11.76
C GLY A 1290 3.99 -26.84 -12.40
N GLU A 1291 3.26 -27.67 -11.67
CA GLU A 1291 2.02 -28.23 -12.20
C GLU A 1291 0.89 -28.05 -11.22
N ARG A 1292 -0.32 -27.92 -11.76
CA ARG A 1292 -1.52 -27.82 -10.94
C ARG A 1292 -2.28 -29.13 -11.00
N GLY A 1293 -2.86 -29.54 -9.89
CA GLY A 1293 -3.59 -30.80 -9.84
C GLY A 1293 -5.09 -30.59 -9.73
N PRO A 1294 -5.83 -31.68 -9.52
CA PRO A 1294 -7.27 -31.77 -9.46
C PRO A 1294 -7.89 -31.38 -8.13
N THR A 1295 -7.09 -31.19 -7.09
CA THR A 1295 -7.68 -30.98 -5.78
C THR A 1295 -7.77 -29.49 -5.48
N LYS A 1296 -8.50 -29.16 -4.43
CA LYS A 1296 -8.66 -27.76 -4.06
C LYS A 1296 -7.40 -27.30 -3.35
N PRO A 1297 -7.00 -26.04 -3.51
CA PRO A 1297 -5.85 -25.44 -2.88
C PRO A 1297 -6.03 -25.41 -1.38
N TRP A 1298 -4.96 -25.69 -0.67
CA TRP A 1298 -4.98 -25.66 0.78
C TRP A 1298 -4.43 -24.35 1.31
N VAL A 1299 -5.24 -23.67 2.09
CA VAL A 1299 -4.83 -22.38 2.64
C VAL A 1299 -4.86 -22.39 4.15
N GLY A 1300 -4.87 -23.58 4.72
CA GLY A 1300 -4.93 -23.70 6.17
C GLY A 1300 -6.35 -23.46 6.63
N SER A 1301 -6.75 -22.19 6.63
CA SER A 1301 -8.09 -21.77 7.01
C SER A 1301 -8.50 -22.21 8.39
N SER A 1302 -8.27 -21.37 9.39
CA SER A 1302 -8.72 -21.68 10.74
C SER A 1302 -10.23 -21.64 10.77
N THR A 1303 -10.86 -22.53 11.53
CA THR A 1303 -12.30 -22.50 11.65
C THR A 1303 -12.71 -21.20 12.33
N GLN A 1304 -13.70 -20.54 11.77
CA GLN A 1304 -14.11 -19.24 12.29
C GLN A 1304 -14.85 -19.37 13.61
N GLU A 1305 -15.23 -18.25 14.17
CA GLU A 1305 -15.99 -18.24 15.40
C GLU A 1305 -17.45 -18.53 15.11
N LYS A 1306 -18.05 -19.38 15.92
CA LYS A 1306 -19.46 -19.68 15.78
C LYS A 1306 -20.24 -18.85 16.78
N LYS A 1307 -20.88 -17.79 16.30
CA LYS A 1307 -21.55 -16.86 17.18
C LYS A 1307 -22.86 -16.37 16.59
N THR A 1308 -23.82 -16.11 17.45
CA THR A 1308 -25.08 -15.53 17.04
C THR A 1308 -24.99 -14.02 17.07
N MET A 1309 -25.33 -13.40 15.97
CA MET A 1309 -25.27 -11.95 15.86
C MET A 1309 -26.63 -11.34 16.20
N PRO A 1310 -26.72 -10.48 17.22
CA PRO A 1310 -27.89 -9.73 17.60
C PRO A 1310 -28.34 -8.84 16.47
N VAL A 1311 -29.63 -8.61 16.37
CA VAL A 1311 -30.14 -7.79 15.30
C VAL A 1311 -30.27 -6.34 15.72
N TYR A 1312 -29.50 -5.48 15.07
CA TYR A 1312 -29.56 -4.05 15.32
C TYR A 1312 -28.95 -3.30 14.15
N ASN A 1313 -29.14 -1.99 14.13
CA ASN A 1313 -28.61 -1.19 13.05
C ASN A 1313 -27.14 -0.90 13.28
N ARG A 1314 -26.31 -1.80 12.80
CA ARG A 1314 -24.86 -1.73 12.97
C ARG A 1314 -24.31 -0.43 12.38
N GLN A 1315 -24.94 0.06 11.32
CA GLN A 1315 -24.49 1.25 10.63
C GLN A 1315 -24.55 2.48 11.51
N VAL A 1316 -25.27 2.38 12.62
CA VAL A 1316 -25.41 3.47 13.56
C VAL A 1316 -24.11 3.64 14.34
N LEU A 1317 -23.27 2.62 14.31
CA LEU A 1317 -22.01 2.61 15.03
C LEU A 1317 -20.83 2.83 14.10
N THR A 1318 -19.77 3.40 14.63
CA THR A 1318 -18.52 3.52 13.90
C THR A 1318 -17.78 2.20 13.98
N LYS A 1319 -16.78 2.02 13.13
CA LYS A 1319 -16.01 0.80 13.19
C LYS A 1319 -15.34 0.62 14.53
N LYS A 1320 -14.84 1.71 15.09
CA LYS A 1320 -14.08 1.63 16.32
C LYS A 1320 -14.92 1.13 17.47
N GLN A 1321 -16.13 1.65 17.58
CA GLN A 1321 -16.96 1.21 18.70
C GLN A 1321 -17.55 -0.15 18.43
N ARG A 1322 -17.68 -0.55 17.17
CA ARG A 1322 -18.13 -1.91 16.89
C ARG A 1322 -17.06 -2.90 17.30
N ASP A 1323 -15.80 -2.53 17.05
CA ASP A 1323 -14.70 -3.40 17.44
C ASP A 1323 -14.64 -3.51 18.95
N GLN A 1324 -14.93 -2.42 19.63
CA GLN A 1324 -14.92 -2.43 21.08
C GLN A 1324 -15.97 -3.38 21.61
N ILE A 1325 -17.14 -3.36 20.98
CA ILE A 1325 -18.21 -4.26 21.37
C ILE A 1325 -17.81 -5.70 21.15
N ASP A 1326 -17.20 -5.95 20.01
CA ASP A 1326 -16.79 -7.30 19.67
C ASP A 1326 -15.75 -7.80 20.67
N LEU A 1327 -14.83 -6.93 21.08
CA LEU A 1327 -13.84 -7.32 22.07
C LEU A 1327 -14.47 -7.66 23.40
N LEU A 1328 -15.45 -6.87 23.81
CA LEU A 1328 -16.07 -7.14 25.09
C LEU A 1328 -16.84 -8.45 25.04
N ALA A 1329 -17.46 -8.73 23.90
CA ALA A 1329 -18.19 -9.97 23.74
C ALA A 1329 -17.24 -11.15 23.88
N LYS A 1330 -16.02 -10.99 23.38
CA LYS A 1330 -15.01 -12.03 23.49
C LYS A 1330 -14.66 -12.25 24.95
N LEU A 1331 -14.56 -11.17 25.72
CA LEU A 1331 -14.25 -11.30 27.13
C LEU A 1331 -15.40 -11.95 27.87
N ASP A 1332 -16.61 -11.61 27.49
CA ASP A 1332 -17.78 -12.19 28.11
C ASP A 1332 -17.77 -13.69 27.87
N TRP A 1333 -17.33 -14.08 26.68
CA TRP A 1333 -17.21 -15.47 26.28
C TRP A 1333 -16.13 -16.22 27.04
N VAL A 1334 -14.93 -15.66 27.03
CA VAL A 1334 -13.77 -16.32 27.62
C VAL A 1334 -13.81 -16.33 29.14
N TYR A 1335 -14.12 -15.19 29.72
CA TYR A 1335 -14.08 -15.06 31.16
C TYR A 1335 -15.46 -15.18 31.77
N ALA A 1336 -16.35 -15.87 31.09
CA ALA A 1336 -17.68 -16.08 31.61
C ALA A 1336 -17.60 -16.72 32.99
N SER A 1337 -16.57 -17.54 33.21
CA SER A 1337 -16.41 -18.29 34.43
C SER A 1337 -15.80 -17.51 35.61
N ILE A 1338 -15.31 -16.30 35.39
CA ILE A 1338 -14.72 -15.59 36.53
C ILE A 1338 -15.83 -15.21 37.50
N ASP A 1339 -15.53 -15.28 38.78
CA ASP A 1339 -16.54 -15.05 39.81
C ASP A 1339 -16.87 -13.59 40.01
N ASN A 1340 -16.19 -12.73 39.26
CA ASN A 1340 -16.43 -11.31 39.30
C ASN A 1340 -16.82 -10.82 37.92
N LYS A 1341 -17.41 -11.73 37.12
CA LYS A 1341 -17.74 -11.44 35.73
C LYS A 1341 -18.59 -10.19 35.57
N ASP A 1342 -19.60 -10.02 36.41
CA ASP A 1342 -20.53 -8.93 36.18
C ASP A 1342 -19.92 -7.59 36.47
N GLU A 1343 -19.14 -7.49 37.53
CA GLU A 1343 -18.48 -6.25 37.87
C GLU A 1343 -17.44 -5.94 36.81
N PHE A 1344 -16.78 -6.99 36.35
CA PHE A 1344 -15.75 -6.89 35.32
C PHE A 1344 -16.32 -6.36 34.03
N MET A 1345 -17.37 -6.99 33.55
CA MET A 1345 -17.95 -6.56 32.30
C MET A 1345 -18.64 -5.22 32.47
N GLU A 1346 -19.17 -4.95 33.65
CA GLU A 1346 -19.85 -3.69 33.89
C GLU A 1346 -18.87 -2.53 33.86
N GLU A 1347 -17.71 -2.71 34.50
CA GLU A 1347 -16.74 -1.64 34.49
C GLU A 1347 -16.21 -1.41 33.09
N LEU A 1348 -15.99 -2.48 32.35
CA LEU A 1348 -15.51 -2.35 30.99
C LEU A 1348 -16.53 -1.68 30.10
N SER A 1349 -17.79 -2.08 30.22
CA SER A 1349 -18.81 -1.53 29.37
C SER A 1349 -19.01 -0.05 29.66
N ILE A 1350 -19.16 0.30 30.93
CA ILE A 1350 -19.34 1.70 31.29
C ILE A 1350 -18.11 2.52 30.95
N GLY A 1351 -16.94 1.96 31.22
CA GLY A 1351 -15.70 2.67 30.98
C GLY A 1351 -15.45 2.94 29.50
N THR A 1352 -15.70 1.94 28.65
CA THR A 1352 -15.33 2.08 27.25
C THR A 1352 -16.51 2.33 26.30
N LEU A 1353 -17.72 1.95 26.67
CA LEU A 1353 -18.87 2.21 25.80
C LEU A 1353 -19.81 3.23 26.42
N GLY A 1354 -19.95 3.17 27.74
CA GLY A 1354 -20.85 4.07 28.44
C GLY A 1354 -22.18 3.38 28.73
N LEU A 1355 -22.35 2.22 28.11
CA LEU A 1355 -23.55 1.43 28.30
C LEU A 1355 -23.38 0.54 29.49
N THR A 1356 -24.49 0.15 30.11
CA THR A 1356 -24.41 -0.82 31.17
C THR A 1356 -24.18 -2.18 30.54
N TYR A 1357 -23.78 -3.15 31.33
CA TYR A 1357 -23.57 -4.48 30.82
C TYR A 1357 -24.83 -5.03 30.19
N GLU A 1358 -25.96 -4.87 30.86
CA GLU A 1358 -27.21 -5.41 30.37
C GLU A 1358 -27.56 -4.84 29.01
N LYS A 1359 -27.25 -3.56 28.80
CA LYS A 1359 -27.51 -2.95 27.51
C LYS A 1359 -26.52 -3.44 26.48
N ALA A 1360 -25.24 -3.48 26.85
CA ALA A 1360 -24.18 -3.88 25.93
C ALA A 1360 -24.37 -5.32 25.49
N LYS A 1361 -24.86 -6.15 26.40
CA LYS A 1361 -25.05 -7.56 26.14
C LYS A 1361 -25.98 -7.79 24.96
N LYS A 1362 -26.80 -6.81 24.64
CA LYS A 1362 -27.77 -6.93 23.56
C LYS A 1362 -27.10 -6.67 22.22
N LEU A 1363 -25.86 -6.17 22.28
CA LEU A 1363 -25.09 -5.91 21.08
C LEU A 1363 -24.03 -6.98 20.90
N PHE A 1364 -23.63 -7.59 22.00
CA PHE A 1364 -22.59 -8.60 21.98
C PHE A 1364 -23.04 -9.82 21.21
N PRO A 1365 -22.22 -10.30 20.26
CA PRO A 1365 -22.37 -11.58 19.61
C PRO A 1365 -22.35 -12.65 20.68
N GLN A 1366 -23.25 -13.62 20.54
CA GLN A 1366 -23.32 -14.69 21.51
C GLN A 1366 -22.61 -15.91 21.01
N TYR A 1367 -21.51 -16.24 21.63
CA TYR A 1367 -20.70 -17.33 21.15
C TYR A 1367 -21.32 -18.66 21.47
N LEU A 1368 -21.45 -19.48 20.44
CA LEU A 1368 -22.05 -20.80 20.57
C LEU A 1368 -20.96 -21.84 20.69
N SER A 1369 -19.72 -21.39 20.54
CA SER A 1369 -18.57 -22.25 20.64
C SER A 1369 -18.13 -22.33 22.08
N VAL A 1370 -18.11 -23.53 22.62
CA VAL A 1370 -17.74 -23.71 24.02
C VAL A 1370 -16.25 -23.47 24.24
N ASN A 1371 -15.43 -23.95 23.33
CA ASN A 1371 -13.99 -23.86 23.50
C ASN A 1371 -13.40 -22.72 22.69
N TYR A 1372 -13.00 -21.67 23.39
CA TYR A 1372 -12.43 -20.51 22.77
C TYR A 1372 -10.94 -20.69 22.51
N LEU A 1373 -10.35 -21.71 23.11
CA LEU A 1373 -8.91 -21.86 23.05
C LEU A 1373 -8.40 -22.07 21.63
N HIS A 1374 -9.23 -22.59 20.74
CA HIS A 1374 -8.81 -22.75 19.36
C HIS A 1374 -9.73 -22.03 18.40
N ARG A 1375 -10.49 -21.08 18.90
CA ARG A 1375 -11.40 -20.32 18.08
C ARG A 1375 -11.27 -18.82 18.28
N LEU A 1376 -10.92 -18.43 19.48
CA LEU A 1376 -10.86 -17.01 19.79
C LEU A 1376 -9.96 -16.31 18.82
N THR A 1377 -10.48 -15.25 18.21
CA THR A 1377 -9.70 -14.48 17.27
C THR A 1377 -9.05 -13.29 17.94
N VAL A 1378 -7.73 -13.29 17.93
CA VAL A 1378 -6.93 -12.21 18.49
C VAL A 1378 -5.81 -11.89 17.53
N SER A 1379 -5.22 -10.72 17.67
CA SER A 1379 -4.11 -10.35 16.80
C SER A 1379 -2.87 -11.21 17.06
N SER A 1380 -2.86 -11.88 18.19
CA SER A 1380 -1.75 -12.72 18.60
C SER A 1380 -1.86 -14.15 18.09
N ARG A 1381 -2.95 -14.47 17.42
CA ARG A 1381 -3.16 -15.83 16.96
C ARG A 1381 -3.36 -15.87 15.46
N PRO A 1382 -2.69 -16.77 14.74
CA PRO A 1382 -2.85 -16.98 13.32
C PRO A 1382 -4.30 -17.29 13.00
N CYS A 1383 -4.81 -16.72 11.91
CA CYS A 1383 -6.17 -16.99 11.48
C CYS A 1383 -6.17 -18.01 10.37
N GLU A 1384 -4.98 -18.28 9.87
CA GLU A 1384 -4.74 -19.23 8.82
C GLU A 1384 -3.43 -19.91 9.10
N PHE A 1385 -3.35 -21.18 8.75
CA PHE A 1385 -2.12 -21.92 8.92
C PHE A 1385 -1.70 -22.60 7.64
N PRO A 1386 -1.30 -21.84 6.62
CA PRO A 1386 -0.96 -22.30 5.30
C PRO A 1386 0.34 -23.08 5.29
N ALA A 1387 0.44 -24.01 4.36
CA ALA A 1387 1.64 -24.78 4.10
C ALA A 1387 2.71 -23.90 3.51
N SER A 1388 3.98 -24.22 3.77
CA SER A 1388 5.09 -23.42 3.24
C SER A 1388 5.34 -23.79 1.81
N ILE A 1389 4.37 -23.45 0.99
CA ILE A 1389 4.33 -23.88 -0.39
C ILE A 1389 3.36 -22.97 -1.12
N PRO A 1390 3.53 -22.69 -2.42
CA PRO A 1390 2.58 -22.01 -3.25
C PRO A 1390 1.24 -22.72 -3.25
N ALA A 1391 0.16 -21.98 -3.20
CA ALA A 1391 -1.16 -22.58 -3.12
C ALA A 1391 -1.44 -23.48 -4.31
N TYR A 1392 -0.96 -23.10 -5.49
CA TYR A 1392 -1.24 -23.87 -6.69
C TYR A 1392 -0.65 -25.26 -6.58
N ARG A 1393 0.37 -25.40 -5.75
CA ARG A 1393 1.11 -26.64 -5.65
C ARG A 1393 0.39 -27.63 -4.75
N THR A 1394 -0.57 -27.14 -3.97
CA THR A 1394 -1.25 -28.01 -3.03
C THR A 1394 -2.37 -28.73 -3.72
N THR A 1395 -2.66 -28.32 -4.94
CA THR A 1395 -3.75 -28.89 -5.70
C THR A 1395 -3.36 -30.26 -6.25
N ASN A 1396 -2.09 -30.61 -6.09
CA ASN A 1396 -1.61 -31.88 -6.60
C ASN A 1396 -1.73 -32.95 -5.55
N TYR A 1397 -2.20 -32.57 -4.38
CA TYR A 1397 -2.24 -33.50 -3.27
C TYR A 1397 -3.60 -33.60 -2.63
N HIS A 1398 -3.84 -34.74 -2.01
CA HIS A 1398 -5.05 -35.00 -1.26
C HIS A 1398 -4.70 -35.49 0.12
N PHE A 1399 -5.42 -35.04 1.13
CA PHE A 1399 -5.13 -35.50 2.47
C PHE A 1399 -6.32 -36.13 3.15
N ASP A 1400 -6.03 -37.13 3.97
CA ASP A 1400 -7.04 -37.84 4.74
C ASP A 1400 -6.64 -37.95 6.20
N THR A 1401 -7.37 -37.23 7.04
CA THR A 1401 -7.06 -37.16 8.45
C THR A 1401 -7.96 -38.08 9.25
N SER A 1402 -8.70 -38.94 8.58
CA SER A 1402 -9.62 -39.80 9.29
C SER A 1402 -8.91 -40.77 10.24
N PRO A 1403 -7.93 -41.58 9.78
CA PRO A 1403 -7.25 -42.58 10.56
C PRO A 1403 -6.83 -42.04 11.89
N ILE A 1404 -6.25 -40.84 11.85
CA ILE A 1404 -5.77 -40.18 13.04
C ILE A 1404 -6.90 -39.62 13.85
N ASN A 1405 -7.91 -39.08 13.19
CA ASN A 1405 -9.05 -38.54 13.91
C ASN A 1405 -9.67 -39.62 14.77
N ARG A 1406 -9.71 -40.85 14.25
CA ARG A 1406 -10.27 -41.95 15.02
C ARG A 1406 -9.44 -42.25 16.24
N ILE A 1407 -8.12 -42.30 16.06
CA ILE A 1407 -7.23 -42.58 17.17
C ILE A 1407 -7.33 -41.51 18.23
N LEU A 1408 -7.39 -40.26 17.80
CA LEU A 1408 -7.50 -39.17 18.75
C LEU A 1408 -8.84 -39.18 19.45
N THR A 1409 -9.91 -39.45 18.71
CA THR A 1409 -11.23 -39.46 19.30
C THR A 1409 -11.31 -40.48 20.42
N GLU A 1410 -10.76 -41.65 20.17
CA GLU A 1410 -10.77 -42.75 21.11
C GLU A 1410 -9.95 -42.44 22.37
N LYS A 1411 -9.08 -41.44 22.29
CA LYS A 1411 -8.21 -41.13 23.40
C LYS A 1411 -8.67 -39.89 24.15
N TYR A 1412 -9.19 -38.91 23.42
CA TYR A 1412 -9.57 -37.66 24.05
C TYR A 1412 -11.08 -37.49 24.16
N GLY A 1413 -11.84 -38.47 23.69
CA GLY A 1413 -13.27 -38.48 23.95
C GLY A 1413 -14.02 -37.34 23.30
N ASP A 1414 -13.60 -36.97 22.10
CA ASP A 1414 -14.18 -35.88 21.35
C ASP A 1414 -13.91 -34.51 21.98
N GLU A 1415 -13.03 -34.46 22.97
CA GLU A 1415 -12.62 -33.17 23.53
C GLU A 1415 -11.44 -32.63 22.76
N ASP A 1416 -11.30 -31.32 22.75
CA ASP A 1416 -10.24 -30.65 21.99
C ASP A 1416 -8.85 -30.95 22.50
N ILE A 1417 -7.90 -30.85 21.59
CA ILE A 1417 -6.49 -31.08 21.88
C ILE A 1417 -5.65 -29.89 21.41
N ASP A 1418 -4.44 -29.78 21.93
CA ASP A 1418 -3.60 -28.60 21.69
C ASP A 1418 -2.77 -28.62 20.42
N ILE A 1419 -2.88 -29.66 19.62
CA ILE A 1419 -2.14 -29.72 18.37
C ILE A 1419 -2.99 -29.11 17.26
N VAL A 1420 -2.41 -28.23 16.46
CA VAL A 1420 -3.20 -27.55 15.45
C VAL A 1420 -3.49 -28.44 14.26
N PHE A 1421 -4.77 -28.59 13.98
CA PHE A 1421 -5.26 -29.41 12.90
C PHE A 1421 -4.72 -28.96 11.55
N GLN A 1422 -4.80 -27.67 11.29
CA GLN A 1422 -4.39 -27.16 9.99
C GLN A 1422 -2.90 -27.36 9.76
N ASN A 1423 -2.09 -27.20 10.81
CA ASN A 1423 -0.66 -27.39 10.66
C ASN A 1423 -0.32 -28.84 10.40
N CYS A 1424 -1.13 -29.75 10.94
CA CYS A 1424 -0.86 -31.15 10.71
C CYS A 1424 -0.95 -31.43 9.22
N ILE A 1425 -1.98 -30.87 8.60
CA ILE A 1425 -2.18 -31.00 7.17
C ILE A 1425 -1.17 -30.21 6.36
N SER A 1426 -0.96 -28.96 6.74
CA SER A 1426 -0.06 -28.09 6.03
C SER A 1426 1.33 -28.65 6.02
N PHE A 1427 1.75 -29.20 7.14
CA PHE A 1427 3.05 -29.80 7.27
C PHE A 1427 3.23 -30.89 6.24
N GLY A 1428 2.28 -31.80 6.19
CA GLY A 1428 2.35 -32.91 5.25
C GLY A 1428 2.45 -32.43 3.83
N LEU A 1429 1.65 -31.44 3.47
CA LEU A 1429 1.67 -30.95 2.10
C LEU A 1429 3.02 -30.36 1.76
N SER A 1430 3.57 -29.55 2.66
CA SER A 1430 4.83 -28.92 2.38
C SER A 1430 5.97 -29.91 2.32
N LEU A 1431 5.97 -30.89 3.22
CA LEU A 1431 7.11 -31.77 3.24
C LEU A 1431 7.09 -32.66 2.02
N MET A 1432 5.91 -32.96 1.49
CA MET A 1432 5.87 -33.77 0.29
C MET A 1432 6.63 -33.07 -0.81
N SER A 1433 6.49 -31.76 -0.89
CA SER A 1433 7.28 -30.98 -1.84
C SER A 1433 8.75 -31.04 -1.51
N VAL A 1434 9.08 -30.93 -0.23
CA VAL A 1434 10.46 -30.97 0.19
C VAL A 1434 11.09 -32.30 -0.20
N VAL A 1435 10.35 -33.37 -0.05
CA VAL A 1435 10.89 -34.66 -0.43
C VAL A 1435 11.18 -34.67 -1.92
N GLU A 1436 10.25 -34.17 -2.72
CA GLU A 1436 10.49 -34.10 -4.15
C GLU A 1436 11.78 -33.34 -4.42
N GLN A 1437 11.98 -32.24 -3.71
CA GLN A 1437 13.17 -31.43 -3.93
C GLN A 1437 14.44 -32.26 -3.72
N PHE A 1438 14.45 -33.03 -2.64
CA PHE A 1438 15.64 -33.80 -2.31
C PHE A 1438 15.77 -35.13 -3.07
N THR A 1439 14.66 -35.69 -3.52
CA THR A 1439 14.70 -36.99 -4.16
C THR A 1439 14.57 -36.93 -5.68
N ASN A 1440 14.01 -35.84 -6.19
CA ASN A 1440 13.66 -35.72 -7.60
C ASN A 1440 12.50 -36.65 -7.93
N VAL A 1441 11.87 -37.17 -6.88
CA VAL A 1441 10.70 -38.01 -7.00
C VAL A 1441 9.70 -37.63 -5.93
N CYS A 1442 8.50 -37.25 -6.34
CA CYS A 1442 7.46 -36.95 -5.38
C CYS A 1442 6.78 -38.26 -4.99
N PRO A 1443 6.73 -38.60 -3.71
CA PRO A 1443 6.23 -39.86 -3.21
C PRO A 1443 4.75 -39.97 -3.50
N ASN A 1444 4.28 -41.19 -3.72
CA ASN A 1444 2.88 -41.40 -4.01
C ASN A 1444 2.02 -41.14 -2.79
N ARG A 1445 2.58 -41.44 -1.62
CA ARG A 1445 1.87 -41.18 -0.39
C ARG A 1445 2.82 -40.95 0.76
N ILE A 1446 2.39 -40.14 1.70
CA ILE A 1446 3.09 -39.93 2.96
C ILE A 1446 2.17 -40.14 4.12
N ILE A 1447 2.64 -40.88 5.12
CA ILE A 1447 1.82 -41.07 6.31
C ILE A 1447 2.45 -40.42 7.52
N LEU A 1448 1.70 -39.58 8.18
CA LEU A 1448 2.20 -38.89 9.36
C LEU A 1448 1.67 -39.51 10.64
N ILE A 1449 2.53 -40.19 11.37
CA ILE A 1449 2.13 -40.85 12.59
C ILE A 1449 2.54 -40.02 13.80
N PRO A 1450 1.59 -39.53 14.59
CA PRO A 1450 1.79 -38.59 15.67
C PRO A 1450 2.43 -39.25 16.88
N LYS A 1451 3.18 -38.46 17.65
CA LYS A 1451 3.65 -38.87 18.96
C LYS A 1451 2.59 -38.50 19.98
N LEU A 1452 1.86 -39.49 20.46
CA LEU A 1452 0.71 -39.20 21.31
C LEU A 1452 1.11 -38.59 22.64
N ASN A 1453 2.33 -38.87 23.10
CA ASN A 1453 2.77 -38.33 24.37
C ASN A 1453 3.05 -36.85 24.29
N GLU A 1454 3.04 -36.32 23.09
CA GLU A 1454 3.27 -34.92 22.85
C GLU A 1454 1.98 -34.16 22.72
N ILE A 1455 0.86 -34.88 22.71
CA ILE A 1455 -0.44 -34.25 22.48
C ILE A 1455 -1.27 -34.27 23.74
N HIS A 1456 -1.79 -33.12 24.11
CA HIS A 1456 -2.52 -33.03 25.36
C HIS A 1456 -3.92 -32.48 25.19
N LEU A 1457 -4.76 -32.82 26.13
CA LEU A 1457 -6.11 -32.33 26.16
C LEU A 1457 -6.12 -30.82 26.31
N MET A 1458 -6.89 -30.15 25.47
CA MET A 1458 -7.02 -28.72 25.56
C MET A 1458 -8.47 -28.33 25.74
N LYS A 1459 -8.93 -28.32 26.97
CA LYS A 1459 -10.30 -27.99 27.28
C LYS A 1459 -10.30 -26.60 27.89
N PRO A 1460 -11.38 -25.85 27.75
CA PRO A 1460 -11.52 -24.52 28.28
C PRO A 1460 -11.43 -24.60 29.80
N PRO A 1461 -10.64 -23.72 30.42
CA PRO A 1461 -10.42 -23.63 31.84
C PRO A 1461 -11.57 -22.98 32.56
N ILE A 1462 -11.62 -23.17 33.86
CA ILE A 1462 -12.51 -22.39 34.69
C ILE A 1462 -11.70 -21.29 35.31
N PHE A 1463 -11.99 -20.05 34.94
CA PHE A 1463 -11.14 -18.96 35.38
C PHE A 1463 -11.47 -18.52 36.78
N THR A 1464 -11.10 -19.34 37.75
CA THR A 1464 -11.39 -18.96 39.12
C THR A 1464 -10.54 -17.78 39.52
N GLY A 1465 -11.06 -17.00 40.45
CA GLY A 1465 -10.40 -15.79 40.91
C GLY A 1465 -11.12 -14.57 40.35
N ASP A 1466 -10.93 -13.42 41.00
CA ASP A 1466 -11.60 -12.20 40.60
C ASP A 1466 -10.69 -11.25 39.83
N VAL A 1467 -11.28 -10.24 39.22
CA VAL A 1467 -10.54 -9.20 38.52
C VAL A 1467 -10.43 -7.97 39.41
N ASP A 1468 -9.26 -7.33 39.41
CA ASP A 1468 -9.13 -6.16 40.25
C ASP A 1468 -9.79 -4.97 39.59
N ILE A 1469 -11.06 -4.78 39.93
CA ILE A 1469 -11.90 -3.76 39.32
C ILE A 1469 -11.35 -2.38 39.60
N HIS A 1470 -10.82 -2.19 40.80
CA HIS A 1470 -10.23 -0.90 41.12
C HIS A 1470 -9.14 -0.57 40.14
N LYS A 1471 -8.22 -1.51 39.93
CA LYS A 1471 -7.13 -1.27 39.03
C LYS A 1471 -7.63 -1.12 37.59
N LEU A 1472 -8.69 -1.85 37.26
CA LEU A 1472 -9.29 -1.74 35.95
C LEU A 1472 -9.78 -0.33 35.72
N LYS A 1473 -10.49 0.21 36.70
CA LYS A 1473 -10.99 1.57 36.62
C LYS A 1473 -9.83 2.54 36.47
N GLN A 1474 -8.75 2.29 37.21
CA GLN A 1474 -7.59 3.17 37.18
C GLN A 1474 -6.95 3.20 35.80
N VAL A 1475 -6.90 2.07 35.11
CA VAL A 1475 -6.31 2.03 33.79
C VAL A 1475 -7.15 2.82 32.82
N ILE A 1476 -8.46 2.62 32.89
CA ILE A 1476 -9.37 3.30 32.00
C ILE A 1476 -9.31 4.80 32.22
N GLN A 1477 -9.28 5.21 33.48
CA GLN A 1477 -9.22 6.62 33.80
C GLN A 1477 -7.91 7.26 33.38
N LYS A 1478 -6.79 6.63 33.72
CA LYS A 1478 -5.50 7.23 33.44
C LYS A 1478 -5.27 7.44 31.96
N GLN A 1479 -5.78 6.53 31.15
CA GLN A 1479 -5.59 6.60 29.71
C GLN A 1479 -6.86 7.00 28.98
N HIS A 1480 -7.76 7.68 29.69
CA HIS A 1480 -9.07 8.05 29.15
C HIS A 1480 -9.00 8.72 27.78
N MET A 1481 -7.91 9.42 27.50
CA MET A 1481 -7.79 10.18 26.26
C MET A 1481 -7.64 9.26 25.05
N PHE A 1482 -7.42 7.97 25.29
CA PHE A 1482 -7.31 7.00 24.23
C PHE A 1482 -8.57 6.14 24.09
N LEU A 1483 -9.62 6.51 24.80
CA LEU A 1483 -10.86 5.77 24.66
C LEU A 1483 -11.51 6.12 23.34
N PRO A 1484 -12.28 5.19 22.76
CA PRO A 1484 -13.05 5.34 21.55
C PRO A 1484 -14.28 6.16 21.83
N ASP A 1485 -15.03 6.49 20.78
CA ASP A 1485 -16.30 7.19 21.00
C ASP A 1485 -17.20 6.32 21.84
N LYS A 1486 -17.87 6.93 22.80
CA LYS A 1486 -18.82 6.22 23.62
C LYS A 1486 -20.16 6.18 22.92
N ILE A 1487 -20.99 5.23 23.30
CA ILE A 1487 -22.31 5.16 22.71
C ILE A 1487 -23.30 5.98 23.52
N SER A 1488 -23.66 7.13 22.97
CA SER A 1488 -24.55 8.04 23.63
C SER A 1488 -25.96 7.49 23.59
N LEU A 1489 -26.84 8.03 24.42
CA LEU A 1489 -28.22 7.55 24.44
C LEU A 1489 -28.89 7.76 23.10
N THR A 1490 -28.52 8.83 22.42
CA THR A 1490 -29.10 9.13 21.13
C THR A 1490 -28.57 8.16 20.07
N GLN A 1491 -27.42 7.56 20.32
CA GLN A 1491 -26.88 6.59 19.40
C GLN A 1491 -27.44 5.23 19.73
N TYR A 1492 -27.56 4.94 21.02
CA TYR A 1492 -28.02 3.65 21.47
C TYR A 1492 -29.44 3.38 21.03
N VAL A 1493 -30.32 4.35 21.20
CA VAL A 1493 -31.72 4.12 20.86
C VAL A 1493 -31.90 3.80 19.39
N GLU A 1494 -31.07 4.40 18.54
CA GLU A 1494 -31.18 4.21 17.11
C GLU A 1494 -30.86 2.80 16.68
N LEU A 1495 -30.15 2.07 17.53
CA LEU A 1495 -29.71 0.73 17.21
C LEU A 1495 -30.88 -0.20 17.02
N PHE A 1496 -31.95 0.02 17.77
CA PHE A 1496 -33.04 -0.92 17.74
C PHE A 1496 -34.31 -0.37 17.09
N LEU A 1497 -34.15 0.57 16.17
CA LEU A 1497 -35.28 1.12 15.46
C LEU A 1497 -35.42 0.45 14.09
N ASN B 128 -64.57 11.95 -25.10
CA ASN B 128 -63.70 13.03 -24.64
C ASN B 128 -62.24 12.70 -24.88
N ASP B 129 -61.69 13.21 -25.98
CA ASP B 129 -60.30 12.99 -26.30
C ASP B 129 -59.45 14.23 -26.00
N ASN B 130 -60.02 15.15 -25.23
CA ASN B 130 -59.29 16.37 -24.91
C ASN B 130 -58.18 16.07 -23.93
N ILE B 131 -58.42 15.11 -23.04
CA ILE B 131 -57.41 14.72 -22.08
C ILE B 131 -56.25 14.06 -22.80
N THR B 132 -56.57 13.20 -23.75
CA THR B 132 -55.54 12.54 -24.52
C THR B 132 -54.71 13.58 -25.27
N ALA B 133 -55.39 14.55 -25.87
CA ALA B 133 -54.68 15.59 -26.60
C ALA B 133 -53.78 16.39 -25.67
N ARG B 134 -54.25 16.67 -24.47
CA ARG B 134 -53.43 17.41 -23.53
C ARG B 134 -52.21 16.58 -23.15
N LEU B 135 -52.40 15.27 -22.92
CA LEU B 135 -51.30 14.39 -22.56
C LEU B 135 -50.27 14.32 -23.66
N ASP B 136 -50.71 14.41 -24.92
CA ASP B 136 -49.77 14.41 -26.03
C ASP B 136 -48.90 15.65 -25.99
N ARG B 137 -49.48 16.78 -25.61
CA ARG B 137 -48.73 18.02 -25.49
C ARG B 137 -47.72 17.93 -24.37
N ILE B 138 -48.11 17.24 -23.29
CA ILE B 138 -47.23 17.05 -22.16
C ILE B 138 -46.03 16.21 -22.59
N ASP B 139 -46.31 15.17 -23.35
CA ASP B 139 -45.26 14.29 -23.83
C ASP B 139 -44.28 15.04 -24.72
N GLU B 140 -44.80 15.91 -25.59
CA GLU B 140 -43.94 16.68 -26.48
C GLU B 140 -43.01 17.60 -25.70
N LYS B 141 -43.53 18.23 -24.65
CA LYS B 141 -42.68 19.11 -23.85
C LYS B 141 -41.61 18.31 -23.11
N LEU B 142 -41.99 17.15 -22.60
CA LEU B 142 -41.03 16.32 -21.91
C LEU B 142 -39.97 15.83 -22.88
N SER B 143 -40.40 15.52 -24.10
CA SER B 143 -39.48 15.08 -25.12
C SER B 143 -38.46 16.17 -25.43
N GLU B 144 -38.93 17.40 -25.55
CA GLU B 144 -38.05 18.52 -25.84
C GLU B 144 -37.08 18.77 -24.68
N ILE B 145 -37.59 18.66 -23.45
CA ILE B 145 -36.73 18.86 -22.29
C ILE B 145 -35.65 17.78 -22.24
N LEU B 146 -36.05 16.53 -22.43
CA LEU B 146 -35.09 15.45 -22.46
C LEU B 146 -34.17 15.58 -23.66
N GLY B 147 -34.71 16.07 -24.77
CA GLY B 147 -33.91 16.28 -25.96
C GLY B 147 -32.73 17.16 -25.63
N MET B 148 -32.98 18.29 -24.98
CA MET B 148 -31.90 19.17 -24.59
C MET B 148 -30.96 18.50 -23.61
N LEU B 149 -31.50 17.83 -22.60
CA LEU B 149 -30.66 17.25 -21.56
C LEU B 149 -29.73 16.17 -22.10
N HIS B 150 -30.22 15.35 -23.02
CA HIS B 150 -29.41 14.28 -23.59
C HIS B 150 -28.49 14.78 -24.69
N THR B 151 -28.56 16.07 -24.98
CA THR B 151 -27.70 16.70 -25.95
C THR B 151 -26.97 17.83 -25.26
N LEU B 152 -26.95 17.78 -23.94
CA LEU B 152 -26.32 18.81 -23.14
C LEU B 152 -24.92 18.37 -22.76
N VAL B 153 -23.98 19.29 -22.85
CA VAL B 153 -22.59 19.02 -22.51
C VAL B 153 -22.09 19.90 -21.39
N VAL B 154 -21.48 19.26 -20.41
CA VAL B 154 -20.93 19.96 -19.27
C VAL B 154 -19.44 20.12 -19.43
N ALA B 155 -18.98 21.36 -19.43
CA ALA B 155 -17.55 21.62 -19.47
C ALA B 155 -17.08 21.62 -18.04
N SER B 156 -15.92 21.04 -17.78
CA SER B 156 -15.43 21.01 -16.43
C SER B 156 -15.01 22.39 -15.98
N ALA B 157 -14.99 22.60 -14.67
CA ALA B 157 -14.46 23.84 -14.14
C ALA B 157 -12.99 23.86 -14.49
N GLY B 158 -12.42 25.04 -14.65
CA GLY B 158 -11.03 25.08 -15.04
C GLY B 158 -10.47 26.47 -15.04
N PRO B 159 -9.17 26.59 -15.32
CA PRO B 159 -8.41 27.79 -15.33
C PRO B 159 -8.87 28.73 -16.42
N THR B 160 -8.84 30.02 -16.11
CA THR B 160 -9.21 31.05 -17.05
C THR B 160 -8.06 31.29 -18.03
N SER B 161 -8.34 31.97 -19.13
CA SER B 161 -7.27 32.35 -20.04
C SER B 161 -6.33 33.29 -19.30
N ALA B 162 -5.04 33.20 -19.57
CA ALA B 162 -4.07 33.99 -18.84
C ALA B 162 -4.22 33.69 -17.36
N ARG B 163 -4.46 32.41 -17.08
CA ARG B 163 -4.74 31.86 -15.77
C ARG B 163 -4.56 32.84 -14.62
N ASP B 164 -5.67 33.45 -14.21
CA ASP B 164 -5.70 34.34 -13.06
C ASP B 164 -6.83 33.97 -12.14
N GLY B 165 -7.41 32.80 -12.38
CA GLY B 165 -8.56 32.34 -11.63
C GLY B 165 -9.17 31.10 -12.25
N ILE B 166 -10.31 30.69 -11.71
CA ILE B 166 -11.02 29.52 -12.19
C ILE B 166 -12.42 29.89 -12.64
N ARG B 167 -12.78 29.47 -13.85
CA ARG B 167 -14.12 29.69 -14.36
C ARG B 167 -15.00 28.54 -13.91
N ASP B 168 -16.30 28.75 -13.88
CA ASP B 168 -17.19 27.69 -13.45
C ASP B 168 -17.29 26.60 -14.51
N ALA B 169 -18.00 25.54 -14.19
CA ALA B 169 -18.21 24.44 -15.11
C ALA B 169 -19.34 24.78 -16.05
N MET B 170 -19.06 25.65 -17.01
CA MET B 170 -20.14 26.13 -17.87
C MET B 170 -20.84 24.99 -18.55
N ILE B 171 -22.15 25.10 -18.65
CA ILE B 171 -22.98 24.08 -19.27
C ILE B 171 -23.69 24.66 -20.46
N GLY B 172 -23.67 23.94 -21.57
CA GLY B 172 -24.35 24.38 -22.76
C GLY B 172 -24.72 23.19 -23.63
N LEU B 173 -25.28 23.46 -24.78
CA LEU B 173 -25.69 22.37 -25.65
C LEU B 173 -24.50 21.80 -26.38
N ARG B 174 -24.63 20.56 -26.82
CA ARG B 174 -23.57 19.86 -27.51
C ARG B 174 -22.90 20.72 -28.56
N GLU B 175 -23.68 21.32 -29.44
CA GLU B 175 -23.12 22.12 -30.51
C GLU B 175 -22.40 23.36 -30.00
N GLU B 176 -22.92 23.96 -28.93
CA GLU B 176 -22.33 25.16 -28.37
C GLU B 176 -20.95 24.86 -27.79
N MET B 177 -20.84 23.73 -27.09
CA MET B 177 -19.56 23.35 -26.53
C MET B 177 -18.57 22.96 -27.63
N ILE B 178 -19.07 22.31 -28.68
CA ILE B 178 -18.20 21.93 -29.77
C ILE B 178 -17.61 23.15 -30.45
N GLU B 179 -18.42 24.17 -30.67
CA GLU B 179 -17.91 25.39 -31.28
C GLU B 179 -16.87 26.07 -30.40
N LYS B 180 -17.10 26.07 -29.10
CA LYS B 180 -16.11 26.65 -28.19
C LYS B 180 -14.79 25.88 -28.25
N ILE B 181 -14.89 24.58 -28.45
CA ILE B 181 -13.68 23.77 -28.60
C ILE B 181 -13.02 24.10 -29.94
N ARG B 182 -13.81 24.12 -31.00
CA ARG B 182 -13.31 24.33 -32.36
C ARG B 182 -12.58 25.65 -32.52
N THR B 183 -13.10 26.69 -31.88
CA THR B 183 -12.54 28.03 -32.00
C THR B 183 -11.56 28.33 -30.89
N GLU B 184 -11.23 27.31 -30.10
CA GLU B 184 -10.30 27.43 -28.99
C GLU B 184 -10.73 28.48 -27.97
N ALA B 185 -12.02 28.54 -27.67
CA ALA B 185 -12.51 29.44 -26.64
C ALA B 185 -12.18 28.86 -25.28
N LEU B 186 -12.17 27.54 -25.20
CA LEU B 186 -11.84 26.83 -23.97
C LEU B 186 -10.50 26.12 -24.10
N MET B 187 -9.76 26.03 -23.01
CA MET B 187 -8.44 25.41 -23.06
C MET B 187 -8.49 23.90 -22.85
N THR B 188 -8.24 23.17 -23.92
CA THR B 188 -8.22 21.71 -23.93
C THR B 188 -7.02 21.29 -24.78
N ASN B 189 -6.55 20.06 -24.61
CA ASN B 189 -5.38 19.64 -25.38
C ASN B 189 -5.79 18.97 -26.68
N ASP B 190 -6.57 17.91 -26.56
CA ASP B 190 -6.97 17.15 -27.73
C ASP B 190 -8.22 17.76 -28.37
N ARG B 191 -8.04 18.92 -28.97
CA ARG B 191 -9.13 19.70 -29.52
C ARG B 191 -9.98 18.89 -30.50
N LEU B 192 -9.31 18.17 -31.40
CA LEU B 192 -10.00 17.44 -32.45
C LEU B 192 -10.77 16.25 -31.89
N GLU B 193 -10.21 15.62 -30.87
CA GLU B 193 -10.83 14.42 -30.32
C GLU B 193 -12.02 14.79 -29.47
N ALA B 194 -11.91 15.91 -28.75
CA ALA B 194 -13.01 16.36 -27.90
C ALA B 194 -14.23 16.63 -28.76
N MET B 195 -13.99 17.22 -29.93
CA MET B 195 -15.10 17.49 -30.83
C MET B 195 -15.70 16.21 -31.39
N ALA B 196 -14.84 15.31 -31.86
CA ALA B 196 -15.33 14.05 -32.43
C ALA B 196 -16.06 13.25 -31.37
N ARG B 197 -15.58 13.30 -30.15
CA ARG B 197 -16.20 12.55 -29.07
C ARG B 197 -17.58 13.08 -28.75
N LEU B 198 -17.70 14.40 -28.66
CA LEU B 198 -18.99 14.99 -28.34
C LEU B 198 -19.99 14.79 -29.48
N ARG B 199 -19.48 14.65 -30.70
CA ARG B 199 -20.34 14.36 -31.86
C ARG B 199 -20.67 12.88 -31.96
N ASN B 200 -20.12 12.08 -31.05
CA ASN B 200 -20.27 10.62 -31.06
C ASN B 200 -19.78 10.02 -32.36
N GLU B 201 -18.67 10.54 -32.87
CA GLU B 201 -18.06 10.06 -34.10
C GLU B 201 -16.76 9.31 -33.80
N GLU B 202 -16.39 8.40 -34.69
CA GLU B 202 -15.14 7.67 -34.53
C GLU B 202 -13.99 8.41 -35.19
N SER B 203 -13.00 8.80 -34.38
CA SER B 203 -11.84 9.52 -34.88
C SER B 203 -10.83 8.56 -35.47
N GLU B 204 -9.90 9.09 -36.25
CA GLU B 204 -8.86 8.25 -36.84
C GLU B 204 -7.99 7.62 -35.77
N LYS B 205 -7.72 8.38 -34.71
CA LYS B 205 -6.86 7.88 -33.65
C LYS B 205 -7.52 6.71 -32.93
N MET B 206 -8.80 6.86 -32.61
CA MET B 206 -9.50 5.79 -31.91
C MET B 206 -9.56 4.54 -32.78
N ALA B 207 -9.79 4.72 -34.07
CA ALA B 207 -9.87 3.61 -35.00
C ALA B 207 -8.56 2.84 -35.04
N LYS B 208 -7.44 3.56 -34.95
CA LYS B 208 -6.13 2.93 -34.95
C LYS B 208 -5.82 2.26 -33.63
N ASP B 209 -6.13 2.94 -32.53
CA ASP B 209 -5.84 2.40 -31.20
C ASP B 209 -6.60 1.10 -30.95
N THR B 210 -7.78 1.00 -31.53
CA THR B 210 -8.63 -0.17 -31.35
C THR B 210 -8.76 -0.98 -32.64
N SER B 211 -7.78 -0.86 -33.53
CA SER B 211 -7.83 -1.57 -34.80
C SER B 211 -7.71 -3.07 -34.61
N ASP B 212 -8.12 -3.82 -35.63
CA ASP B 212 -8.02 -5.28 -35.60
C ASP B 212 -6.56 -5.71 -35.55
N GLU B 213 -5.73 -4.95 -36.25
CA GLU B 213 -4.30 -5.23 -36.29
C GLU B 213 -3.50 -3.97 -36.03
N VAL B 214 -2.54 -4.07 -35.12
CA VAL B 214 -1.69 -2.95 -34.78
C VAL B 214 -0.50 -2.87 -35.71
N SER B 215 -0.32 -1.70 -36.31
CA SER B 215 0.80 -1.48 -37.22
C SER B 215 2.03 -1.09 -36.44
N LEU B 216 3.19 -1.19 -37.08
CA LEU B 216 4.43 -0.78 -36.43
C LEU B 216 4.89 0.59 -36.91
N ASN B 217 5.39 1.39 -35.99
CA ASN B 217 6.00 2.65 -36.36
C ASN B 217 7.27 2.33 -37.13
N PRO B 218 7.70 3.18 -38.06
CA PRO B 218 8.89 3.01 -38.88
C PRO B 218 10.09 2.57 -38.05
N THR B 219 10.24 3.14 -36.87
CA THR B 219 11.33 2.75 -35.99
C THR B 219 11.13 1.31 -35.53
N SER B 220 9.88 0.95 -35.28
CA SER B 220 9.55 -0.38 -34.80
C SER B 220 9.68 -1.38 -35.92
N GLU B 221 9.44 -0.96 -37.15
CA GLU B 221 9.60 -1.85 -38.27
C GLU B 221 11.06 -2.24 -38.37
N LYS B 222 11.93 -1.25 -38.24
CA LYS B 222 13.36 -1.50 -38.30
C LYS B 222 13.80 -2.39 -37.15
N LEU B 223 13.28 -2.11 -35.97
CA LEU B 223 13.65 -2.91 -34.82
C LEU B 223 13.19 -4.35 -35.00
N ASN B 224 11.97 -4.52 -35.47
CA ASN B 224 11.45 -5.86 -35.69
C ASN B 224 12.30 -6.59 -36.71
N ASN B 225 12.77 -5.85 -37.72
CA ASN B 225 13.60 -6.45 -38.75
C ASN B 225 14.94 -6.88 -38.19
N LEU B 226 15.43 -6.16 -37.18
CA LEU B 226 16.67 -6.54 -36.53
C LEU B 226 16.45 -7.72 -35.60
N LEU B 227 15.32 -7.71 -34.92
CA LEU B 227 14.97 -8.75 -33.97
C LEU B 227 14.68 -10.08 -34.67
N GLU B 228 14.11 -10.00 -35.85
CA GLU B 228 13.80 -11.20 -36.62
C GLU B 228 14.96 -11.60 -37.52
N GLY B 229 15.57 -12.73 -37.20
CA GLY B 229 16.75 -13.18 -37.92
C GLY B 229 17.97 -12.98 -37.05
N ASN B 230 18.30 -13.99 -36.24
CA ASN B 230 19.44 -13.86 -35.35
C ASN B 230 20.72 -14.24 -36.09
N ASP B 231 21.06 -13.42 -37.07
CA ASP B 231 22.18 -13.66 -37.96
C ASP B 231 23.35 -12.72 -37.66
N SER B 232 23.32 -12.09 -36.48
CA SER B 232 24.34 -11.14 -36.08
C SER B 232 24.51 -10.03 -37.11
N ASP B 233 23.39 -9.49 -37.57
CA ASP B 233 23.40 -8.42 -38.56
C ASP B 233 23.57 -7.06 -37.90
N ASN B 234 23.58 -7.05 -36.57
CA ASN B 234 23.70 -5.81 -35.82
C ASN B 234 25.04 -5.13 -36.08
N ASP B 235 26.10 -5.93 -36.19
CA ASP B 235 27.43 -5.41 -36.47
C ASP B 235 27.79 -4.21 -35.58
N LEU B 236 27.58 -4.36 -34.27
CA LEU B 236 27.85 -3.26 -33.35
C LEU B 236 29.14 -3.47 -32.58
N SER B 237 29.96 -2.43 -32.51
CA SER B 237 31.20 -2.49 -31.75
C SER B 237 31.10 -1.67 -30.47
N LEU B 238 31.09 -2.35 -29.33
CA LEU B 238 30.97 -1.68 -28.04
C LEU B 238 32.31 -1.13 -27.61
N GLU B 239 33.37 -1.76 -28.10
CA GLU B 239 34.73 -1.38 -27.75
C GLU B 239 35.10 -0.02 -28.31
N ASP B 240 34.34 0.44 -29.29
CA ASP B 240 34.57 1.72 -29.93
C ASP B 240 33.70 2.83 -29.34
N PHE B 241 33.00 2.53 -28.25
CA PHE B 241 32.16 3.51 -27.58
C PHE B 241 32.98 4.45 -26.72
N ASN C 130 -56.50 4.06 -20.08
CA ASN C 130 -55.15 4.25 -20.60
C ASN C 130 -54.52 5.50 -20.04
N ILE C 131 -55.30 6.25 -19.28
CA ILE C 131 -54.81 7.50 -18.70
C ILE C 131 -53.68 7.23 -17.73
N THR C 132 -53.83 6.21 -16.90
CA THR C 132 -52.78 5.91 -15.94
C THR C 132 -51.52 5.45 -16.65
N ALA C 133 -51.70 4.72 -17.76
CA ALA C 133 -50.55 4.26 -18.53
C ALA C 133 -49.80 5.44 -19.11
N ARG C 134 -50.53 6.43 -19.60
CA ARG C 134 -49.90 7.62 -20.15
C ARG C 134 -49.19 8.38 -19.04
N LEU C 135 -49.84 8.46 -17.89
CA LEU C 135 -49.23 9.16 -16.77
C LEU C 135 -47.97 8.47 -16.31
N ASP C 136 -47.92 7.14 -16.39
CA ASP C 136 -46.73 6.42 -15.99
C ASP C 136 -45.56 6.72 -16.92
N ARG C 137 -45.81 6.85 -18.21
CA ARG C 137 -44.73 7.20 -19.13
C ARG C 137 -44.26 8.61 -18.84
N ILE C 138 -45.21 9.48 -18.54
CA ILE C 138 -44.91 10.85 -18.16
C ILE C 138 -44.08 10.88 -16.90
N ASP C 139 -44.48 10.08 -15.93
CA ASP C 139 -43.79 10.01 -14.65
C ASP C 139 -42.37 9.51 -14.83
N GLU C 140 -42.18 8.51 -15.69
CA GLU C 140 -40.85 7.99 -15.95
C GLU C 140 -39.96 9.04 -16.61
N LYS C 141 -40.51 9.79 -17.54
CA LYS C 141 -39.74 10.84 -18.18
C LYS C 141 -39.37 11.90 -17.17
N LEU C 142 -40.29 12.23 -16.29
CA LEU C 142 -39.97 13.19 -15.24
C LEU C 142 -38.88 12.65 -14.33
N SER C 143 -38.92 11.35 -14.03
CA SER C 143 -37.89 10.73 -13.21
C SER C 143 -36.54 10.81 -13.91
N GLU C 144 -36.53 10.56 -15.20
CA GLU C 144 -35.31 10.65 -15.98
C GLU C 144 -34.80 12.09 -15.99
N ILE C 145 -35.71 13.04 -16.12
CA ILE C 145 -35.35 14.45 -16.08
C ILE C 145 -34.77 14.81 -14.73
N LEU C 146 -35.39 14.34 -13.67
CA LEU C 146 -34.90 14.61 -12.33
C LEU C 146 -33.50 14.05 -12.15
N GLY C 147 -33.27 12.86 -12.67
CA GLY C 147 -31.96 12.24 -12.61
C GLY C 147 -30.91 13.11 -13.26
N MET C 148 -31.20 13.53 -14.48
CA MET C 148 -30.27 14.35 -15.24
C MET C 148 -30.01 15.67 -14.52
N LEU C 149 -31.06 16.33 -14.07
CA LEU C 149 -30.90 17.61 -13.44
C LEU C 149 -30.20 17.53 -12.12
N HIS C 150 -30.48 16.48 -11.35
CA HIS C 150 -29.81 16.37 -10.06
C HIS C 150 -28.33 16.15 -10.26
N THR C 151 -27.97 15.30 -11.20
CA THR C 151 -26.56 15.08 -11.45
C THR C 151 -25.92 16.39 -11.86
N LEU C 152 -26.64 17.14 -12.69
CA LEU C 152 -26.17 18.44 -13.14
C LEU C 152 -25.93 19.37 -11.97
N VAL C 153 -26.85 19.39 -11.02
CA VAL C 153 -26.69 20.24 -9.85
C VAL C 153 -25.45 19.86 -9.08
N VAL C 154 -25.28 18.58 -8.86
CA VAL C 154 -24.13 18.12 -8.08
C VAL C 154 -22.83 18.46 -8.79
N ALA C 155 -22.78 18.21 -10.10
CA ALA C 155 -21.59 18.51 -10.88
C ALA C 155 -21.36 20.01 -10.97
N SER C 156 -22.44 20.78 -11.02
CA SER C 156 -22.35 22.22 -11.13
C SER C 156 -21.77 22.84 -9.88
N ALA C 157 -22.06 22.26 -8.73
CA ALA C 157 -21.59 22.83 -7.46
C ALA C 157 -20.13 22.45 -7.22
N GLY C 158 -19.27 22.96 -8.08
CA GLY C 158 -17.86 22.61 -8.08
C GLY C 158 -17.01 23.56 -7.23
N PRO C 159 -15.71 23.55 -7.46
CA PRO C 159 -14.67 24.25 -6.72
C PRO C 159 -14.99 25.71 -6.59
N THR C 160 -15.64 26.29 -7.57
CA THR C 160 -15.98 27.68 -7.53
C THR C 160 -17.18 27.95 -6.62
N SER C 161 -18.04 26.94 -6.47
CA SER C 161 -19.19 27.12 -5.59
C SER C 161 -18.68 27.10 -4.17
N ALA C 162 -17.62 26.33 -3.94
CA ALA C 162 -16.98 26.30 -2.65
C ALA C 162 -16.32 27.64 -2.39
N ARG C 163 -15.66 28.19 -3.40
CA ARG C 163 -14.96 29.45 -3.27
C ARG C 163 -15.86 30.58 -2.82
N ASP C 164 -17.06 30.64 -3.38
CA ASP C 164 -17.98 31.72 -3.05
C ASP C 164 -18.87 31.42 -1.87
N GLY C 165 -18.66 30.25 -1.26
CA GLY C 165 -19.42 29.85 -0.09
C GLY C 165 -20.86 29.50 -0.41
N ILE C 166 -21.13 28.95 -1.59
CA ILE C 166 -22.50 28.63 -1.94
C ILE C 166 -22.69 27.16 -2.26
N ARG C 167 -21.68 26.34 -2.01
CA ARG C 167 -21.80 24.93 -2.35
C ARG C 167 -22.89 24.27 -1.52
N ASP C 168 -23.00 24.68 -0.27
CA ASP C 168 -23.99 24.08 0.61
C ASP C 168 -25.38 24.46 0.14
N ALA C 169 -25.51 25.69 -0.33
CA ALA C 169 -26.79 26.14 -0.85
C ALA C 169 -27.21 25.30 -2.04
N MET C 170 -26.26 24.98 -2.90
CA MET C 170 -26.57 24.22 -4.10
C MET C 170 -26.87 22.76 -3.80
N ILE C 171 -26.11 22.17 -2.90
CA ILE C 171 -26.27 20.77 -2.58
C ILE C 171 -27.32 20.51 -1.52
N GLY C 172 -27.31 21.30 -0.46
CA GLY C 172 -28.24 21.15 0.65
C GLY C 172 -27.50 20.87 1.94
N LEU C 173 -28.16 21.16 3.06
CA LEU C 173 -27.53 20.93 4.35
C LEU C 173 -27.77 19.50 4.78
N ARG C 174 -26.79 18.93 5.44
CA ARG C 174 -26.88 17.56 5.91
C ARG C 174 -26.95 17.49 7.42
N GLU C 175 -27.17 16.29 7.93
CA GLU C 175 -27.39 16.08 9.35
C GLU C 175 -26.33 16.67 10.26
N GLU C 176 -25.05 16.46 9.97
CA GLU C 176 -24.06 16.93 10.92
C GLU C 176 -23.98 18.44 10.98
N MET C 177 -24.19 19.12 9.86
CA MET C 177 -24.20 20.58 9.88
C MET C 177 -25.38 21.06 10.69
N ILE C 178 -26.52 20.40 10.51
CA ILE C 178 -27.73 20.75 11.22
C ILE C 178 -27.58 20.46 12.70
N GLU C 179 -26.95 19.33 13.04
CA GLU C 179 -26.72 19.02 14.44
C GLU C 179 -25.89 20.12 15.08
N LYS C 180 -24.89 20.62 14.36
CA LYS C 180 -24.10 21.72 14.86
C LYS C 180 -24.99 22.94 15.10
N ILE C 181 -25.90 23.20 14.16
CA ILE C 181 -26.83 24.31 14.30
C ILE C 181 -27.74 24.11 15.51
N ARG C 182 -28.26 22.91 15.67
CA ARG C 182 -29.12 22.62 16.81
C ARG C 182 -28.34 22.79 18.09
N THR C 183 -27.09 22.34 18.07
CA THR C 183 -26.24 22.45 19.25
C THR C 183 -26.06 23.90 19.64
N GLU C 184 -25.76 24.75 18.66
CA GLU C 184 -25.62 26.17 18.93
C GLU C 184 -26.91 26.78 19.42
N ALA C 185 -28.01 26.43 18.76
CA ALA C 185 -29.33 26.98 19.09
C ALA C 185 -29.73 26.65 20.51
N LEU C 186 -29.35 25.48 20.97
CA LEU C 186 -29.73 25.04 22.31
C LEU C 186 -28.69 25.43 23.34
N MET C 187 -27.64 26.11 22.90
CA MET C 187 -26.55 26.56 23.76
C MET C 187 -25.99 27.89 23.28
N THR C 188 -26.85 28.91 23.22
CA THR C 188 -26.41 30.23 22.78
C THR C 188 -25.72 30.93 23.93
N ASN C 189 -26.13 30.56 25.15
CA ASN C 189 -25.52 31.03 26.37
C ASN C 189 -25.27 29.82 27.26
N ASP C 190 -26.04 29.68 28.33
CA ASP C 190 -26.04 28.46 29.13
C ASP C 190 -27.19 27.56 28.71
N ARG C 191 -27.96 28.04 27.73
CA ARG C 191 -29.12 27.35 27.20
C ARG C 191 -29.27 27.65 25.72
N ASN D 128 -60.16 8.68 -11.23
CA ASN D 128 -60.28 7.99 -9.96
C ASN D 128 -59.12 8.32 -9.02
N ASP D 129 -58.92 7.48 -8.01
CA ASP D 129 -57.89 7.71 -7.01
C ASP D 129 -56.49 7.37 -7.52
N ASN D 130 -56.41 6.43 -8.46
CA ASN D 130 -55.13 6.04 -9.01
C ASN D 130 -54.60 7.14 -9.92
N ILE D 131 -55.52 7.78 -10.64
CA ILE D 131 -55.16 8.88 -11.51
C ILE D 131 -54.77 10.08 -10.68
N THR D 132 -55.55 10.37 -9.64
CA THR D 132 -55.27 11.48 -8.77
C THR D 132 -53.90 11.31 -8.12
N ALA D 133 -53.63 10.12 -7.62
CA ALA D 133 -52.37 9.85 -6.95
C ALA D 133 -51.20 10.09 -7.89
N ARG D 134 -51.35 9.66 -9.15
CA ARG D 134 -50.28 9.86 -10.11
C ARG D 134 -50.10 11.34 -10.41
N LEU D 135 -51.20 12.06 -10.53
CA LEU D 135 -51.10 13.49 -10.79
C LEU D 135 -50.44 14.22 -9.62
N ASP D 136 -50.75 13.78 -8.40
CA ASP D 136 -50.15 14.40 -7.23
C ASP D 136 -48.64 14.19 -7.21
N ARG D 137 -48.22 12.98 -7.60
CA ARG D 137 -46.80 12.68 -7.65
C ARG D 137 -46.12 13.47 -8.76
N ILE D 138 -46.82 13.70 -9.85
CA ILE D 138 -46.25 14.51 -10.90
C ILE D 138 -46.02 15.93 -10.43
N ASP D 139 -46.99 16.49 -9.72
CA ASP D 139 -46.84 17.86 -9.25
C ASP D 139 -45.60 18.02 -8.36
N GLU D 140 -45.35 17.06 -7.46
CA GLU D 140 -44.17 17.21 -6.61
C GLU D 140 -42.88 17.00 -7.41
N LYS D 141 -42.91 16.18 -8.45
CA LYS D 141 -41.73 16.03 -9.29
C LYS D 141 -41.43 17.32 -10.02
N LEU D 142 -42.48 17.98 -10.51
CA LEU D 142 -42.32 19.23 -11.22
C LEU D 142 -41.76 20.29 -10.28
N SER D 143 -42.20 20.25 -9.03
CA SER D 143 -41.71 21.18 -8.03
C SER D 143 -40.21 20.98 -7.83
N GLU D 144 -39.79 19.72 -7.73
CA GLU D 144 -38.37 19.41 -7.57
C GLU D 144 -37.58 19.85 -8.79
N ILE D 145 -38.15 19.67 -9.97
CA ILE D 145 -37.47 20.07 -11.20
C ILE D 145 -37.25 21.57 -11.21
N LEU D 146 -38.28 22.32 -10.89
CA LEU D 146 -38.15 23.76 -10.84
C LEU D 146 -37.20 24.18 -9.75
N GLY D 147 -37.23 23.50 -8.62
CA GLY D 147 -36.33 23.82 -7.52
C GLY D 147 -34.88 23.71 -7.99
N MET D 148 -34.55 22.60 -8.63
CA MET D 148 -33.20 22.38 -9.14
C MET D 148 -32.85 23.39 -10.22
N LEU D 149 -33.79 23.70 -11.09
CA LEU D 149 -33.52 24.68 -12.13
C LEU D 149 -33.35 26.07 -11.55
N HIS D 150 -34.10 26.39 -10.51
CA HIS D 150 -33.91 27.68 -9.87
C HIS D 150 -32.51 27.73 -9.30
N THR D 151 -32.07 26.62 -8.70
CA THR D 151 -30.74 26.56 -8.14
C THR D 151 -29.70 26.75 -9.23
N LEU D 152 -29.87 26.05 -10.35
CA LEU D 152 -28.91 26.11 -11.45
C LEU D 152 -28.89 27.46 -12.14
N VAL D 153 -30.06 28.03 -12.38
CA VAL D 153 -30.15 29.31 -13.07
C VAL D 153 -29.61 30.41 -12.19
N VAL D 154 -29.93 30.35 -10.91
CA VAL D 154 -29.44 31.34 -9.97
C VAL D 154 -27.93 31.19 -9.79
N ALA D 155 -27.46 29.97 -9.61
CA ALA D 155 -26.03 29.72 -9.43
C ALA D 155 -25.23 30.05 -10.69
N SER D 156 -25.83 29.85 -11.86
CA SER D 156 -25.13 30.11 -13.11
C SER D 156 -24.82 31.59 -13.28
N ALA D 157 -25.52 32.42 -12.52
CA ALA D 157 -25.26 33.85 -12.51
C ALA D 157 -24.26 34.13 -11.41
N GLY D 158 -23.02 34.42 -11.77
CA GLY D 158 -21.99 34.59 -10.77
C GLY D 158 -21.23 35.92 -10.80
N PRO D 159 -21.93 37.05 -10.69
CA PRO D 159 -21.42 38.35 -10.33
C PRO D 159 -21.19 38.34 -8.82
N THR D 160 -20.45 39.31 -8.33
CA THR D 160 -20.21 39.38 -6.90
C THR D 160 -21.50 39.59 -6.13
N SER D 161 -22.42 40.38 -6.70
CA SER D 161 -23.65 40.70 -5.99
C SER D 161 -24.56 39.49 -5.82
N ALA D 162 -24.67 38.67 -6.85
CA ALA D 162 -25.53 37.49 -6.76
C ALA D 162 -24.96 36.48 -5.79
N ARG D 163 -23.65 36.29 -5.87
CA ARG D 163 -23.01 35.28 -5.04
C ARG D 163 -23.00 35.70 -3.58
N ASP D 164 -22.79 36.99 -3.32
CA ASP D 164 -22.83 37.47 -1.96
C ASP D 164 -24.26 37.37 -1.45
N GLY D 165 -25.22 37.62 -2.33
CA GLY D 165 -26.63 37.54 -1.97
C GLY D 165 -26.98 36.12 -1.52
N ILE D 166 -26.47 35.13 -2.23
CA ILE D 166 -26.74 33.74 -1.88
C ILE D 166 -26.09 33.40 -0.55
N ARG D 167 -24.83 33.78 -0.39
CA ARG D 167 -24.10 33.47 0.83
C ARG D 167 -24.75 34.14 2.03
N ASP D 168 -25.11 35.41 1.89
CA ASP D 168 -25.74 36.14 2.97
C ASP D 168 -27.09 35.54 3.31
N ALA D 169 -27.80 35.07 2.28
CA ALA D 169 -29.08 34.42 2.49
C ALA D 169 -28.91 33.16 3.32
N MET D 170 -27.81 32.45 3.06
CA MET D 170 -27.50 31.23 3.81
C MET D 170 -27.14 31.54 5.26
N ILE D 171 -26.53 32.70 5.49
CA ILE D 171 -26.25 33.11 6.86
C ILE D 171 -27.56 33.35 7.57
N GLY D 172 -28.45 34.06 6.89
CA GLY D 172 -29.78 34.32 7.43
C GLY D 172 -30.53 33.01 7.64
N LEU D 173 -30.35 32.06 6.72
CA LEU D 173 -30.99 30.76 6.82
C LEU D 173 -30.57 30.06 8.09
N ARG D 174 -29.28 30.06 8.37
CA ARG D 174 -28.76 29.47 9.58
C ARG D 174 -29.41 30.11 10.79
N GLU D 175 -29.46 31.44 10.79
CA GLU D 175 -30.04 32.18 11.91
C GLU D 175 -31.52 31.86 12.09
N GLU D 176 -32.24 31.73 10.97
CA GLU D 176 -33.65 31.38 11.04
C GLU D 176 -33.85 30.00 11.65
N MET D 177 -33.03 29.03 11.22
CA MET D 177 -33.15 27.69 11.78
C MET D 177 -32.86 27.74 13.26
N ILE D 178 -31.89 28.54 13.67
CA ILE D 178 -31.55 28.66 15.07
C ILE D 178 -32.72 29.21 15.88
N GLU D 179 -33.36 30.27 15.38
CA GLU D 179 -34.46 30.87 16.10
C GLU D 179 -35.66 29.93 16.20
N LYS D 180 -35.93 29.18 15.13
CA LYS D 180 -37.03 28.23 15.15
C LYS D 180 -36.76 27.12 16.16
N ILE D 181 -35.52 26.63 16.18
CA ILE D 181 -35.11 25.59 17.10
C ILE D 181 -35.19 26.08 18.54
N ARG D 182 -34.71 27.31 18.77
CA ARG D 182 -34.78 27.89 20.10
C ARG D 182 -36.23 28.00 20.55
N THR D 183 -37.10 28.41 19.63
CA THR D 183 -38.50 28.57 19.94
C THR D 183 -39.14 27.25 20.37
N GLU D 184 -38.88 26.19 19.61
CA GLU D 184 -39.44 24.89 19.93
C GLU D 184 -38.93 24.39 21.27
N ALA D 185 -37.68 24.72 21.57
CA ALA D 185 -37.04 24.31 22.81
C ALA D 185 -37.68 24.98 24.02
N LEU D 186 -38.48 26.02 23.80
CA LEU D 186 -39.10 26.76 24.88
C LEU D 186 -40.58 26.46 25.04
N MET D 187 -41.06 25.40 24.39
CA MET D 187 -42.47 25.03 24.53
C MET D 187 -42.82 24.70 25.97
N THR D 188 -41.87 24.13 26.70
CA THR D 188 -42.09 23.76 28.09
C THR D 188 -41.46 24.77 29.03
N ILE E 131 -61.24 17.56 -11.59
CA ILE E 131 -60.90 18.12 -12.89
C ILE E 131 -59.67 17.41 -13.47
N THR E 132 -59.91 16.45 -14.36
CA THR E 132 -58.81 15.73 -14.98
C THR E 132 -57.98 16.69 -15.82
N ALA E 133 -58.64 17.68 -16.39
CA ALA E 133 -57.99 18.68 -17.24
C ALA E 133 -57.06 19.57 -16.44
N ARG E 134 -56.99 19.37 -15.12
CA ARG E 134 -56.07 20.12 -14.28
C ARG E 134 -54.64 19.83 -14.68
N LEU E 135 -54.46 18.80 -15.50
CA LEU E 135 -53.14 18.39 -15.96
C LEU E 135 -52.57 19.50 -16.84
N ASP E 136 -53.41 20.46 -17.21
CA ASP E 136 -52.98 21.63 -17.96
C ASP E 136 -51.94 22.40 -17.14
N ARG E 137 -51.98 22.22 -15.82
CA ARG E 137 -51.03 22.82 -14.92
C ARG E 137 -49.64 22.24 -15.15
N ILE E 138 -49.60 20.97 -15.57
CA ILE E 138 -48.33 20.34 -15.87
C ILE E 138 -47.76 21.04 -17.09
N ASP E 139 -48.62 21.27 -18.07
CA ASP E 139 -48.19 21.96 -19.28
C ASP E 139 -47.61 23.32 -18.93
N GLU E 140 -48.29 24.03 -18.04
CA GLU E 140 -47.83 25.34 -17.59
C GLU E 140 -46.45 25.24 -16.95
N LYS E 141 -46.28 24.27 -16.07
CA LYS E 141 -45.00 24.11 -15.40
C LYS E 141 -43.92 23.66 -16.35
N LEU E 142 -44.25 22.76 -17.27
CA LEU E 142 -43.25 22.29 -18.22
C LEU E 142 -42.77 23.44 -19.09
N SER E 143 -43.66 24.37 -19.38
CA SER E 143 -43.26 25.55 -20.15
C SER E 143 -42.23 26.33 -19.36
N GLU E 144 -42.51 26.55 -18.07
CA GLU E 144 -41.56 27.24 -17.21
C GLU E 144 -40.26 26.47 -17.09
N ILE E 145 -40.37 25.14 -16.99
CA ILE E 145 -39.22 24.26 -16.88
C ILE E 145 -38.34 24.34 -18.11
N LEU E 146 -38.95 24.28 -19.28
CA LEU E 146 -38.20 24.38 -20.52
C LEU E 146 -37.60 25.78 -20.64
N GLY E 147 -38.35 26.78 -20.20
CA GLY E 147 -37.87 28.16 -20.22
C GLY E 147 -36.64 28.29 -19.33
N MET E 148 -36.71 27.71 -18.14
CA MET E 148 -35.59 27.73 -17.21
C MET E 148 -34.41 26.95 -17.75
N LEU E 149 -34.67 25.83 -18.40
CA LEU E 149 -33.59 25.05 -18.97
C LEU E 149 -32.90 25.84 -20.06
N HIS E 150 -33.70 26.52 -20.89
CA HIS E 150 -33.15 27.39 -21.91
C HIS E 150 -32.36 28.52 -21.27
N THR E 151 -32.95 29.13 -20.24
CA THR E 151 -32.33 30.23 -19.52
C THR E 151 -30.97 29.82 -18.99
N LEU E 152 -30.90 28.61 -18.48
CA LEU E 152 -29.65 28.09 -17.95
C LEU E 152 -28.60 27.91 -19.03
N VAL E 153 -28.94 27.23 -20.12
CA VAL E 153 -27.92 26.90 -21.11
C VAL E 153 -27.48 28.13 -21.89
N VAL E 154 -28.40 29.06 -22.14
CA VAL E 154 -28.06 30.26 -22.88
C VAL E 154 -27.18 31.17 -22.05
N ALA E 155 -27.05 30.87 -20.76
CA ALA E 155 -26.24 31.70 -19.88
C ALA E 155 -24.79 31.73 -20.36
N SER E 156 -24.32 30.63 -20.93
CA SER E 156 -22.94 30.53 -21.38
C SER E 156 -22.68 31.36 -22.62
N ALA E 157 -23.77 31.80 -23.26
CA ALA E 157 -23.67 32.60 -24.47
C ALA E 157 -23.60 34.09 -24.13
N GLY E 158 -23.70 34.40 -22.84
CA GLY E 158 -23.67 35.79 -22.41
C GLY E 158 -22.46 36.52 -22.96
N PRO E 159 -21.27 36.21 -22.46
CA PRO E 159 -20.03 36.93 -22.73
C PRO E 159 -19.76 36.99 -24.24
N THR E 160 -19.35 38.19 -24.68
CA THR E 160 -18.98 38.48 -26.08
C THR E 160 -20.17 38.47 -27.06
N SER E 161 -21.35 38.08 -26.59
CA SER E 161 -22.50 37.99 -27.49
C SER E 161 -23.77 38.60 -26.90
N ALA E 162 -24.24 38.03 -25.79
CA ALA E 162 -25.49 38.48 -25.19
C ALA E 162 -25.23 39.15 -23.85
N ARG E 163 -24.05 39.74 -23.71
CA ARG E 163 -23.67 40.45 -22.50
C ARG E 163 -23.38 41.93 -22.76
N ASP E 164 -24.37 42.78 -22.56
CA ASP E 164 -24.22 44.22 -22.74
C ASP E 164 -23.72 44.85 -21.44
N GLY E 165 -24.15 44.26 -20.34
CA GLY E 165 -23.74 44.64 -18.99
C GLY E 165 -23.35 43.36 -18.29
N ILE E 166 -23.19 43.39 -16.98
CA ILE E 166 -22.80 42.16 -16.32
C ILE E 166 -24.03 41.40 -15.86
N ARG E 167 -24.31 40.30 -16.56
CA ARG E 167 -25.49 39.47 -16.35
C ARG E 167 -26.77 40.17 -16.82
N ASP E 168 -27.41 39.60 -17.83
CA ASP E 168 -28.63 40.18 -18.36
C ASP E 168 -29.80 39.83 -17.45
N ALA E 169 -30.98 40.31 -17.80
CA ALA E 169 -32.15 40.06 -16.98
C ALA E 169 -32.53 38.59 -16.99
N MET E 170 -32.80 38.08 -15.79
CA MET E 170 -33.25 36.73 -15.56
C MET E 170 -34.13 36.75 -14.33
N ILE E 171 -34.82 35.66 -14.05
CA ILE E 171 -35.70 35.64 -12.89
C ILE E 171 -34.92 35.89 -11.62
N GLY E 172 -33.80 35.18 -11.45
CA GLY E 172 -32.88 35.46 -10.34
C GLY E 172 -33.50 35.22 -8.97
N LEU E 173 -34.45 34.29 -8.89
CA LEU E 173 -35.16 34.09 -7.63
C LEU E 173 -34.40 33.15 -6.71
N ARG E 174 -33.31 33.67 -6.15
CA ARG E 174 -32.52 32.86 -5.23
C ARG E 174 -33.35 32.54 -4.01
N GLU E 175 -34.35 33.37 -3.74
CA GLU E 175 -35.25 33.16 -2.63
C GLU E 175 -35.98 31.83 -2.73
N GLU E 176 -36.25 31.37 -3.95
CA GLU E 176 -36.92 30.09 -4.11
C GLU E 176 -35.95 28.98 -3.78
N MET E 177 -34.71 29.16 -4.22
CA MET E 177 -33.66 28.21 -3.87
C MET E 177 -33.52 28.14 -2.36
N ILE E 178 -33.51 29.30 -1.72
CA ILE E 178 -33.38 29.40 -0.27
C ILE E 178 -34.54 28.73 0.43
N GLU E 179 -35.76 28.93 -0.07
CA GLU E 179 -36.93 28.28 0.53
C GLU E 179 -36.86 26.76 0.41
N LYS E 180 -36.35 26.26 -0.71
CA LYS E 180 -36.20 24.83 -0.86
C LYS E 180 -35.16 24.31 0.13
N ILE E 181 -34.10 25.09 0.35
CA ILE E 181 -33.07 24.72 1.30
C ILE E 181 -33.64 24.71 2.70
N ARG E 182 -34.41 25.75 3.05
CA ARG E 182 -35.02 25.84 4.36
C ARG E 182 -35.96 24.67 4.60
N THR E 183 -36.75 24.33 3.59
CA THR E 183 -37.72 23.25 3.70
C THR E 183 -37.02 21.94 3.95
N GLU E 184 -35.99 21.67 3.15
CA GLU E 184 -35.24 20.43 3.27
C GLU E 184 -34.44 20.38 4.56
N ALA E 185 -33.80 21.49 4.90
CA ALA E 185 -32.97 21.52 6.09
C ALA E 185 -33.82 21.30 7.33
N LEU E 186 -35.01 21.89 7.35
CA LEU E 186 -35.89 21.71 8.48
C LEU E 186 -36.49 20.30 8.48
N MET E 187 -36.78 19.77 7.31
CA MET E 187 -37.26 18.40 7.23
C MET E 187 -36.24 17.46 7.88
N THR E 188 -34.98 17.70 7.57
CA THR E 188 -33.89 16.93 8.16
C THR E 188 -33.83 17.20 9.66
N ASN E 189 -33.98 18.47 10.05
CA ASN E 189 -33.96 18.85 11.45
C ASN E 189 -35.07 18.13 12.22
N ASP E 190 -36.22 17.93 11.58
CA ASP E 190 -37.34 17.24 12.21
C ASP E 190 -36.99 15.79 12.52
N ARG E 191 -36.23 15.15 11.63
CA ARG E 191 -35.82 13.78 11.85
C ARG E 191 -34.82 13.71 13.00
N LEU E 192 -33.94 14.68 13.07
CA LEU E 192 -32.94 14.70 14.14
C LEU E 192 -33.63 14.88 15.49
N GLU E 193 -34.64 15.75 15.52
CA GLU E 193 -35.39 15.99 16.75
C GLU E 193 -36.20 14.75 17.10
N ALA E 194 -36.74 14.08 16.08
CA ALA E 194 -37.53 12.88 16.29
C ALA E 194 -36.73 11.84 17.04
N MET E 195 -35.42 11.79 16.81
CA MET E 195 -34.57 10.84 17.52
C MET E 195 -34.21 11.37 18.90
N ALA E 196 -33.96 12.67 19.01
CA ALA E 196 -33.66 13.30 20.30
C ALA E 196 -34.83 13.13 21.24
N ARG E 197 -36.02 13.12 20.68
CA ARG E 197 -37.27 12.95 21.39
C ARG E 197 -37.35 11.62 22.14
N LEU E 198 -36.54 10.66 21.73
CA LEU E 198 -36.57 9.33 22.33
C LEU E 198 -35.64 9.24 23.53
N ARG E 199 -34.93 10.32 23.82
CA ARG E 199 -34.00 10.37 24.96
C ARG E 199 -34.66 10.96 26.19
#